data_7R8B
#
_entry.id   7R8B
#
_cell.length_a   1.00
_cell.length_b   1.00
_cell.length_c   1.00
_cell.angle_alpha   90.00
_cell.angle_beta   90.00
_cell.angle_gamma   90.00
#
_symmetry.space_group_name_H-M   'P 1'
#
loop_
_entity.id
_entity.type
_entity.pdbx_description
1 polymer 'ATP-binding cassette sub-family G member 5'
2 polymer 'ATP-binding cassette sub-family G member 8'
3 polymer '2C7 Fab heavy chain'
4 polymer '2C7 Fab light chain'
5 non-polymer CHOLESTEROL
#
loop_
_entity_poly.entity_id
_entity_poly.type
_entity_poly.pdbx_seq_one_letter_code
_entity_poly.pdbx_strand_id
1 'polypeptide(L)'
;MGDLSSLTPGGSMGLQVNRGSQSSLEGAPATAPEPHSLGILHASYSVSHRVRPWWDITSCRQQWTRQILKDVSLYVESGQ
IMCILGSSGSGKTTLLDAMSGRLGRAGTFLGEVYVNGRALRREQFQDCFSYVLQSDTLLSSLTVRETLHYTALLAIRRGN
PGSFQKKVEAVMAELSLSHVADRLIGNYSLGGISTGERRRVSIAAQLLQDPKVMLFDEPTTGLDCMTANQIVVLLVELAR
RNRIVVLTIHQPRSELFQLFDKIAILSFGELIFCGTPAEMLDFFNDCGYPCPEHSNPFDFYMDLTSVDTQSKEREIETSK
RVQMIESAYKKSAICHKTLKNIERMKHLKTLPMVPFKTKDSPGVFSKLGVLLRRVTRNLVRNKLAVITRLLQNLIMGLFL
LFFVLRVRSNVLKGAIQDRVGLLYQFVGATPYTGMLNAVNLFPVLRAVSDQESQDGLYQKWQMMLAYALHVLPFSVVATM
IFSSVCYWTLGLHPEVARFGYFSAALLAPHLIGEFLTLVLLGIVQNPNIVNSVVALLSIAGVLVGSGFLRNIQEMPIPFK
IISYFTFQKYCSEILVVNEFYGLNFTCGSSNVSVTTNPMCAFTQGIQFIEKTCPGATSRFTMNFLILYSFIPALVILGIV
VFKIRDHLISRGSHHHHHHGHHHHHH
;
A
2 'polypeptide(L)'
;MAGKAAEERGLPKGATPQDTSGLQDRLFSSESDNSLYFTYSGQPNTLEVRDLNYQVDLASQVPWFEQLAQFKMPWTSPSC
QNSCELGIQNLSFKVRSGQMLAIIGSSGCGRASLLDVITGRGHGGKIKSGQIWINGQPSSPQLVRKCVAHVRQHNQLLPN
LTVRETLAFIAQMRLPRTFSQAQRDKRVEDVIAELRLRQCADTRVGNMYVRGLSGGERRRVSIGVQLLWNPGILILDEPT
SGLDSFTAHNLVKTLSRLAKGNRLVLISLHQPRSDIFRLFDLVLLMTSGTPIYLGAAQHMVQYFTAIGYPCPRYSNPADF
YVDLTSIDRRSREQELATREKAQSLAALFLEKVRDLDDFLWKAETKDLDEDTCVESSVTPLDTNCLPSPTKMPGAVQQFT
TLIRRQISNDFRDLPTLLIHGAEACLMSMTIGFLYFGHGSIQLSFMDTAALLFMIGALIPFNVILDVISKCYSERAMLYY
ELEDGLYTTGPYFFAKILGELPEHCAYIIIYGMPTYWLANLRPGLQPFLLHFLLVWLVVFCCRIMALAAAALLPTFHMAS
FFSNALYNSFYLAGGFMINLSSLWTVPAWISKVSFLRWCFEGLMKIQFSRRTYKMPLGNLTIAVSGDKILSVMELDSYPL
YAIYLIVIGLSGGFMVLYYVSLRFIKQKPSQDWASNSLEVLFQGPNVDSKRRWKKNFIAVSAANRFKKISSSGAL
;
B
3 'polypeptide(L)'
;MGWSCIILFLVATATGVHSEVKLVESGGGLVQPGGSLRLSCATSGFTFSEFFMEWVRQPPGKRLEWVAVSRNEANDYTTD
YSASVKGRFIVSRDTSQNILYLQMNALRAEDTAIYYCARDAWMGFDYWGQGTTVTVSSASTKGPSVFPLAPSSKSTSGGT
AALGCLVKDYFPEPVTVSWNSGALTSGVHTFPAVLQSSGLYSLSSVVTVPSSSLGTQTYICNVNHKPSNTKVDKRVEPKS
CDKTH
;
C
4 'polypeptide(L)'
;MGWSCIILFLVATARTGVHSDIQMTQSPSSLSASLGERVSLTCRASQEISGYLSWLQQKPDGTIQRLIYAAFSLDSGVPK
RFSGSRSGSDYSLTISSLESEDLAHYYCLQYASYPCTFGGGTKLEIKRTVAAPSVFIFPPSDEQLKSGTASVVCLLNNFY
PREAKVQWKVDNALQSGNSQESVTEQDSKDSTYSLSSTLTLSKADYEKHKVYACEVTHQGLSSPVTKSFNRGEC
;
D
#
loop_
_chem_comp.id
_chem_comp.type
_chem_comp.name
_chem_comp.formula
CLR non-polymer CHOLESTEROL 'C27 H46 O'
#
# COMPACT_ATOMS: atom_id res chain seq x y z
N PRO A 35 -11.65 42.72 -20.91
CA PRO A 35 -10.97 41.48 -20.52
C PRO A 35 -11.38 40.99 -19.14
N HIS A 36 -11.52 39.67 -18.99
CA HIS A 36 -11.89 39.10 -17.70
C HIS A 36 -10.76 39.25 -16.69
N SER A 37 -11.13 39.19 -15.41
CA SER A 37 -10.17 39.35 -14.33
C SER A 37 -10.70 38.66 -13.09
N LEU A 38 -9.98 37.65 -12.62
CA LEU A 38 -10.34 36.93 -11.40
C LEU A 38 -9.41 37.34 -10.27
N GLY A 39 -10.00 37.59 -9.10
CA GLY A 39 -9.22 38.00 -7.95
C GLY A 39 -9.66 37.35 -6.65
N ILE A 40 -8.74 36.66 -5.98
CA ILE A 40 -9.02 36.02 -4.71
C ILE A 40 -8.39 36.86 -3.61
N LEU A 41 -9.22 37.42 -2.73
CA LEU A 41 -8.79 38.40 -1.74
C LEU A 41 -8.99 37.82 -0.34
N HIS A 42 -7.88 37.61 0.36
CA HIS A 42 -7.90 37.26 1.79
C HIS A 42 -8.66 35.97 2.06
N ALA A 43 -8.60 35.04 1.11
CA ALA A 43 -9.30 33.77 1.29
C ALA A 43 -8.64 32.94 2.40
N SER A 44 -9.46 32.26 3.18
CA SER A 44 -8.98 31.43 4.27
C SER A 44 -9.95 30.28 4.46
N TYR A 45 -9.41 29.09 4.73
CA TYR A 45 -10.20 27.89 4.95
C TYR A 45 -9.77 27.26 6.26
N SER A 46 -10.67 27.23 7.24
CA SER A 46 -10.35 26.68 8.55
C SER A 46 -10.40 25.15 8.53
N VAL A 47 -11.56 24.59 8.25
CA VAL A 47 -11.72 23.14 8.23
C VAL A 47 -12.92 22.75 7.37
N ARG A 66 -7.20 21.87 9.74
CA ARG A 66 -7.14 22.99 10.66
C ARG A 66 -6.36 24.16 10.04
N GLN A 67 -7.10 25.17 9.59
CA GLN A 67 -6.55 26.36 8.95
C GLN A 67 -5.67 25.98 7.76
N ILE A 68 -6.32 25.38 6.77
CA ILE A 68 -5.62 24.91 5.58
C ILE A 68 -5.23 26.07 4.66
N LEU A 69 -5.82 27.24 4.83
CA LEU A 69 -5.48 28.42 4.03
C LEU A 69 -5.34 29.62 4.95
N LYS A 70 -4.27 30.40 4.75
CA LYS A 70 -3.97 31.56 5.58
C LYS A 70 -3.76 32.77 4.68
N ASP A 71 -4.85 33.50 4.42
CA ASP A 71 -4.81 34.79 3.71
C ASP A 71 -4.17 34.62 2.32
N VAL A 72 -4.88 33.85 1.49
CA VAL A 72 -4.47 33.64 0.11
C VAL A 72 -5.10 34.72 -0.76
N SER A 73 -4.29 35.35 -1.62
CA SER A 73 -4.75 36.41 -2.49
C SER A 73 -4.02 36.31 -3.82
N LEU A 74 -4.76 36.06 -4.90
CA LEU A 74 -4.19 35.95 -6.24
C LEU A 74 -4.97 36.84 -7.19
N TYR A 75 -4.38 37.08 -8.36
CA TYR A 75 -5.03 37.91 -9.39
C TYR A 75 -4.60 37.40 -10.75
N VAL A 76 -5.55 36.90 -11.53
CA VAL A 76 -5.30 36.40 -12.87
C VAL A 76 -6.16 37.20 -13.85
N GLU A 77 -5.67 37.32 -15.07
CA GLU A 77 -6.37 38.01 -16.14
C GLU A 77 -6.71 37.03 -17.26
N SER A 78 -7.46 37.53 -18.25
CA SER A 78 -7.80 36.72 -19.41
C SER A 78 -6.63 36.66 -20.38
N GLY A 79 -6.31 35.44 -20.83
CA GLY A 79 -5.17 35.23 -21.69
C GLY A 79 -3.89 34.88 -20.98
N GLN A 80 -3.93 34.71 -19.66
CA GLN A 80 -2.75 34.37 -18.87
C GLN A 80 -2.99 33.04 -18.17
N ILE A 81 -1.90 32.28 -17.97
CA ILE A 81 -1.95 30.98 -17.31
C ILE A 81 -1.19 31.08 -16.00
N MET A 82 -1.79 30.57 -14.94
CA MET A 82 -1.21 30.60 -13.60
C MET A 82 -0.99 29.19 -13.10
N CYS A 83 0.24 28.89 -12.68
CA CYS A 83 0.59 27.61 -12.08
C CYS A 83 0.77 27.81 -10.58
N ILE A 84 0.44 26.77 -9.81
CA ILE A 84 0.52 26.80 -8.35
C ILE A 84 1.35 25.60 -7.92
N LEU A 85 2.38 25.85 -7.12
CA LEU A 85 3.27 24.81 -6.62
C LEU A 85 3.18 24.73 -5.10
N GLY A 86 3.62 23.59 -4.58
CA GLY A 86 3.58 23.36 -3.14
C GLY A 86 3.83 21.90 -2.84
N SER A 87 3.98 21.61 -1.55
CA SER A 87 4.24 20.26 -1.09
C SER A 87 2.92 19.48 -1.06
N SER A 88 2.97 18.28 -0.47
CA SER A 88 1.77 17.46 -0.37
C SER A 88 0.77 18.07 0.61
N GLY A 89 1.26 18.54 1.76
CA GLY A 89 0.40 19.17 2.75
C GLY A 89 0.32 20.67 2.58
N SER A 90 0.49 21.14 1.34
CA SER A 90 0.45 22.57 1.07
C SER A 90 -0.97 23.10 1.03
N GLY A 91 -1.92 22.28 0.57
CA GLY A 91 -3.30 22.71 0.48
C GLY A 91 -3.62 23.50 -0.77
N LYS A 92 -3.00 23.17 -1.89
CA LYS A 92 -3.32 23.82 -3.15
C LYS A 92 -4.57 23.22 -3.80
N THR A 93 -4.73 21.90 -3.72
CA THR A 93 -5.98 21.29 -4.17
C THR A 93 -7.15 21.75 -3.32
N THR A 94 -6.93 22.00 -2.04
CA THR A 94 -7.99 22.55 -1.19
C THR A 94 -8.36 23.96 -1.65
N LEU A 95 -7.38 24.77 -2.00
CA LEU A 95 -7.67 26.11 -2.51
C LEU A 95 -8.43 26.04 -3.83
N LEU A 96 -8.04 25.11 -4.71
CA LEU A 96 -8.75 24.95 -5.98
C LEU A 96 -10.19 24.52 -5.75
N ASP A 97 -10.42 23.59 -4.83
CA ASP A 97 -11.77 23.12 -4.55
C ASP A 97 -12.61 24.24 -3.92
N ALA A 98 -11.99 25.05 -3.06
CA ALA A 98 -12.72 26.17 -2.45
C ALA A 98 -13.07 27.22 -3.49
N MET A 99 -12.17 27.47 -4.44
CA MET A 99 -12.47 28.41 -5.51
C MET A 99 -13.52 27.85 -6.47
N SER A 100 -13.60 26.53 -6.60
CA SER A 100 -14.60 25.89 -7.44
C SER A 100 -15.92 25.67 -6.72
N GLY A 101 -15.97 25.91 -5.41
CA GLY A 101 -17.21 25.78 -4.67
C GLY A 101 -17.66 24.35 -4.42
N ARG A 102 -16.75 23.49 -3.97
CA ARG A 102 -17.08 22.10 -3.70
C ARG A 102 -16.98 21.71 -2.23
N LEU A 103 -15.99 22.23 -1.50
CA LEU A 103 -15.85 21.96 -0.07
C LEU A 103 -16.16 23.18 0.79
N GLY A 104 -16.68 24.25 0.20
CA GLY A 104 -17.04 25.43 0.97
C GLY A 104 -18.27 25.27 1.83
N ARG A 105 -18.93 24.12 1.76
CA ARG A 105 -20.11 23.84 2.58
C ARG A 105 -19.75 23.16 3.90
N ALA A 106 -18.67 22.37 3.91
CA ALA A 106 -18.28 21.68 5.13
C ALA A 106 -17.51 22.59 6.09
N GLY A 107 -16.70 23.49 5.55
CA GLY A 107 -15.93 24.39 6.38
C GLY A 107 -16.16 25.85 6.07
N THR A 108 -15.83 26.73 7.01
CA THR A 108 -16.01 28.16 6.81
C THR A 108 -14.92 28.69 5.88
N PHE A 109 -15.33 29.32 4.78
CA PHE A 109 -14.42 29.86 3.79
C PHE A 109 -14.53 31.39 3.82
N LEU A 110 -13.46 32.04 4.29
CA LEU A 110 -13.42 33.49 4.35
C LEU A 110 -12.86 34.04 3.04
N GLY A 111 -12.69 35.36 2.98
CA GLY A 111 -12.18 36.00 1.78
C GLY A 111 -13.21 36.10 0.67
N GLU A 112 -12.96 36.98 -0.29
CA GLU A 112 -13.87 37.18 -1.41
C GLU A 112 -13.23 36.69 -2.70
N VAL A 113 -14.09 36.37 -3.67
CA VAL A 113 -13.67 35.90 -4.98
C VAL A 113 -14.37 36.79 -6.02
N TYR A 114 -13.67 37.84 -6.44
CA TYR A 114 -14.22 38.76 -7.43
C TYR A 114 -13.98 38.22 -8.84
N VAL A 115 -15.01 38.31 -9.68
CA VAL A 115 -14.92 37.93 -11.07
C VAL A 115 -15.46 39.09 -11.90
N ASN A 116 -14.58 39.71 -12.69
CA ASN A 116 -14.92 40.88 -13.51
C ASN A 116 -15.54 42.01 -12.69
N GLY A 117 -15.09 42.18 -11.45
CA GLY A 117 -15.56 43.23 -10.58
C GLY A 117 -16.68 42.81 -9.64
N ARG A 118 -17.59 41.96 -10.11
CA ARG A 118 -18.74 41.55 -9.31
C ARG A 118 -18.31 40.44 -8.34
N ALA A 119 -18.52 40.69 -7.05
CA ALA A 119 -18.17 39.71 -6.02
C ALA A 119 -19.14 38.54 -6.07
N LEU A 120 -18.66 37.37 -6.47
CA LEU A 120 -19.50 36.19 -6.52
C LEU A 120 -19.69 35.61 -5.13
N ARG A 121 -20.89 35.14 -4.85
CA ARG A 121 -21.19 34.53 -3.56
C ARG A 121 -20.67 33.10 -3.51
N ARG A 122 -21.00 32.40 -2.42
CA ARG A 122 -20.58 31.02 -2.24
C ARG A 122 -21.44 30.03 -3.02
N GLU A 123 -22.37 30.51 -3.85
CA GLU A 123 -23.24 29.64 -4.63
C GLU A 123 -23.06 29.79 -6.14
N GLN A 124 -22.35 30.82 -6.59
CA GLN A 124 -22.13 31.06 -8.01
C GLN A 124 -20.78 30.56 -8.50
N PHE A 125 -20.07 29.78 -7.69
CA PHE A 125 -18.76 29.29 -8.08
C PHE A 125 -18.86 28.22 -9.18
N GLN A 126 -19.69 27.20 -8.94
CA GLN A 126 -19.82 26.12 -9.90
C GLN A 126 -20.48 26.54 -11.20
N ASP A 127 -21.12 27.71 -11.25
CA ASP A 127 -21.74 28.21 -12.46
C ASP A 127 -20.80 29.04 -13.31
N CYS A 128 -19.61 29.33 -12.82
CA CYS A 128 -18.61 30.11 -13.56
C CYS A 128 -17.24 29.45 -13.58
N PHE A 129 -16.92 28.63 -12.57
CA PHE A 129 -15.63 27.99 -12.47
C PHE A 129 -15.77 26.51 -12.85
N SER A 130 -14.97 26.07 -13.83
CA SER A 130 -14.89 24.66 -14.17
C SER A 130 -13.72 24.03 -13.46
N TYR A 131 -13.82 22.72 -13.21
CA TYR A 131 -12.80 21.98 -12.45
C TYR A 131 -12.54 20.66 -13.15
N VAL A 132 -11.30 20.47 -13.61
CA VAL A 132 -10.90 19.24 -14.27
C VAL A 132 -10.14 18.38 -13.26
N LEU A 133 -10.64 17.18 -13.00
CA LEU A 133 -10.04 16.29 -12.02
C LEU A 133 -8.85 15.55 -12.63
N GLN A 134 -8.24 14.67 -11.84
CA GLN A 134 -7.08 13.90 -12.28
C GLN A 134 -7.37 12.44 -12.54
N SER A 135 -8.43 11.88 -11.94
CA SER A 135 -8.72 10.46 -12.12
C SER A 135 -9.03 10.13 -13.58
N ASP A 136 -9.72 11.03 -14.27
CA ASP A 136 -10.09 10.85 -15.68
C ASP A 136 -10.89 9.56 -15.87
N THR A 137 -12.03 9.52 -15.20
CA THR A 137 -12.93 8.36 -15.22
C THR A 137 -13.84 8.47 -16.43
N LEU A 138 -13.58 7.65 -17.45
CA LEU A 138 -14.38 7.62 -18.66
C LEU A 138 -14.84 6.19 -18.93
N LEU A 139 -15.93 6.07 -19.69
CA LEU A 139 -16.46 4.76 -20.06
C LEU A 139 -15.63 4.17 -21.19
N SER A 140 -15.20 2.93 -21.02
CA SER A 140 -14.30 2.31 -21.99
C SER A 140 -15.00 1.97 -23.30
N SER A 141 -16.24 1.48 -23.23
CA SER A 141 -16.96 1.01 -24.42
C SER A 141 -17.77 2.12 -25.06
N LEU A 142 -17.14 3.26 -25.33
CA LEU A 142 -17.79 4.38 -25.99
C LEU A 142 -16.75 5.14 -26.81
N THR A 143 -17.21 5.79 -27.88
CA THR A 143 -16.31 6.62 -28.67
C THR A 143 -16.35 8.06 -28.16
N VAL A 144 -15.41 8.86 -28.67
CA VAL A 144 -15.32 10.25 -28.23
C VAL A 144 -16.53 11.05 -28.69
N ARG A 145 -16.99 10.79 -29.93
CA ARG A 145 -18.10 11.56 -30.48
C ARG A 145 -19.38 11.36 -29.67
N GLU A 146 -19.76 10.10 -29.43
CA GLU A 146 -20.98 9.84 -28.67
C GLU A 146 -20.86 10.26 -27.22
N THR A 147 -19.66 10.14 -26.62
CA THR A 147 -19.47 10.59 -25.25
C THR A 147 -19.66 12.10 -25.14
N LEU A 148 -19.04 12.86 -26.04
CA LEU A 148 -19.22 14.31 -26.01
C LEU A 148 -20.65 14.70 -26.37
N HIS A 149 -21.32 13.92 -27.22
CA HIS A 149 -22.72 14.20 -27.52
C HIS A 149 -23.59 14.00 -26.29
N TYR A 150 -23.36 12.91 -25.54
CA TYR A 150 -24.10 12.70 -24.30
C TYR A 150 -23.80 13.80 -23.29
N THR A 151 -22.54 14.23 -23.20
CA THR A 151 -22.19 15.31 -22.28
C THR A 151 -22.90 16.61 -22.65
N ALA A 152 -22.96 16.92 -23.94
CA ALA A 152 -23.64 18.13 -24.39
C ALA A 152 -25.15 18.05 -24.16
N LEU A 153 -25.73 16.86 -24.36
CA LEU A 153 -27.15 16.68 -24.11
C LEU A 153 -27.47 16.81 -22.63
N LEU A 154 -26.57 16.34 -21.77
CA LEU A 154 -26.78 16.47 -20.33
C LEU A 154 -26.55 17.90 -19.85
N ALA A 155 -25.68 18.64 -20.53
CA ALA A 155 -25.37 20.02 -20.13
C ALA A 155 -26.25 21.03 -20.85
N ILE A 156 -26.22 21.01 -22.19
CA ILE A 156 -26.93 21.99 -22.98
C ILE A 156 -28.28 21.41 -23.42
N ARG A 157 -29.24 22.31 -23.64
CA ARG A 157 -30.56 21.92 -24.13
C ARG A 157 -31.07 23.07 -25.00
N ARG A 158 -30.90 22.93 -26.30
CA ARG A 158 -31.24 24.00 -27.23
C ARG A 158 -32.29 23.60 -28.26
N GLY A 159 -32.25 22.37 -28.76
CA GLY A 159 -33.17 21.97 -29.81
C GLY A 159 -32.70 20.79 -30.62
N ASN A 160 -32.69 20.94 -31.94
CA ASN A 160 -32.30 19.88 -32.84
C ASN A 160 -30.87 19.43 -32.54
N PRO A 161 -30.54 18.15 -32.75
CA PRO A 161 -29.18 17.68 -32.45
C PRO A 161 -28.11 18.26 -33.36
N GLY A 162 -28.48 19.03 -34.38
CA GLY A 162 -27.48 19.62 -35.25
C GLY A 162 -26.57 20.59 -34.53
N SER A 163 -27.14 21.46 -33.68
CA SER A 163 -26.33 22.40 -32.92
C SER A 163 -25.44 21.68 -31.93
N PHE A 164 -25.97 20.64 -31.28
CA PHE A 164 -25.16 19.85 -30.36
C PHE A 164 -23.97 19.21 -31.08
N GLN A 165 -24.23 18.60 -32.25
CA GLN A 165 -23.16 17.96 -33.00
C GLN A 165 -22.14 18.98 -33.51
N LYS A 166 -22.61 20.16 -33.91
CA LYS A 166 -21.71 21.21 -34.34
C LYS A 166 -20.82 21.70 -33.20
N LYS A 167 -21.39 21.87 -32.00
CA LYS A 167 -20.59 22.26 -30.84
C LYS A 167 -19.56 21.18 -30.51
N VAL A 168 -19.98 19.90 -30.57
CA VAL A 168 -19.05 18.81 -30.31
C VAL A 168 -17.91 18.82 -31.33
N GLU A 169 -18.23 19.03 -32.61
CA GLU A 169 -17.20 19.04 -33.65
C GLU A 169 -16.25 20.22 -33.46
N ALA A 170 -16.79 21.39 -33.10
CA ALA A 170 -15.94 22.56 -32.88
C ALA A 170 -15.01 22.35 -31.69
N VAL A 171 -15.52 21.76 -30.60
CA VAL A 171 -14.68 21.52 -29.43
C VAL A 171 -13.63 20.45 -29.73
N MET A 172 -13.98 19.44 -30.54
CA MET A 172 -13.00 18.44 -30.92
C MET A 172 -11.91 19.02 -31.82
N ALA A 173 -12.28 19.94 -32.72
CA ALA A 173 -11.29 20.59 -33.55
C ALA A 173 -10.40 21.52 -32.72
N GLU A 174 -10.97 22.14 -31.68
CA GLU A 174 -10.16 22.96 -30.79
C GLU A 174 -9.22 22.11 -29.96
N LEU A 175 -9.66 20.92 -29.53
CA LEU A 175 -8.84 20.03 -28.73
C LEU A 175 -8.04 19.04 -29.56
N SER A 176 -8.09 19.15 -30.89
CA SER A 176 -7.36 18.26 -31.80
C SER A 176 -7.73 16.80 -31.55
N LEU A 177 -9.03 16.53 -31.52
CA LEU A 177 -9.55 15.19 -31.32
C LEU A 177 -10.42 14.70 -32.48
N SER A 178 -10.34 15.38 -33.63
CA SER A 178 -11.17 14.99 -34.77
C SER A 178 -10.72 13.68 -35.40
N HIS A 179 -9.44 13.33 -35.27
CA HIS A 179 -8.91 12.12 -35.87
C HIS A 179 -9.13 10.87 -35.03
N VAL A 180 -9.64 11.02 -33.80
CA VAL A 180 -9.90 9.88 -32.93
C VAL A 180 -11.35 10.01 -32.49
N ALA A 181 -12.13 10.75 -33.26
CA ALA A 181 -13.52 11.02 -32.88
C ALA A 181 -14.40 9.79 -32.93
N ASP A 182 -14.03 8.77 -33.71
CA ASP A 182 -14.82 7.55 -33.84
C ASP A 182 -14.00 6.34 -33.41
N ARG A 183 -13.31 6.47 -32.27
CA ARG A 183 -12.54 5.38 -31.69
C ARG A 183 -12.95 5.17 -30.24
N LEU A 184 -13.05 3.90 -29.84
CA LEU A 184 -13.46 3.59 -28.47
C LEU A 184 -12.40 4.05 -27.48
N ILE A 185 -12.85 4.41 -26.28
CA ILE A 185 -11.91 4.90 -25.26
C ILE A 185 -11.01 3.76 -24.79
N GLY A 186 -11.60 2.72 -24.23
CA GLY A 186 -10.88 1.54 -23.76
C GLY A 186 -9.78 1.89 -22.76
N ASN A 187 -8.77 1.03 -22.73
CA ASN A 187 -7.59 1.22 -21.92
C ASN A 187 -6.38 1.38 -22.83
N TYR A 188 -5.46 2.27 -22.44
CA TYR A 188 -4.28 2.54 -23.25
C TYR A 188 -3.34 1.34 -23.34
N SER A 189 -3.44 0.39 -22.40
CA SER A 189 -2.57 -0.76 -22.41
C SER A 189 -3.09 -1.93 -23.23
N LEU A 190 -4.35 -1.87 -23.67
CA LEU A 190 -4.95 -2.96 -24.44
C LEU A 190 -5.24 -2.57 -25.88
N GLY A 191 -5.03 -1.33 -26.27
CA GLY A 191 -5.27 -0.91 -27.64
C GLY A 191 -6.19 0.29 -27.76
N GLY A 192 -6.49 0.92 -26.62
CA GLY A 192 -7.33 2.09 -26.61
C GLY A 192 -6.57 3.35 -26.98
N ILE A 193 -7.10 4.48 -26.53
CA ILE A 193 -6.49 5.78 -26.79
C ILE A 193 -5.46 6.07 -25.71
N SER A 194 -4.47 6.90 -26.05
CA SER A 194 -3.40 7.22 -25.12
C SER A 194 -3.93 8.08 -23.97
N THR A 195 -3.11 8.19 -22.93
CA THR A 195 -3.50 8.98 -21.76
C THR A 195 -3.67 10.45 -22.11
N GLY A 196 -2.81 10.95 -23.00
CA GLY A 196 -2.98 12.32 -23.48
C GLY A 196 -4.31 12.51 -24.20
N GLU A 197 -4.73 11.51 -24.96
CA GLU A 197 -6.02 11.59 -25.62
C GLU A 197 -7.17 11.55 -24.62
N ARG A 198 -7.03 10.77 -23.54
CA ARG A 198 -8.05 10.77 -22.50
C ARG A 198 -8.13 12.13 -21.81
N ARG A 199 -6.98 12.74 -21.54
CA ARG A 199 -6.98 14.06 -20.93
C ARG A 199 -7.60 15.10 -21.87
N ARG A 200 -7.32 14.99 -23.17
CA ARG A 200 -7.93 15.89 -24.14
C ARG A 200 -9.44 15.69 -24.19
N VAL A 201 -9.90 14.44 -24.10
CA VAL A 201 -11.33 14.17 -24.09
C VAL A 201 -11.99 14.78 -22.86
N SER A 202 -11.34 14.66 -21.70
CA SER A 202 -11.88 15.25 -20.48
C SER A 202 -11.92 16.77 -20.57
N ILE A 203 -10.86 17.37 -21.11
CA ILE A 203 -10.83 18.83 -21.27
C ILE A 203 -11.90 19.28 -22.23
N ALA A 204 -12.16 18.50 -23.28
CA ALA A 204 -13.21 18.84 -24.23
C ALA A 204 -14.58 18.73 -23.60
N ALA A 205 -14.81 17.68 -22.80
CA ALA A 205 -16.09 17.55 -22.10
C ALA A 205 -16.31 18.69 -21.13
N GLN A 206 -15.23 19.18 -20.51
CA GLN A 206 -15.36 20.32 -19.61
C GLN A 206 -15.60 21.62 -20.38
N LEU A 207 -14.95 21.76 -21.54
CA LEU A 207 -15.07 22.98 -22.34
C LEU A 207 -16.38 23.05 -23.11
N LEU A 208 -17.08 21.93 -23.26
CA LEU A 208 -18.34 21.92 -24.00
C LEU A 208 -19.35 22.90 -23.42
N GLN A 209 -19.26 23.16 -22.11
CA GLN A 209 -20.20 24.05 -21.43
C GLN A 209 -19.89 25.52 -21.64
N ASP A 210 -18.95 25.85 -22.53
CA ASP A 210 -18.55 27.22 -22.86
C ASP A 210 -18.10 27.93 -21.59
N PRO A 211 -16.97 27.55 -20.99
CA PRO A 211 -16.50 28.20 -19.78
C PRO A 211 -15.55 29.35 -20.07
N LYS A 212 -15.18 30.05 -18.99
CA LYS A 212 -14.19 31.12 -19.06
C LYS A 212 -13.09 31.02 -18.02
N VAL A 213 -13.35 30.40 -16.87
CA VAL A 213 -12.36 30.21 -15.81
C VAL A 213 -12.31 28.72 -15.48
N MET A 214 -11.14 28.11 -15.70
CA MET A 214 -10.96 26.68 -15.50
C MET A 214 -9.83 26.42 -14.52
N LEU A 215 -9.99 25.40 -13.69
CA LEU A 215 -8.99 24.97 -12.74
C LEU A 215 -8.61 23.53 -13.05
N PHE A 216 -7.33 23.21 -12.84
CA PHE A 216 -6.78 21.90 -13.19
C PHE A 216 -6.03 21.35 -11.98
N ASP A 217 -6.42 20.16 -11.52
CA ASP A 217 -5.81 19.51 -10.36
C ASP A 217 -4.84 18.46 -10.86
N GLU A 218 -3.56 18.84 -10.97
CA GLU A 218 -2.48 17.97 -11.42
C GLU A 218 -2.80 17.31 -12.76
N PRO A 219 -2.83 18.07 -13.85
CA PRO A 219 -3.10 17.45 -15.16
C PRO A 219 -1.91 16.71 -15.75
N THR A 220 -0.73 16.79 -15.13
CA THR A 220 0.47 16.15 -15.64
C THR A 220 0.94 15.00 -14.76
N THR A 221 0.17 14.63 -13.74
CA THR A 221 0.54 13.54 -12.86
C THR A 221 0.09 12.21 -13.44
N GLY A 222 1.02 11.27 -13.56
CA GLY A 222 0.75 9.97 -14.14
C GLY A 222 1.08 9.84 -15.60
N LEU A 223 1.49 10.94 -16.25
CA LEU A 223 1.82 10.94 -17.66
C LEU A 223 3.34 11.02 -17.84
N ASP A 224 3.81 10.62 -19.01
CA ASP A 224 5.22 10.72 -19.31
C ASP A 224 5.61 12.18 -19.56
N CYS A 225 6.92 12.40 -19.71
CA CYS A 225 7.42 13.77 -19.85
C CYS A 225 6.91 14.44 -21.12
N MET A 226 6.99 13.74 -22.25
CA MET A 226 6.55 14.33 -23.52
C MET A 226 5.05 14.59 -23.52
N THR A 227 4.26 13.64 -23.01
CA THR A 227 2.82 13.84 -22.94
C THR A 227 2.45 14.96 -21.97
N ALA A 228 3.17 15.06 -20.84
CA ALA A 228 2.91 16.14 -19.90
C ALA A 228 3.23 17.49 -20.54
N ASN A 229 4.34 17.57 -21.28
CA ASN A 229 4.67 18.80 -21.98
C ASN A 229 3.62 19.16 -23.02
N GLN A 230 3.13 18.14 -23.75
CA GLN A 230 2.05 18.38 -24.70
C GLN A 230 0.82 18.95 -24.01
N ILE A 231 0.47 18.40 -22.85
CA ILE A 231 -0.69 18.88 -22.11
C ILE A 231 -0.47 20.31 -21.63
N VAL A 232 0.76 20.63 -21.21
CA VAL A 232 1.06 22.00 -20.78
C VAL A 232 0.91 22.97 -21.94
N VAL A 233 1.45 22.64 -23.12
CA VAL A 233 1.31 23.52 -24.27
C VAL A 233 -0.16 23.63 -24.69
N LEU A 234 -0.92 22.54 -24.54
CA LEU A 234 -2.34 22.60 -24.88
C LEU A 234 -3.09 23.53 -23.94
N LEU A 235 -2.79 23.47 -22.64
CA LEU A 235 -3.42 24.38 -21.69
C LEU A 235 -3.00 25.83 -21.96
N VAL A 236 -1.75 26.04 -22.36
CA VAL A 236 -1.29 27.38 -22.71
C VAL A 236 -2.05 27.90 -23.92
N GLU A 237 -2.23 27.06 -24.94
CA GLU A 237 -2.98 27.47 -26.12
C GLU A 237 -4.44 27.76 -25.79
N LEU A 238 -5.04 26.96 -24.91
CA LEU A 238 -6.43 27.21 -24.52
C LEU A 238 -6.55 28.50 -23.73
N ALA A 239 -5.57 28.80 -22.89
CA ALA A 239 -5.61 30.02 -22.09
C ALA A 239 -5.45 31.25 -22.96
N ARG A 240 -4.62 31.16 -24.00
CA ARG A 240 -4.38 32.30 -24.88
C ARG A 240 -5.61 32.71 -25.69
N ARG A 241 -6.64 31.88 -25.73
CA ARG A 241 -7.85 32.18 -26.49
C ARG A 241 -8.88 32.92 -25.63
N ASN A 242 -8.44 34.00 -24.98
CA ASN A 242 -9.29 34.83 -24.13
C ASN A 242 -9.98 34.00 -23.06
N ARG A 243 -9.17 33.33 -22.23
CA ARG A 243 -9.68 32.48 -21.17
C ARG A 243 -8.75 32.60 -19.95
N ILE A 244 -9.15 31.96 -18.86
CA ILE A 244 -8.39 31.95 -17.63
C ILE A 244 -8.20 30.49 -17.21
N VAL A 245 -6.95 30.09 -17.01
CA VAL A 245 -6.60 28.72 -16.65
C VAL A 245 -5.68 28.77 -15.44
N VAL A 246 -6.04 28.02 -14.39
CA VAL A 246 -5.23 27.92 -13.17
C VAL A 246 -5.00 26.44 -12.91
N LEU A 247 -3.75 25.99 -13.11
CA LEU A 247 -3.41 24.59 -12.98
C LEU A 247 -2.41 24.40 -11.83
N THR A 248 -2.48 23.23 -11.21
CA THR A 248 -1.54 22.84 -10.17
C THR A 248 -0.67 21.69 -10.69
N ILE A 249 0.61 21.71 -10.32
CA ILE A 249 1.56 20.68 -10.74
C ILE A 249 2.32 20.19 -9.51
N HIS A 250 2.57 18.88 -9.49
CA HIS A 250 3.37 18.28 -8.42
C HIS A 250 4.82 18.72 -8.55
N GLN A 251 5.44 18.44 -9.70
CA GLN A 251 6.81 18.86 -9.97
C GLN A 251 7.02 19.04 -11.45
N PRO A 252 6.98 20.27 -11.96
CA PRO A 252 7.14 20.50 -13.40
C PRO A 252 8.59 20.30 -13.83
N ARG A 253 8.78 20.31 -15.15
CA ARG A 253 10.10 20.14 -15.73
C ARG A 253 10.77 21.50 -15.94
N SER A 254 11.97 21.46 -16.54
CA SER A 254 12.75 22.68 -16.71
C SER A 254 12.22 23.56 -17.83
N GLU A 255 11.67 22.99 -18.90
CA GLU A 255 11.19 23.78 -20.02
C GLU A 255 9.83 24.41 -19.78
N LEU A 256 9.13 24.03 -18.72
CA LEU A 256 7.84 24.62 -18.40
C LEU A 256 7.96 25.90 -17.58
N PHE A 257 9.18 26.39 -17.35
CA PHE A 257 9.36 27.59 -16.53
C PHE A 257 8.96 28.84 -17.29
N GLN A 258 9.40 28.97 -18.54
CA GLN A 258 9.12 30.15 -19.35
C GLN A 258 7.80 30.05 -20.12
N LEU A 259 7.05 28.96 -19.95
CA LEU A 259 5.79 28.81 -20.66
C LEU A 259 4.63 29.43 -19.90
N PHE A 260 4.69 29.45 -18.57
CA PHE A 260 3.61 30.00 -17.78
C PHE A 260 3.67 31.52 -17.74
N ASP A 261 2.52 32.13 -17.45
CA ASP A 261 2.43 33.57 -17.29
C ASP A 261 2.55 34.01 -15.83
N LYS A 262 2.12 33.18 -14.89
CA LYS A 262 2.24 33.49 -13.47
C LYS A 262 2.54 32.20 -12.71
N ILE A 263 3.37 32.32 -11.68
CA ILE A 263 3.76 31.18 -10.85
C ILE A 263 3.58 31.57 -9.39
N ALA A 264 2.86 30.72 -8.64
CA ALA A 264 2.61 30.96 -7.22
C ALA A 264 3.08 29.76 -6.43
N ILE A 265 3.47 30.00 -5.17
CA ILE A 265 3.95 28.96 -4.27
C ILE A 265 3.15 29.04 -2.99
N LEU A 266 2.66 27.88 -2.53
CA LEU A 266 1.90 27.79 -1.29
C LEU A 266 2.55 26.76 -0.37
N SER A 267 2.65 27.10 0.91
CA SER A 267 3.18 26.20 1.93
C SER A 267 2.31 26.30 3.17
N PHE A 268 1.66 25.19 3.53
CA PHE A 268 0.78 25.13 4.70
C PHE A 268 -0.34 26.17 4.62
N GLY A 269 -0.72 26.53 3.41
CA GLY A 269 -1.74 27.53 3.18
C GLY A 269 -1.25 28.95 3.07
N GLU A 270 0.03 29.20 3.33
CA GLU A 270 0.60 30.53 3.24
C GLU A 270 1.19 30.75 1.86
N LEU A 271 0.93 31.92 1.28
CA LEU A 271 1.40 32.27 -0.05
C LEU A 271 2.80 32.84 0.05
N ILE A 272 3.79 32.12 -0.48
CA ILE A 272 5.17 32.58 -0.42
C ILE A 272 5.46 33.59 -1.52
N PHE A 273 4.98 33.33 -2.73
CA PHE A 273 5.23 34.21 -3.87
C PHE A 273 4.16 33.97 -4.92
N CYS A 274 3.92 35.00 -5.74
CA CYS A 274 2.97 34.87 -6.85
C CYS A 274 3.34 35.91 -7.90
N GLY A 275 3.83 35.47 -9.05
CA GLY A 275 4.17 36.40 -10.10
C GLY A 275 4.78 35.69 -11.29
N THR A 276 5.21 36.50 -12.27
CA THR A 276 5.83 35.98 -13.47
C THR A 276 7.25 35.49 -13.17
N PRO A 277 7.76 34.53 -13.95
CA PRO A 277 9.12 34.01 -13.70
C PRO A 277 10.21 35.06 -13.64
N ALA A 278 10.08 36.16 -14.39
CA ALA A 278 11.10 37.20 -14.36
C ALA A 278 11.19 37.84 -12.97
N GLU A 279 10.07 38.36 -12.47
CA GLU A 279 10.05 38.90 -11.13
C GLU A 279 10.31 37.83 -10.09
N MET A 280 9.98 36.56 -10.40
CA MET A 280 10.32 35.47 -9.50
C MET A 280 11.83 35.36 -9.31
N LEU A 281 12.58 35.28 -10.40
CA LEU A 281 14.03 35.21 -10.31
C LEU A 281 14.60 36.46 -9.67
N ASP A 282 14.05 37.63 -10.01
CA ASP A 282 14.55 38.88 -9.44
C ASP A 282 14.37 38.89 -7.92
N PHE A 283 13.17 38.54 -7.45
CA PHE A 283 12.91 38.54 -6.01
C PHE A 283 13.72 37.49 -5.27
N PHE A 284 13.86 36.30 -5.87
CA PHE A 284 14.65 35.26 -5.22
C PHE A 284 16.14 35.59 -5.22
N ASN A 285 16.60 36.42 -6.15
CA ASN A 285 17.98 36.90 -6.10
C ASN A 285 18.13 37.96 -5.02
N ASP A 286 17.16 38.88 -4.94
CA ASP A 286 17.22 39.95 -3.95
C ASP A 286 17.12 39.43 -2.52
N CYS A 287 16.50 38.27 -2.31
CA CYS A 287 16.40 37.69 -0.97
C CYS A 287 17.70 37.05 -0.51
N GLY A 288 18.67 36.87 -1.39
CA GLY A 288 19.94 36.26 -1.03
C GLY A 288 20.09 34.81 -1.41
N TYR A 289 19.21 34.27 -2.24
CA TYR A 289 19.27 32.87 -2.67
C TYR A 289 19.17 32.83 -4.20
N PRO A 290 20.23 33.18 -4.91
CA PRO A 290 20.18 33.12 -6.37
C PRO A 290 20.19 31.69 -6.86
N CYS A 291 19.38 31.43 -7.88
CA CYS A 291 19.31 30.08 -8.44
C CYS A 291 20.57 29.79 -9.24
N PRO A 292 21.32 28.75 -8.89
CA PRO A 292 22.53 28.43 -9.66
C PRO A 292 22.20 27.95 -11.06
N GLU A 293 23.19 28.00 -11.93
CA GLU A 293 23.01 27.54 -13.30
C GLU A 293 22.85 26.03 -13.35
N HIS A 294 22.04 25.57 -14.31
CA HIS A 294 21.75 24.15 -14.49
C HIS A 294 21.20 23.53 -13.21
N SER A 295 20.15 24.16 -12.66
CA SER A 295 19.60 23.73 -11.39
C SER A 295 18.09 23.57 -11.39
N ASN A 296 17.41 23.73 -12.53
CA ASN A 296 15.96 23.58 -12.62
C ASN A 296 15.27 24.46 -11.59
N PRO A 297 15.21 25.80 -11.82
CA PRO A 297 14.68 26.73 -10.81
C PRO A 297 13.38 26.28 -10.15
N PHE A 298 12.57 25.48 -10.85
CA PHE A 298 11.38 24.92 -10.24
C PHE A 298 11.73 24.09 -9.01
N ASP A 299 12.66 23.14 -9.16
CA ASP A 299 13.05 22.31 -8.03
C ASP A 299 13.78 23.12 -6.98
N PHE A 300 14.59 24.10 -7.40
CA PHE A 300 15.31 24.92 -6.43
C PHE A 300 14.36 25.72 -5.55
N TYR A 301 13.31 26.29 -6.15
CA TYR A 301 12.33 27.06 -5.40
C TYR A 301 11.32 26.18 -4.67
N MET A 302 11.17 24.92 -5.08
CA MET A 302 10.38 23.97 -4.29
C MET A 302 11.14 23.47 -3.07
N ASP A 303 12.47 23.39 -3.15
CA ASP A 303 13.29 23.06 -1.99
C ASP A 303 13.54 24.25 -1.09
N LEU A 304 13.53 25.46 -1.64
CA LEU A 304 13.82 26.65 -0.85
C LEU A 304 12.63 27.06 0.01
N THR A 305 11.41 26.76 -0.46
CA THR A 305 10.21 27.18 0.24
C THR A 305 9.45 25.98 0.80
N SER A 306 10.19 25.00 1.31
CA SER A 306 9.59 23.81 1.92
C SER A 306 10.25 23.54 3.26
N VAL A 307 9.54 22.83 4.12
CA VAL A 307 10.02 22.49 5.45
C VAL A 307 10.49 21.03 5.45
N ASP A 308 11.52 20.75 6.24
CA ASP A 308 12.07 19.40 6.36
C ASP A 308 11.52 18.78 7.64
N THR A 309 10.59 17.85 7.49
CA THR A 309 9.99 17.16 8.63
C THR A 309 10.69 15.83 8.89
N GLN A 310 11.98 15.92 9.19
CA GLN A 310 12.80 14.77 9.58
C GLN A 310 13.48 14.94 10.93
N SER A 311 13.90 16.15 11.26
CA SER A 311 14.42 16.50 12.57
C SER A 311 13.69 17.75 13.09
N LYS A 312 14.00 18.14 14.32
CA LYS A 312 13.37 19.29 14.94
C LYS A 312 14.21 20.55 14.84
N GLU A 313 15.52 20.44 14.63
CA GLU A 313 16.34 21.62 14.38
C GLU A 313 16.27 22.04 12.92
N ARG A 314 16.24 21.08 12.00
CA ARG A 314 16.10 21.40 10.59
C ARG A 314 14.71 21.92 10.28
N GLU A 315 13.68 21.42 10.98
CA GLU A 315 12.33 21.91 10.76
C GLU A 315 12.21 23.37 11.17
N ILE A 316 12.78 23.75 12.32
CA ILE A 316 12.71 25.14 12.76
C ILE A 316 13.49 26.04 11.80
N GLU A 317 14.65 25.58 11.31
CA GLU A 317 15.42 26.39 10.38
C GLU A 317 14.68 26.60 9.07
N THR A 318 14.08 25.53 8.54
CA THR A 318 13.32 25.65 7.29
C THR A 318 12.10 26.54 7.48
N SER A 319 11.44 26.45 8.64
CA SER A 319 10.30 27.31 8.91
C SER A 319 10.73 28.76 9.02
N LYS A 320 11.89 29.01 9.64
CA LYS A 320 12.42 30.38 9.72
C LYS A 320 12.72 30.93 8.33
N ARG A 321 13.32 30.12 7.48
CA ARG A 321 13.61 30.55 6.11
C ARG A 321 12.34 30.84 5.33
N VAL A 322 11.34 29.96 5.47
CA VAL A 322 10.07 30.16 4.77
C VAL A 322 9.39 31.44 5.25
N GLN A 323 9.39 31.68 6.56
CA GLN A 323 8.78 32.89 7.09
C GLN A 323 9.55 34.13 6.66
N MET A 324 10.87 34.04 6.54
CA MET A 324 11.66 35.16 6.07
C MET A 324 11.30 35.49 4.62
N ILE A 325 11.23 34.47 3.76
CA ILE A 325 10.88 34.72 2.37
C ILE A 325 9.46 35.27 2.26
N GLU A 326 8.54 34.75 3.08
CA GLU A 326 7.15 35.25 3.04
C GLU A 326 7.06 36.69 3.50
N SER A 327 7.80 37.05 4.56
CA SER A 327 7.80 38.43 5.03
C SER A 327 8.43 39.37 4.02
N ALA A 328 9.49 38.92 3.34
CA ALA A 328 10.10 39.74 2.30
C ALA A 328 9.16 39.91 1.11
N TYR A 329 8.37 38.89 0.80
CA TYR A 329 7.42 39.01 -0.30
C TYR A 329 6.24 39.92 0.06
N LYS A 330 5.82 39.89 1.32
CA LYS A 330 4.72 40.75 1.76
C LYS A 330 5.09 42.23 1.66
N LYS A 331 6.36 42.56 1.82
CA LYS A 331 6.82 43.93 1.72
C LYS A 331 7.19 44.33 0.29
N SER A 332 7.35 43.36 -0.61
CA SER A 332 7.71 43.68 -1.98
C SER A 332 6.54 44.36 -2.70
N ALA A 333 6.85 45.01 -3.83
CA ALA A 333 5.84 45.75 -4.56
C ALA A 333 4.92 44.85 -5.38
N ILE A 334 5.22 43.56 -5.47
CA ILE A 334 4.41 42.67 -6.29
C ILE A 334 3.05 42.43 -5.64
N CYS A 335 3.03 42.10 -4.35
CA CYS A 335 1.76 41.92 -3.65
C CYS A 335 0.98 43.22 -3.57
N HIS A 336 1.68 44.35 -3.39
CA HIS A 336 1.00 45.63 -3.36
C HIS A 336 0.35 45.93 -4.71
N LYS A 337 1.06 45.67 -5.82
CA LYS A 337 0.49 45.87 -7.13
C LYS A 337 -0.67 44.93 -7.40
N THR A 338 -0.59 43.69 -6.89
CA THR A 338 -1.70 42.75 -7.04
C THR A 338 -2.95 43.26 -6.33
N LEU A 339 -2.79 43.67 -5.07
CA LEU A 339 -3.92 44.21 -4.32
C LEU A 339 -4.48 45.47 -4.96
N LYS A 340 -3.59 46.32 -5.48
CA LYS A 340 -4.04 47.55 -6.13
C LYS A 340 -4.83 47.24 -7.40
N ASN A 341 -4.35 46.30 -8.21
CA ASN A 341 -5.08 45.92 -9.41
C ASN A 341 -6.42 45.29 -9.07
N ILE A 342 -6.48 44.48 -8.01
CA ILE A 342 -7.74 43.88 -7.59
C ILE A 342 -8.74 44.97 -7.19
N GLU A 343 -8.31 45.87 -6.30
CA GLU A 343 -9.21 46.92 -5.84
C GLU A 343 -9.53 47.93 -6.93
N ARG A 344 -8.72 48.02 -7.98
CA ARG A 344 -9.00 48.93 -9.09
C ARG A 344 -10.00 48.32 -10.05
N MET A 345 -9.79 47.07 -10.45
CA MET A 345 -10.76 46.37 -11.29
C MET A 345 -12.07 46.14 -10.56
N LYS A 346 -12.08 46.15 -9.23
CA LYS A 346 -13.33 46.11 -8.49
C LYS A 346 -14.08 47.42 -8.61
N HIS A 347 -13.36 48.54 -8.66
CA HIS A 347 -13.94 49.88 -8.74
C HIS A 347 -13.77 50.49 -10.13
N LEU A 348 -13.91 49.68 -11.19
CA LEU A 348 -13.72 50.19 -12.55
C LEU A 348 -15.01 50.77 -13.12
N LYS A 349 -16.16 50.17 -12.80
CA LYS A 349 -17.49 50.66 -13.18
C LYS A 349 -17.71 50.65 -14.68
N THR A 350 -16.81 50.03 -15.46
CA THR A 350 -16.99 49.92 -16.89
C THR A 350 -16.72 48.53 -17.46
N LEU A 351 -16.01 47.66 -16.74
CA LEU A 351 -15.72 46.34 -17.27
C LEU A 351 -16.99 45.47 -17.26
N PRO A 352 -17.08 44.49 -18.16
CA PRO A 352 -18.31 43.69 -18.25
C PRO A 352 -18.54 42.85 -17.01
N MET A 353 -19.71 42.21 -16.98
CA MET A 353 -20.12 41.41 -15.84
C MET A 353 -19.55 40.00 -15.93
N VAL A 354 -19.91 39.18 -14.95
CA VAL A 354 -19.42 37.80 -14.82
C VAL A 354 -19.87 36.95 -16.01
N PRO A 355 -18.95 36.43 -16.82
CA PRO A 355 -19.35 35.49 -17.87
C PRO A 355 -19.58 34.09 -17.32
N PHE A 356 -20.84 33.68 -17.24
CA PHE A 356 -21.19 32.38 -16.71
C PHE A 356 -21.12 31.32 -17.81
N LYS A 357 -21.62 30.12 -17.50
CA LYS A 357 -21.64 29.03 -18.47
C LYS A 357 -22.77 29.25 -19.47
N THR A 358 -23.01 28.23 -20.29
CA THR A 358 -24.05 28.32 -21.31
C THR A 358 -25.44 28.46 -20.69
N LYS A 359 -25.82 27.52 -19.83
CA LYS A 359 -27.11 27.53 -19.14
C LYS A 359 -27.08 26.42 -18.11
N ASP A 360 -28.18 26.27 -17.37
CA ASP A 360 -28.32 25.22 -16.37
C ASP A 360 -28.82 23.92 -17.01
N SER A 361 -29.20 22.97 -16.17
CA SER A 361 -29.58 21.64 -16.61
C SER A 361 -31.06 21.59 -16.99
N PRO A 362 -31.41 20.73 -17.96
CA PRO A 362 -32.82 20.57 -18.33
C PRO A 362 -33.60 19.75 -17.30
N GLY A 363 -34.84 19.38 -17.64
CA GLY A 363 -35.66 18.58 -16.75
C GLY A 363 -35.05 17.26 -16.35
N VAL A 364 -35.66 16.58 -15.38
CA VAL A 364 -35.07 15.37 -14.82
C VAL A 364 -35.29 14.17 -15.73
N PHE A 365 -36.44 14.10 -16.40
CA PHE A 365 -36.74 12.94 -17.24
C PHE A 365 -35.81 12.87 -18.46
N SER A 366 -35.48 14.00 -19.05
CA SER A 366 -34.57 14.00 -20.19
C SER A 366 -33.18 13.50 -19.79
N LYS A 367 -32.66 14.00 -18.66
CA LYS A 367 -31.37 13.54 -18.18
C LYS A 367 -31.40 12.06 -17.82
N LEU A 368 -32.51 11.60 -17.23
CA LEU A 368 -32.63 10.18 -16.91
C LEU A 368 -32.62 9.33 -18.17
N GLY A 369 -33.34 9.75 -19.20
CA GLY A 369 -33.34 9.01 -20.45
C GLY A 369 -31.98 9.00 -21.14
N VAL A 370 -31.29 10.15 -21.08
CA VAL A 370 -29.95 10.22 -21.68
C VAL A 370 -28.99 9.29 -20.94
N LEU A 371 -29.05 9.29 -19.61
CA LEU A 371 -28.20 8.39 -18.84
C LEU A 371 -28.52 6.93 -19.11
N LEU A 372 -29.81 6.62 -19.26
CA LEU A 372 -30.22 5.26 -19.57
C LEU A 372 -29.66 4.82 -20.92
N ARG A 373 -29.81 5.67 -21.95
CA ARG A 373 -29.26 5.36 -23.26
C ARG A 373 -27.75 5.19 -23.19
N ARG A 374 -27.08 6.06 -22.44
CA ARG A 374 -25.62 5.96 -22.31
C ARG A 374 -25.22 4.64 -21.68
N VAL A 375 -25.88 4.24 -20.59
CA VAL A 375 -25.46 3.02 -19.90
C VAL A 375 -25.79 1.79 -20.73
N THR A 376 -26.91 1.78 -21.44
CA THR A 376 -27.21 0.60 -22.24
C THR A 376 -26.30 0.52 -23.45
N ARG A 377 -25.91 1.66 -24.03
CA ARG A 377 -24.97 1.62 -25.14
C ARG A 377 -23.58 1.21 -24.68
N ASN A 378 -23.17 1.61 -23.48
CA ASN A 378 -21.91 1.15 -22.93
C ASN A 378 -21.96 -0.33 -22.57
N LEU A 379 -23.12 -0.86 -22.21
CA LEU A 379 -23.24 -2.27 -21.89
C LEU A 379 -23.21 -3.14 -23.14
N VAL A 380 -24.03 -2.80 -24.13
CA VAL A 380 -24.14 -3.62 -25.34
C VAL A 380 -22.87 -3.62 -26.17
N ARG A 381 -21.98 -2.64 -25.95
CA ARG A 381 -20.72 -2.59 -26.68
C ARG A 381 -19.61 -3.39 -26.01
N ASN A 382 -19.86 -3.93 -24.81
CA ASN A 382 -18.91 -4.77 -24.09
C ASN A 382 -19.46 -6.20 -24.14
N LYS A 383 -18.88 -7.01 -25.03
CA LYS A 383 -19.37 -8.38 -25.20
C LYS A 383 -19.17 -9.21 -23.95
N LEU A 384 -18.08 -8.97 -23.22
CA LEU A 384 -17.80 -9.75 -22.01
C LEU A 384 -18.89 -9.52 -20.95
N ALA A 385 -19.23 -8.25 -20.70
CA ALA A 385 -20.27 -7.97 -19.71
C ALA A 385 -21.59 -8.60 -20.11
N VAL A 386 -21.94 -8.53 -21.40
CA VAL A 386 -23.20 -9.10 -21.86
C VAL A 386 -23.21 -10.62 -21.70
N ILE A 387 -22.12 -11.30 -22.06
CA ILE A 387 -22.12 -12.75 -21.96
C ILE A 387 -22.13 -13.20 -20.50
N THR A 388 -21.43 -12.48 -19.61
CA THR A 388 -21.52 -12.82 -18.20
C THR A 388 -22.94 -12.61 -17.67
N ARG A 389 -23.55 -11.45 -17.99
CA ARG A 389 -24.92 -11.19 -17.55
C ARG A 389 -25.88 -12.27 -18.03
N LEU A 390 -25.71 -12.74 -19.26
CA LEU A 390 -26.64 -13.69 -19.85
C LEU A 390 -26.33 -15.14 -19.50
N LEU A 391 -25.12 -15.45 -19.05
CA LEU A 391 -24.73 -16.83 -18.83
C LEU A 391 -24.32 -17.17 -17.40
N GLN A 392 -24.36 -16.22 -16.46
CA GLN A 392 -24.04 -16.57 -15.08
C GLN A 392 -25.04 -17.57 -14.51
N ASN A 393 -26.34 -17.26 -14.64
CA ASN A 393 -27.37 -18.17 -14.17
C ASN A 393 -27.32 -19.49 -14.92
N LEU A 394 -26.98 -19.44 -16.21
CA LEU A 394 -26.88 -20.67 -17.00
C LEU A 394 -25.75 -21.55 -16.51
N ILE A 395 -24.59 -20.97 -16.22
CA ILE A 395 -23.47 -21.73 -15.69
C ILE A 395 -23.81 -22.30 -14.32
N MET A 396 -24.50 -21.51 -13.49
CA MET A 396 -24.92 -22.00 -12.18
C MET A 396 -25.84 -23.20 -12.31
N GLY A 397 -26.84 -23.10 -13.20
CA GLY A 397 -27.75 -24.21 -13.40
C GLY A 397 -27.09 -25.44 -13.99
N LEU A 398 -26.12 -25.25 -14.88
CA LEU A 398 -25.40 -26.38 -15.47
C LEU A 398 -24.51 -27.06 -14.44
N PHE A 399 -23.89 -26.27 -13.55
CA PHE A 399 -23.10 -26.86 -12.47
C PHE A 399 -23.99 -27.60 -11.47
N LEU A 400 -25.21 -27.08 -11.24
CA LEU A 400 -26.12 -27.78 -10.35
C LEU A 400 -26.67 -29.06 -10.98
N LEU A 401 -26.87 -29.04 -12.29
CA LEU A 401 -27.38 -30.22 -13.00
C LEU A 401 -26.35 -31.33 -13.08
N PHE A 402 -25.05 -31.01 -13.05
CA PHE A 402 -24.01 -32.02 -13.21
C PHE A 402 -24.03 -33.03 -12.07
N PHE A 403 -24.51 -32.64 -10.89
CA PHE A 403 -24.52 -33.51 -9.72
C PHE A 403 -25.83 -34.30 -9.58
N VAL A 404 -26.97 -33.63 -9.76
CA VAL A 404 -28.26 -34.30 -9.60
C VAL A 404 -28.57 -35.15 -10.82
N LEU A 405 -28.71 -34.51 -11.98
CA LEU A 405 -28.94 -35.06 -13.31
C LEU A 405 -30.36 -35.60 -13.49
N ARG A 406 -31.15 -35.70 -12.42
CA ARG A 406 -32.54 -36.14 -12.50
C ARG A 406 -33.19 -36.11 -11.12
N VAL A 407 -34.51 -36.09 -11.07
CA VAL A 407 -35.26 -36.22 -9.82
C VAL A 407 -36.14 -37.45 -9.92
N ARG A 408 -35.95 -38.41 -9.02
CA ARG A 408 -36.69 -39.67 -9.02
C ARG A 408 -38.05 -39.42 -8.34
N SER A 409 -39.00 -38.93 -9.14
CA SER A 409 -40.28 -38.46 -8.63
C SER A 409 -41.21 -39.59 -8.17
N ASN A 410 -40.79 -40.84 -8.19
CA ASN A 410 -41.66 -41.94 -7.79
C ASN A 410 -40.94 -42.89 -6.84
N VAL A 411 -40.03 -42.36 -6.03
CA VAL A 411 -39.39 -43.13 -4.97
C VAL A 411 -38.90 -42.15 -3.91
N LEU A 412 -38.97 -42.57 -2.65
CA LEU A 412 -38.67 -41.70 -1.51
C LEU A 412 -37.28 -41.92 -0.96
N LYS A 413 -36.30 -42.23 -1.82
CA LYS A 413 -34.93 -42.34 -1.37
C LYS A 413 -34.16 -41.04 -1.55
N GLY A 414 -34.33 -40.37 -2.69
CA GLY A 414 -33.65 -39.11 -2.94
C GLY A 414 -34.50 -38.09 -3.67
N ALA A 415 -35.82 -38.18 -3.54
CA ALA A 415 -36.69 -37.25 -4.25
C ALA A 415 -36.82 -35.92 -3.50
N ILE A 416 -37.38 -35.97 -2.29
CA ILE A 416 -37.57 -34.75 -1.52
C ILE A 416 -36.23 -34.12 -1.15
N GLN A 417 -35.24 -34.96 -0.86
CA GLN A 417 -33.92 -34.44 -0.52
C GLN A 417 -33.32 -33.64 -1.67
N ASP A 418 -33.30 -34.22 -2.87
CA ASP A 418 -32.73 -33.52 -4.02
C ASP A 418 -33.56 -32.31 -4.40
N ARG A 419 -34.89 -32.39 -4.26
CA ARG A 419 -35.73 -31.24 -4.58
C ARG A 419 -35.46 -30.08 -3.63
N VAL A 420 -35.39 -30.35 -2.33
CA VAL A 420 -35.09 -29.32 -1.35
C VAL A 420 -33.69 -28.75 -1.59
N GLY A 421 -32.73 -29.61 -1.92
CA GLY A 421 -31.39 -29.13 -2.21
C GLY A 421 -31.35 -28.21 -3.42
N LEU A 422 -32.06 -28.58 -4.48
CA LEU A 422 -32.10 -27.75 -5.68
C LEU A 422 -32.75 -26.40 -5.39
N LEU A 423 -33.87 -26.41 -4.66
CA LEU A 423 -34.52 -25.15 -4.31
C LEU A 423 -33.63 -24.27 -3.45
N TYR A 424 -32.97 -24.87 -2.45
CA TYR A 424 -32.06 -24.13 -1.59
C TYR A 424 -30.93 -23.51 -2.40
N GLN A 425 -30.34 -24.29 -3.31
CA GLN A 425 -29.22 -23.79 -4.11
C GLN A 425 -29.68 -22.67 -5.05
N PHE A 426 -30.86 -22.80 -5.64
CA PHE A 426 -31.37 -21.73 -6.49
C PHE A 426 -31.58 -20.45 -5.69
N VAL A 427 -32.24 -20.56 -4.54
CA VAL A 427 -32.54 -19.39 -3.72
C VAL A 427 -31.25 -18.76 -3.19
N GLY A 428 -30.22 -19.55 -2.94
CA GLY A 428 -28.96 -19.00 -2.49
C GLY A 428 -28.00 -18.56 -3.57
N ALA A 429 -28.27 -18.93 -4.83
CA ALA A 429 -27.38 -18.61 -5.93
C ALA A 429 -27.88 -17.48 -6.82
N THR A 430 -29.19 -17.29 -6.96
CA THR A 430 -29.67 -16.20 -7.81
C THR A 430 -29.24 -14.82 -7.27
N PRO A 431 -29.42 -14.52 -5.98
CA PRO A 431 -28.91 -13.23 -5.49
C PRO A 431 -27.39 -13.14 -5.53
N TYR A 432 -26.70 -14.28 -5.43
CA TYR A 432 -25.24 -14.26 -5.56
C TYR A 432 -24.83 -13.86 -6.97
N THR A 433 -25.51 -14.38 -7.99
CA THR A 433 -25.20 -13.99 -9.35
C THR A 433 -25.55 -12.52 -9.59
N GLY A 434 -26.67 -12.06 -9.03
CA GLY A 434 -26.99 -10.65 -9.12
C GLY A 434 -25.92 -9.77 -8.49
N MET A 435 -25.44 -10.16 -7.30
CA MET A 435 -24.39 -9.40 -6.64
C MET A 435 -23.08 -9.44 -7.43
N LEU A 436 -22.77 -10.58 -8.05
CA LEU A 436 -21.59 -10.67 -8.89
C LEU A 436 -21.68 -9.68 -10.05
N ASN A 437 -22.81 -9.69 -10.76
CA ASN A 437 -23.00 -8.76 -11.86
C ASN A 437 -22.89 -7.31 -11.40
N ALA A 438 -23.51 -6.99 -10.26
CA ALA A 438 -23.46 -5.63 -9.74
C ALA A 438 -22.03 -5.22 -9.41
N VAL A 439 -21.33 -6.02 -8.60
CA VAL A 439 -19.95 -5.71 -8.23
C VAL A 439 -19.04 -5.62 -9.44
N ASN A 440 -19.33 -6.39 -10.50
CA ASN A 440 -18.47 -6.37 -11.68
C ASN A 440 -18.74 -5.19 -12.61
N LEU A 441 -19.97 -4.69 -12.67
CA LEU A 441 -20.31 -3.70 -13.68
C LEU A 441 -20.67 -2.32 -13.14
N PHE A 442 -20.95 -2.18 -11.85
CA PHE A 442 -21.36 -0.88 -11.30
C PHE A 442 -20.21 0.09 -11.01
N PRO A 443 -19.11 -0.33 -10.34
CA PRO A 443 -18.11 0.64 -9.85
C PRO A 443 -17.67 1.69 -10.87
N VAL A 444 -17.53 1.30 -12.14
CA VAL A 444 -17.12 2.26 -13.15
C VAL A 444 -18.19 3.33 -13.34
N LEU A 445 -19.46 2.92 -13.44
CA LEU A 445 -20.54 3.89 -13.56
C LEU A 445 -20.69 4.74 -12.30
N ARG A 446 -20.46 4.13 -11.12
CA ARG A 446 -20.52 4.89 -9.88
C ARG A 446 -19.44 5.97 -9.84
N ALA A 447 -18.22 5.63 -10.28
CA ALA A 447 -17.15 6.63 -10.32
C ALA A 447 -17.46 7.72 -11.35
N VAL A 448 -18.00 7.33 -12.51
CA VAL A 448 -18.37 8.33 -13.52
C VAL A 448 -19.43 9.28 -12.98
N SER A 449 -20.42 8.74 -12.27
CA SER A 449 -21.46 9.58 -11.68
C SER A 449 -20.92 10.48 -10.59
N ASP A 450 -20.04 9.97 -9.74
CA ASP A 450 -19.44 10.80 -8.69
C ASP A 450 -18.59 11.91 -9.30
N GLN A 451 -17.98 11.65 -10.46
CA GLN A 451 -17.18 12.69 -11.11
C GLN A 451 -18.06 13.73 -11.78
N GLU A 452 -19.15 13.28 -12.42
CA GLU A 452 -19.98 14.20 -13.21
C GLU A 452 -21.10 14.85 -12.42
N SER A 453 -21.31 14.46 -11.17
CA SER A 453 -22.35 15.09 -10.36
C SER A 453 -21.91 16.42 -9.76
N GLN A 454 -20.63 16.56 -9.41
CA GLN A 454 -20.15 17.81 -8.86
C GLN A 454 -20.12 18.93 -9.89
N ASP A 455 -20.11 18.59 -11.18
CA ASP A 455 -20.11 19.60 -12.24
C ASP A 455 -21.49 20.19 -12.49
N GLY A 456 -22.53 19.65 -11.86
CA GLY A 456 -23.87 20.15 -12.06
C GLY A 456 -24.64 19.51 -13.20
N LEU A 457 -24.16 18.38 -13.73
CA LEU A 457 -24.84 17.74 -14.85
C LEU A 457 -26.10 17.01 -14.39
N TYR A 458 -25.94 16.05 -13.49
CA TYR A 458 -27.06 15.25 -13.00
C TYR A 458 -26.75 14.79 -11.59
N GLN A 459 -27.68 14.02 -11.03
CA GLN A 459 -27.55 13.45 -9.70
C GLN A 459 -27.21 11.95 -9.79
N LYS A 460 -26.71 11.42 -8.68
CA LYS A 460 -26.29 10.02 -8.66
C LYS A 460 -27.46 9.07 -8.56
N TRP A 461 -28.55 9.48 -7.90
CA TRP A 461 -29.73 8.62 -7.83
C TRP A 461 -30.37 8.42 -9.20
N GLN A 462 -30.29 9.42 -10.09
CA GLN A 462 -30.74 9.22 -11.45
C GLN A 462 -29.88 8.19 -12.17
N MET A 463 -28.57 8.20 -11.94
CA MET A 463 -27.69 7.19 -12.51
C MET A 463 -28.04 5.81 -11.99
N MET A 464 -28.34 5.70 -10.69
CA MET A 464 -28.72 4.41 -10.13
C MET A 464 -30.04 3.92 -10.71
N LEU A 465 -31.00 4.83 -10.89
CA LEU A 465 -32.28 4.46 -11.49
C LEU A 465 -32.10 4.00 -12.93
N ALA A 466 -31.25 4.69 -13.69
CA ALA A 466 -30.97 4.27 -15.06
C ALA A 466 -30.28 2.92 -15.10
N TYR A 467 -29.37 2.67 -14.16
CA TYR A 467 -28.72 1.38 -14.07
C TYR A 467 -29.74 0.27 -13.81
N ALA A 468 -30.66 0.51 -12.87
CA ALA A 468 -31.71 -0.47 -12.59
C ALA A 468 -32.58 -0.71 -13.82
N LEU A 469 -32.95 0.38 -14.51
CA LEU A 469 -33.82 0.24 -15.67
C LEU A 469 -33.15 -0.52 -16.80
N HIS A 470 -31.85 -0.33 -17.00
CA HIS A 470 -31.15 -1.06 -18.05
C HIS A 470 -30.75 -2.46 -17.61
N VAL A 471 -30.76 -2.74 -16.30
CA VAL A 471 -30.43 -4.08 -15.83
C VAL A 471 -31.66 -4.97 -15.70
N LEU A 472 -32.86 -4.38 -15.63
CA LEU A 472 -34.08 -5.19 -15.54
C LEU A 472 -34.22 -6.18 -16.70
N PRO A 473 -34.23 -5.72 -17.96
CA PRO A 473 -34.51 -6.67 -19.05
C PRO A 473 -33.41 -7.71 -19.24
N PHE A 474 -32.16 -7.33 -19.00
CA PHE A 474 -31.07 -8.30 -19.13
C PHE A 474 -31.18 -9.42 -18.11
N SER A 475 -31.44 -9.08 -16.84
CA SER A 475 -31.68 -10.11 -15.84
C SER A 475 -32.91 -10.94 -16.19
N VAL A 476 -33.95 -10.29 -16.74
CA VAL A 476 -35.15 -11.01 -17.13
C VAL A 476 -34.82 -12.08 -18.16
N VAL A 477 -34.16 -11.69 -19.25
CA VAL A 477 -33.87 -12.65 -20.31
C VAL A 477 -32.87 -13.70 -19.86
N ALA A 478 -31.92 -13.32 -18.99
CA ALA A 478 -30.96 -14.30 -18.49
C ALA A 478 -31.63 -15.37 -17.64
N THR A 479 -32.48 -14.96 -16.70
CA THR A 479 -33.16 -15.94 -15.87
C THR A 479 -34.17 -16.75 -16.67
N MET A 480 -34.76 -16.15 -17.70
CA MET A 480 -35.67 -16.90 -18.56
C MET A 480 -34.92 -17.98 -19.34
N ILE A 481 -33.74 -17.65 -19.87
CA ILE A 481 -32.94 -18.65 -20.57
C ILE A 481 -32.51 -19.75 -19.62
N PHE A 482 -32.02 -19.38 -18.43
CA PHE A 482 -31.60 -20.39 -17.45
C PHE A 482 -32.76 -21.30 -17.07
N SER A 483 -33.95 -20.74 -16.89
CA SER A 483 -35.12 -21.56 -16.57
C SER A 483 -35.45 -22.50 -17.72
N SER A 484 -35.63 -21.97 -18.93
CA SER A 484 -35.97 -22.80 -20.07
C SER A 484 -34.90 -23.85 -20.37
N VAL A 485 -33.67 -23.68 -19.86
CA VAL A 485 -32.65 -24.68 -20.08
C VAL A 485 -32.67 -25.74 -18.98
N CYS A 486 -32.80 -25.34 -17.72
CA CYS A 486 -32.61 -26.26 -16.61
C CYS A 486 -33.89 -26.90 -16.10
N TYR A 487 -35.00 -26.16 -16.09
CA TYR A 487 -36.24 -26.66 -15.50
C TYR A 487 -36.75 -27.89 -16.23
N TRP A 488 -36.68 -27.89 -17.56
CA TRP A 488 -37.17 -29.03 -18.33
C TRP A 488 -36.18 -30.20 -18.29
N THR A 489 -34.89 -29.91 -18.27
CA THR A 489 -33.89 -30.97 -18.19
C THR A 489 -33.97 -31.70 -16.86
N LEU A 490 -34.18 -30.95 -15.77
CA LEU A 490 -34.29 -31.57 -14.45
C LEU A 490 -35.55 -32.41 -14.29
N GLY A 491 -36.63 -32.09 -15.00
CA GLY A 491 -37.88 -32.82 -14.87
C GLY A 491 -38.59 -32.54 -13.57
N LEU A 492 -38.67 -31.26 -13.20
CA LEU A 492 -39.30 -30.84 -11.95
C LEU A 492 -40.75 -30.47 -12.24
N HIS A 493 -41.65 -31.46 -12.16
CA HIS A 493 -43.08 -31.29 -12.38
C HIS A 493 -43.33 -30.62 -13.73
N PRO A 494 -43.15 -31.34 -14.85
CA PRO A 494 -43.23 -30.70 -16.17
C PRO A 494 -44.58 -30.06 -16.45
N GLU A 495 -44.59 -28.75 -16.60
CA GLU A 495 -45.79 -27.97 -16.92
C GLU A 495 -45.37 -26.57 -17.30
N VAL A 496 -46.25 -25.87 -18.01
CA VAL A 496 -45.92 -24.53 -18.50
C VAL A 496 -46.22 -23.46 -17.46
N ALA A 497 -47.34 -23.58 -16.74
CA ALA A 497 -47.67 -22.60 -15.70
C ALA A 497 -46.71 -22.71 -14.52
N ARG A 498 -46.38 -23.94 -14.12
CA ARG A 498 -45.37 -24.13 -13.09
C ARG A 498 -44.02 -23.59 -13.54
N PHE A 499 -43.69 -23.77 -14.82
CA PHE A 499 -42.43 -23.23 -15.35
C PHE A 499 -42.41 -21.71 -15.27
N GLY A 500 -43.51 -21.05 -15.65
CA GLY A 500 -43.56 -19.61 -15.56
C GLY A 500 -43.48 -19.10 -14.13
N TYR A 501 -44.18 -19.79 -13.21
CA TYR A 501 -44.10 -19.42 -11.80
C TYR A 501 -42.69 -19.59 -11.25
N PHE A 502 -42.01 -20.67 -11.63
CA PHE A 502 -40.63 -20.87 -11.22
C PHE A 502 -39.73 -19.79 -11.79
N SER A 503 -39.94 -19.42 -13.05
CA SER A 503 -39.16 -18.38 -13.67
C SER A 503 -39.32 -17.04 -12.94
N ALA A 504 -40.56 -16.69 -12.58
CA ALA A 504 -40.78 -15.44 -11.87
C ALA A 504 -40.21 -15.49 -10.45
N ALA A 505 -40.38 -16.63 -9.77
CA ALA A 505 -39.90 -16.77 -8.40
C ALA A 505 -38.39 -16.88 -8.32
N LEU A 506 -37.71 -17.14 -9.44
CA LEU A 506 -36.26 -17.04 -9.48
C LEU A 506 -35.76 -15.74 -10.08
N LEU A 507 -36.63 -15.02 -10.82
CA LEU A 507 -36.25 -13.70 -11.32
C LEU A 507 -36.31 -12.65 -10.22
N ALA A 508 -37.32 -12.73 -9.35
CA ALA A 508 -37.45 -11.75 -8.28
C ALA A 508 -36.24 -11.69 -7.35
N PRO A 509 -35.74 -12.81 -6.79
CA PRO A 509 -34.59 -12.69 -5.88
C PRO A 509 -33.33 -12.23 -6.56
N HIS A 510 -33.15 -12.53 -7.85
CA HIS A 510 -32.02 -12.00 -8.60
C HIS A 510 -31.99 -10.48 -8.55
N LEU A 511 -33.11 -9.85 -8.92
CA LEU A 511 -33.19 -8.39 -8.90
C LEU A 511 -33.09 -7.86 -7.48
N ILE A 512 -33.67 -8.58 -6.51
CA ILE A 512 -33.60 -8.13 -5.12
C ILE A 512 -32.16 -8.07 -4.64
N GLY A 513 -31.41 -9.15 -4.85
CA GLY A 513 -30.02 -9.16 -4.44
C GLY A 513 -29.17 -8.17 -5.21
N GLU A 514 -29.46 -8.01 -6.51
CA GLU A 514 -28.70 -7.03 -7.29
C GLU A 514 -28.93 -5.62 -6.79
N PHE A 515 -30.16 -5.28 -6.43
CA PHE A 515 -30.44 -3.94 -5.92
C PHE A 515 -29.90 -3.74 -4.51
N LEU A 516 -29.91 -4.79 -3.68
CA LEU A 516 -29.27 -4.69 -2.37
C LEU A 516 -27.77 -4.43 -2.51
N THR A 517 -27.11 -5.15 -3.42
CA THR A 517 -25.70 -4.92 -3.67
C THR A 517 -25.47 -3.53 -4.25
N LEU A 518 -26.39 -3.05 -5.07
CA LEU A 518 -26.32 -1.69 -5.59
C LEU A 518 -26.35 -0.67 -4.45
N VAL A 519 -27.27 -0.86 -3.51
CA VAL A 519 -27.36 0.04 -2.35
C VAL A 519 -26.05 0.00 -1.55
N LEU A 520 -25.55 -1.21 -1.28
CA LEU A 520 -24.34 -1.33 -0.48
C LEU A 520 -23.14 -0.71 -1.18
N LEU A 521 -23.03 -0.86 -2.51
CA LEU A 521 -21.95 -0.22 -3.24
C LEU A 521 -22.12 1.29 -3.29
N GLY A 522 -23.36 1.77 -3.28
CA GLY A 522 -23.61 3.20 -3.17
C GLY A 522 -23.31 3.77 -1.80
N ILE A 523 -23.28 2.92 -0.77
CA ILE A 523 -22.98 3.37 0.58
C ILE A 523 -21.59 2.91 1.06
N VAL A 524 -21.01 1.87 0.47
CA VAL A 524 -19.67 1.39 0.83
C VAL A 524 -18.79 1.45 -0.41
N GLN A 525 -17.53 1.84 -0.22
CA GLN A 525 -16.64 2.07 -1.35
C GLN A 525 -16.04 0.76 -1.86
N ASN A 526 -15.41 -0.01 -0.99
CA ASN A 526 -14.68 -1.21 -1.43
C ASN A 526 -15.63 -2.26 -1.96
N PRO A 527 -15.47 -2.71 -3.21
CA PRO A 527 -16.39 -3.72 -3.76
C PRO A 527 -16.25 -5.08 -3.12
N ASN A 528 -15.06 -5.46 -2.65
CA ASN A 528 -14.89 -6.78 -2.06
C ASN A 528 -15.62 -6.91 -0.72
N ILE A 529 -15.62 -5.84 0.08
CA ILE A 529 -16.38 -5.85 1.33
C ILE A 529 -17.86 -6.02 1.03
N VAL A 530 -18.37 -5.31 0.03
CA VAL A 530 -19.78 -5.44 -0.34
C VAL A 530 -20.07 -6.86 -0.84
N ASN A 531 -19.17 -7.43 -1.63
CA ASN A 531 -19.36 -8.79 -2.12
C ASN A 531 -19.45 -9.78 -0.96
N SER A 532 -18.50 -9.70 -0.03
CA SER A 532 -18.51 -10.63 1.10
C SER A 532 -19.74 -10.43 1.98
N VAL A 533 -20.13 -9.18 2.21
CA VAL A 533 -21.30 -8.90 3.06
C VAL A 533 -22.56 -9.44 2.41
N VAL A 534 -22.73 -9.22 1.11
CA VAL A 534 -23.93 -9.72 0.44
C VAL A 534 -23.94 -11.25 0.38
N ALA A 535 -22.77 -11.88 0.21
CA ALA A 535 -22.73 -13.34 0.23
C ALA A 535 -23.13 -13.88 1.60
N LEU A 536 -22.60 -13.29 2.66
CA LEU A 536 -22.95 -13.73 4.01
C LEU A 536 -24.42 -13.47 4.30
N LEU A 537 -24.97 -12.34 3.84
CA LEU A 537 -26.37 -12.04 4.06
C LEU A 537 -27.27 -13.01 3.30
N SER A 538 -26.88 -13.37 2.07
CA SER A 538 -27.66 -14.35 1.32
C SER A 538 -27.61 -15.72 1.99
N ILE A 539 -26.44 -16.10 2.53
CA ILE A 539 -26.34 -17.34 3.28
C ILE A 539 -27.29 -17.32 4.47
N ALA A 540 -27.24 -16.25 5.26
CA ALA A 540 -28.11 -16.15 6.43
C ALA A 540 -29.58 -16.15 6.05
N GLY A 541 -29.93 -15.52 4.94
CA GLY A 541 -31.33 -15.45 4.54
C GLY A 541 -31.84 -16.80 4.05
N VAL A 542 -31.03 -17.51 3.26
CA VAL A 542 -31.47 -18.80 2.76
C VAL A 542 -31.45 -19.85 3.87
N LEU A 543 -30.66 -19.62 4.92
CA LEU A 543 -30.63 -20.56 6.03
C LEU A 543 -31.78 -20.32 7.02
N VAL A 544 -32.02 -19.06 7.38
CA VAL A 544 -33.04 -18.76 8.40
C VAL A 544 -34.41 -18.58 7.75
N GLY A 545 -34.47 -17.85 6.64
CA GLY A 545 -35.74 -17.56 5.98
C GLY A 545 -36.46 -18.79 5.48
N SER A 546 -35.76 -19.65 4.76
CA SER A 546 -36.39 -20.85 4.22
C SER A 546 -36.69 -21.85 5.33
N GLY A 547 -37.83 -22.52 5.20
CA GLY A 547 -38.20 -23.56 6.15
C GLY A 547 -37.69 -24.92 5.74
N PHE A 548 -36.64 -24.94 4.92
CA PHE A 548 -36.08 -26.20 4.45
C PHE A 548 -35.36 -26.94 5.56
N LEU A 549 -34.50 -26.22 6.31
CA LEU A 549 -33.61 -26.83 7.28
C LEU A 549 -33.89 -26.43 8.71
N ARG A 550 -34.97 -25.68 8.96
CA ARG A 550 -35.21 -25.19 10.31
C ARG A 550 -36.64 -25.40 10.83
N ASN A 551 -37.63 -25.59 9.96
CA ASN A 551 -39.03 -25.77 10.39
C ASN A 551 -39.49 -24.57 11.22
N ILE A 552 -39.60 -23.44 10.52
CA ILE A 552 -39.85 -22.11 11.09
C ILE A 552 -40.88 -22.13 12.20
N GLN A 553 -41.87 -23.02 12.11
CA GLN A 553 -42.85 -23.17 13.18
C GLN A 553 -42.23 -23.67 14.48
N GLU A 554 -40.94 -23.97 14.51
CA GLU A 554 -40.26 -24.40 15.73
C GLU A 554 -39.05 -23.55 16.09
N MET A 555 -38.59 -22.66 15.22
CA MET A 555 -37.44 -21.82 15.51
C MET A 555 -37.82 -20.77 16.56
N PRO A 556 -36.83 -20.21 17.26
CA PRO A 556 -37.13 -19.21 18.30
C PRO A 556 -37.82 -17.98 17.72
N ILE A 557 -38.35 -17.17 18.63
CA ILE A 557 -39.13 -15.98 18.30
C ILE A 557 -38.31 -14.96 17.51
N PRO A 558 -37.08 -14.61 17.94
CA PRO A 558 -36.33 -13.60 17.15
C PRO A 558 -36.05 -14.03 15.73
N PHE A 559 -35.63 -15.27 15.51
CA PHE A 559 -35.39 -15.74 14.15
C PHE A 559 -36.71 -15.85 13.37
N LYS A 560 -37.79 -16.22 14.05
CA LYS A 560 -39.08 -16.27 13.38
C LYS A 560 -39.54 -14.89 12.92
N ILE A 561 -39.21 -13.85 13.68
CA ILE A 561 -39.54 -12.50 13.28
C ILE A 561 -38.61 -12.00 12.18
N ILE A 562 -37.33 -12.34 12.26
CA ILE A 562 -36.38 -11.94 11.23
C ILE A 562 -36.74 -12.58 9.88
N SER A 563 -37.23 -13.83 9.91
CA SER A 563 -37.58 -14.51 8.67
C SER A 563 -38.73 -13.85 7.93
N TYR A 564 -39.53 -13.02 8.61
CA TYR A 564 -40.61 -12.31 7.94
C TYR A 564 -40.12 -11.14 7.10
N PHE A 565 -38.92 -10.62 7.38
CA PHE A 565 -38.35 -9.52 6.62
C PHE A 565 -37.44 -9.99 5.50
N THR A 566 -37.27 -11.31 5.33
CA THR A 566 -36.40 -11.86 4.30
C THR A 566 -37.24 -12.38 3.14
N PHE A 567 -36.77 -12.09 1.91
CA PHE A 567 -37.45 -12.57 0.73
C PHE A 567 -37.26 -14.06 0.51
N GLN A 568 -36.25 -14.66 1.15
CA GLN A 568 -36.00 -16.09 0.97
C GLN A 568 -37.17 -16.92 1.48
N LYS A 569 -37.83 -16.49 2.56
CA LYS A 569 -38.96 -17.23 3.09
C LYS A 569 -40.09 -17.33 2.06
N TYR A 570 -40.48 -16.18 1.49
CA TYR A 570 -41.53 -16.17 0.48
C TYR A 570 -41.10 -16.92 -0.77
N CYS A 571 -39.84 -16.79 -1.17
CA CYS A 571 -39.35 -17.51 -2.35
C CYS A 571 -39.47 -19.02 -2.15
N SER A 572 -39.00 -19.51 -0.99
CA SER A 572 -39.06 -20.94 -0.73
C SER A 572 -40.49 -21.43 -0.59
N GLU A 573 -41.37 -20.62 0.02
CA GLU A 573 -42.77 -21.00 0.11
C GLU A 573 -43.40 -21.14 -1.27
N ILE A 574 -43.14 -20.17 -2.15
CA ILE A 574 -43.68 -20.21 -3.51
C ILE A 574 -43.14 -21.44 -4.24
N LEU A 575 -41.84 -21.69 -4.11
CA LEU A 575 -41.24 -22.84 -4.80
C LEU A 575 -41.81 -24.15 -4.30
N VAL A 576 -42.03 -24.27 -2.98
CA VAL A 576 -42.59 -25.51 -2.43
C VAL A 576 -44.02 -25.70 -2.91
N VAL A 577 -44.83 -24.64 -2.86
CA VAL A 577 -46.22 -24.74 -3.31
C VAL A 577 -46.28 -25.06 -4.80
N ASN A 578 -45.32 -24.59 -5.58
CA ASN A 578 -45.34 -24.86 -7.01
C ASN A 578 -44.80 -26.24 -7.36
N GLU A 579 -43.90 -26.78 -6.55
CA GLU A 579 -43.27 -28.05 -6.88
C GLU A 579 -43.98 -29.26 -6.27
N PHE A 580 -44.31 -29.20 -4.98
CA PHE A 580 -44.84 -30.35 -4.27
C PHE A 580 -46.36 -30.40 -4.24
N TYR A 581 -47.04 -29.73 -5.17
CA TYR A 581 -48.50 -29.68 -5.14
C TYR A 581 -49.12 -30.92 -5.77
N GLY A 582 -48.81 -31.17 -7.04
CA GLY A 582 -49.52 -32.20 -7.79
C GLY A 582 -48.71 -33.41 -8.17
N LEU A 583 -47.88 -33.92 -7.26
CA LEU A 583 -47.11 -35.13 -7.50
C LEU A 583 -47.15 -36.02 -6.28
N ASN A 584 -47.06 -37.33 -6.51
CA ASN A 584 -47.08 -38.32 -5.45
C ASN A 584 -45.75 -39.06 -5.39
N PHE A 585 -45.42 -39.57 -4.22
CA PHE A 585 -44.19 -40.32 -4.00
C PHE A 585 -44.52 -41.76 -3.61
N THR A 586 -43.52 -42.63 -3.75
CA THR A 586 -43.63 -44.03 -3.37
C THR A 586 -42.50 -44.38 -2.42
N CYS A 587 -42.79 -45.30 -1.49
CA CYS A 587 -41.80 -45.71 -0.50
C CYS A 587 -40.77 -46.70 -1.06
N GLY A 588 -41.02 -47.29 -2.21
CA GLY A 588 -40.09 -48.23 -2.80
C GLY A 588 -40.56 -48.76 -4.15
N ASN A 597 -42.07 -46.04 6.61
CA ASN A 597 -42.27 -45.88 8.05
C ASN A 597 -41.24 -44.93 8.70
N PRO A 598 -39.94 -45.09 8.42
CA PRO A 598 -38.99 -44.12 8.98
C PRO A 598 -39.13 -42.74 8.36
N MET A 599 -39.31 -42.67 7.04
CA MET A 599 -39.53 -41.41 6.35
C MET A 599 -40.76 -41.40 5.46
N CYS A 600 -41.39 -42.55 5.23
CA CYS A 600 -42.58 -42.61 4.38
C CYS A 600 -43.83 -42.35 5.21
N PHE A 602 -43.81 -39.49 3.81
CA PHE A 602 -44.49 -38.56 2.93
C PHE A 602 -44.75 -39.18 1.56
N THR A 603 -45.86 -39.90 1.44
CA THR A 603 -46.24 -40.52 0.18
C THR A 603 -46.79 -39.54 -0.82
N GLN A 604 -47.23 -38.37 -0.38
CA GLN A 604 -47.74 -37.32 -1.25
C GLN A 604 -46.89 -36.06 -1.06
N GLY A 605 -47.29 -34.99 -1.76
CA GLY A 605 -46.59 -33.73 -1.66
C GLY A 605 -47.28 -32.74 -0.74
N ILE A 606 -48.60 -32.87 -0.61
CA ILE A 606 -49.35 -31.98 0.27
C ILE A 606 -48.92 -32.17 1.72
N GLN A 607 -48.58 -33.41 2.10
CA GLN A 607 -48.11 -33.65 3.46
C GLN A 607 -46.79 -32.93 3.73
N PHE A 608 -45.84 -33.02 2.78
CA PHE A 608 -44.58 -32.31 2.95
C PHE A 608 -44.78 -30.80 2.92
N ILE A 609 -45.74 -30.32 2.13
CA ILE A 609 -46.03 -28.88 2.12
C ILE A 609 -46.54 -28.44 3.49
N GLU A 610 -47.52 -29.17 4.04
CA GLU A 610 -48.05 -28.82 5.36
C GLU A 610 -47.00 -28.97 6.45
N LYS A 611 -46.03 -29.87 6.25
CA LYS A 611 -44.96 -30.02 7.23
C LYS A 611 -44.00 -28.83 7.18
N THR A 612 -43.63 -28.41 5.97
CA THR A 612 -42.70 -27.28 5.84
C THR A 612 -43.41 -25.95 6.09
N CYS A 613 -44.42 -25.63 5.29
CA CYS A 613 -45.20 -24.40 5.44
C CYS A 613 -46.67 -24.72 5.30
N PRO A 614 -47.41 -24.80 6.42
CA PRO A 614 -48.81 -25.25 6.37
C PRO A 614 -49.71 -24.38 5.50
N GLY A 615 -49.77 -23.09 5.79
CA GLY A 615 -50.69 -22.21 5.10
C GLY A 615 -50.09 -21.44 3.94
N ALA A 616 -49.10 -22.03 3.28
CA ALA A 616 -48.46 -21.39 2.13
C ALA A 616 -49.19 -21.62 0.82
N THR A 617 -50.09 -22.61 0.77
CA THR A 617 -50.82 -22.89 -0.46
C THR A 617 -51.83 -21.78 -0.77
N SER A 618 -52.51 -21.28 0.26
CA SER A 618 -53.48 -20.21 0.09
C SER A 618 -52.86 -18.82 0.09
N ARG A 619 -51.54 -18.73 0.10
CA ARG A 619 -50.82 -17.46 0.08
C ARG A 619 -49.89 -17.39 -1.13
N PHE A 620 -50.34 -17.92 -2.27
CA PHE A 620 -49.52 -17.89 -3.48
C PHE A 620 -49.42 -16.46 -4.03
N THR A 621 -50.57 -15.86 -4.34
CA THR A 621 -50.57 -14.50 -4.88
C THR A 621 -50.03 -13.51 -3.87
N MET A 622 -50.30 -13.71 -2.59
CA MET A 622 -49.79 -12.81 -1.57
C MET A 622 -48.26 -12.87 -1.48
N ASN A 623 -47.70 -14.08 -1.47
CA ASN A 623 -46.25 -14.21 -1.44
C ASN A 623 -45.62 -13.65 -2.70
N PHE A 624 -46.26 -13.85 -3.86
CA PHE A 624 -45.75 -13.28 -5.09
C PHE A 624 -45.75 -11.75 -5.04
N LEU A 625 -46.83 -11.16 -4.54
CA LEU A 625 -46.91 -9.71 -4.43
C LEU A 625 -45.86 -9.17 -3.48
N ILE A 626 -45.62 -9.87 -2.36
CA ILE A 626 -44.59 -9.43 -1.42
C ILE A 626 -43.21 -9.53 -2.06
N LEU A 627 -42.94 -10.64 -2.74
CA LEU A 627 -41.64 -10.84 -3.37
C LEU A 627 -41.39 -9.81 -4.45
N TYR A 628 -42.43 -9.36 -5.14
CA TYR A 628 -42.27 -8.37 -6.19
C TYR A 628 -42.29 -6.93 -5.68
N SER A 629 -42.93 -6.68 -4.54
CA SER A 629 -42.90 -5.35 -3.94
C SER A 629 -41.66 -5.14 -3.08
N PHE A 630 -40.91 -6.21 -2.79
CA PHE A 630 -39.61 -6.05 -2.16
C PHE A 630 -38.65 -5.23 -3.01
N ILE A 631 -38.89 -5.15 -4.32
CA ILE A 631 -37.99 -4.48 -5.25
C ILE A 631 -38.15 -2.95 -5.20
N PRO A 632 -39.36 -2.39 -5.29
CA PRO A 632 -39.47 -0.92 -5.21
C PRO A 632 -39.00 -0.35 -3.89
N ALA A 633 -39.19 -1.07 -2.79
CA ALA A 633 -38.64 -0.62 -1.51
C ALA A 633 -37.12 -0.50 -1.59
N LEU A 634 -36.47 -1.49 -2.21
CA LEU A 634 -35.02 -1.43 -2.38
C LEU A 634 -34.61 -0.29 -3.31
N VAL A 635 -35.42 -0.01 -4.34
CA VAL A 635 -35.10 1.10 -5.24
C VAL A 635 -35.18 2.43 -4.50
N ILE A 636 -36.21 2.61 -3.68
CA ILE A 636 -36.34 3.84 -2.91
C ILE A 636 -35.22 3.95 -1.88
N LEU A 637 -34.86 2.83 -1.25
CA LEU A 637 -33.75 2.83 -0.32
C LEU A 637 -32.44 3.20 -1.01
N GLY A 638 -32.23 2.72 -2.23
CA GLY A 638 -31.04 3.10 -2.97
C GLY A 638 -31.02 4.57 -3.35
N ILE A 639 -32.19 5.10 -3.73
CA ILE A 639 -32.29 6.53 -4.01
C ILE A 639 -31.90 7.34 -2.78
N VAL A 640 -32.44 6.97 -1.62
CA VAL A 640 -32.12 7.69 -0.38
C VAL A 640 -30.65 7.53 -0.03
N VAL A 641 -30.10 6.33 -0.22
CA VAL A 641 -28.70 6.09 0.10
C VAL A 641 -27.78 6.92 -0.80
N PHE A 642 -28.13 7.07 -2.08
CA PHE A 642 -27.32 7.89 -2.97
C PHE A 642 -27.47 9.38 -2.64
N LYS A 643 -28.67 9.81 -2.26
CA LYS A 643 -28.86 11.18 -1.82
C LYS A 643 -28.03 11.49 -0.58
N ILE A 644 -27.87 10.49 0.30
CA ILE A 644 -27.04 10.68 1.48
C ILE A 644 -25.55 10.66 1.10
N ARG A 645 -25.16 9.76 0.20
CA ARG A 645 -23.78 9.70 -0.28
C ARG A 645 -23.36 11.01 -0.92
N ASP A 646 -24.28 11.70 -1.58
CA ASP A 646 -23.97 12.99 -2.20
C ASP A 646 -23.41 13.99 -1.20
N HIS A 647 -23.70 13.83 0.09
CA HIS A 647 -23.29 14.79 1.10
C HIS A 647 -22.09 14.34 1.93
N LEU A 648 -21.50 13.18 1.64
CA LEU A 648 -20.39 12.68 2.44
C LEU A 648 -19.11 12.46 1.62
N ILE A 649 -19.10 12.85 0.35
CA ILE A 649 -17.88 12.75 -0.44
C ILE A 649 -17.48 14.13 -0.96
N ASP B 25 23.07 23.47 -2.53
CA ASP B 25 23.61 22.38 -1.73
C ASP B 25 23.62 22.73 -0.24
N ARG B 26 23.39 24.01 0.05
CA ARG B 26 23.37 24.50 1.42
C ARG B 26 21.97 24.51 2.02
N LEU B 27 20.95 24.13 1.26
CA LEU B 27 19.58 24.16 1.77
C LEU B 27 19.23 22.87 2.52
N PHE B 28 19.89 21.77 2.20
CA PHE B 28 19.61 20.50 2.85
C PHE B 28 20.40 20.37 4.15
N SER B 29 20.27 19.21 4.78
CA SER B 29 20.99 18.96 6.02
C SER B 29 22.49 18.91 5.78
N SER B 30 23.25 19.51 6.71
CA SER B 30 24.69 19.53 6.60
C SER B 30 25.41 19.05 7.85
N GLU B 31 24.71 18.91 8.97
CA GLU B 31 25.30 18.41 10.21
C GLU B 31 25.02 16.91 10.38
N SER B 32 25.63 16.11 9.52
CA SER B 32 25.49 14.66 9.57
C SER B 32 26.83 14.03 9.95
N ASP B 33 26.84 12.69 9.99
CA ASP B 33 28.03 11.93 10.36
C ASP B 33 28.58 11.28 9.10
N ASN B 34 29.75 11.73 8.66
CA ASN B 34 30.39 11.22 7.45
C ASN B 34 31.28 10.01 7.73
N SER B 35 31.05 9.32 8.85
CA SER B 35 31.81 8.13 9.20
C SER B 35 31.23 6.90 8.52
N LEU B 36 32.10 5.91 8.28
CA LEU B 36 31.72 4.64 7.70
C LEU B 36 31.91 3.57 8.76
N TYR B 37 30.80 3.07 9.31
CA TYR B 37 30.84 2.09 10.38
C TYR B 37 30.82 0.65 9.90
N PHE B 38 30.31 0.40 8.69
CA PHE B 38 30.23 -0.95 8.13
C PHE B 38 30.75 -0.89 6.69
N THR B 39 32.05 -1.11 6.52
CA THR B 39 32.69 -1.11 5.22
C THR B 39 32.92 -2.54 4.75
N TYR B 40 33.09 -2.68 3.43
CA TYR B 40 33.34 -3.98 2.82
C TYR B 40 34.84 -4.24 2.78
N SER B 41 35.27 -5.28 3.49
CA SER B 41 36.67 -5.66 3.55
C SER B 41 36.90 -6.88 2.65
N GLY B 42 37.71 -6.71 1.62
CA GLY B 42 37.99 -7.78 0.70
C GLY B 42 38.47 -7.24 -0.63
N GLN B 43 38.52 -8.15 -1.60
CA GLN B 43 38.96 -7.78 -2.94
C GLN B 43 37.93 -6.87 -3.60
N PRO B 44 38.37 -5.89 -4.40
CA PRO B 44 37.42 -4.99 -5.06
C PRO B 44 36.63 -5.73 -6.14
N ASN B 45 35.31 -5.51 -6.14
CA ASN B 45 34.45 -6.14 -7.12
C ASN B 45 34.40 -5.32 -8.40
N THR B 46 34.12 -6.00 -9.51
CA THR B 46 34.07 -5.39 -10.83
C THR B 46 32.86 -5.92 -11.59
N LEU B 47 32.31 -5.06 -12.45
CA LEU B 47 31.16 -5.43 -13.27
C LEU B 47 31.34 -4.83 -14.65
N GLU B 48 31.46 -5.69 -15.67
CA GLU B 48 31.74 -5.24 -17.03
C GLU B 48 30.69 -5.82 -17.97
N VAL B 49 29.95 -4.95 -18.65
CA VAL B 49 28.96 -5.35 -19.64
C VAL B 49 29.50 -4.99 -21.02
N ARG B 50 29.67 -5.99 -21.86
CA ARG B 50 30.32 -5.82 -23.16
C ARG B 50 29.34 -6.17 -24.28
N ASP B 51 28.97 -5.16 -25.07
CA ASP B 51 28.19 -5.34 -26.29
C ASP B 51 26.87 -6.07 -26.02
N LEU B 52 26.19 -5.66 -24.95
CA LEU B 52 24.90 -6.26 -24.63
C LEU B 52 23.84 -5.79 -25.62
N ASN B 53 23.04 -6.74 -26.11
CA ASN B 53 21.96 -6.46 -27.05
C ASN B 53 20.71 -7.17 -26.53
N TYR B 54 19.95 -6.48 -25.69
CA TYR B 54 18.76 -7.02 -25.07
C TYR B 54 17.52 -6.63 -25.88
N GLN B 55 16.73 -7.63 -26.25
CA GLN B 55 15.52 -7.42 -27.04
C GLN B 55 14.35 -8.12 -26.36
N VAL B 56 13.15 -7.64 -26.67
CA VAL B 56 11.91 -8.18 -26.12
C VAL B 56 11.93 -8.16 -24.60
N GLY B 87 14.53 -2.15 -26.02
CA GLY B 87 15.50 -2.63 -26.98
C GLY B 87 16.90 -2.10 -26.74
N ILE B 88 17.60 -2.71 -25.78
CA ILE B 88 18.97 -2.29 -25.46
C ILE B 88 19.89 -2.69 -26.61
N GLN B 89 20.69 -1.73 -27.07
CA GLN B 89 21.57 -1.92 -28.23
C GLN B 89 22.97 -1.45 -27.88
N ASN B 90 23.94 -2.37 -27.95
CA ASN B 90 25.36 -2.06 -27.80
C ASN B 90 25.69 -1.41 -26.46
N LEU B 91 25.13 -1.93 -25.37
CA LEU B 91 25.47 -1.44 -24.05
C LEU B 91 26.81 -2.01 -23.61
N SER B 92 27.69 -1.14 -23.11
CA SER B 92 29.02 -1.57 -22.68
C SER B 92 29.56 -0.56 -21.68
N PHE B 93 29.84 -1.03 -20.46
CA PHE B 93 30.47 -0.20 -19.44
C PHE B 93 31.27 -1.11 -18.51
N LYS B 94 32.05 -0.47 -17.64
CA LYS B 94 32.89 -1.22 -16.70
C LYS B 94 32.98 -0.41 -15.41
N VAL B 95 32.41 -0.93 -14.34
CA VAL B 95 32.41 -0.27 -13.04
C VAL B 95 33.22 -1.10 -12.05
N ARG B 96 33.89 -0.41 -11.13
CA ARG B 96 34.71 -1.02 -10.10
C ARG B 96 34.16 -0.63 -8.73
N SER B 97 34.71 -1.26 -7.69
CA SER B 97 34.31 -0.98 -6.32
C SER B 97 34.79 0.41 -5.92
N GLY B 98 33.88 1.20 -5.35
CA GLY B 98 34.18 2.56 -4.96
C GLY B 98 33.52 3.62 -5.81
N GLN B 99 32.72 3.24 -6.81
CA GLN B 99 32.05 4.17 -7.69
C GLN B 99 30.54 3.92 -7.66
N MET B 100 29.77 4.99 -7.79
CA MET B 100 28.32 4.94 -7.77
C MET B 100 27.82 5.25 -9.17
N LEU B 101 27.19 4.26 -9.81
CA LEU B 101 26.68 4.41 -11.17
C LEU B 101 25.17 4.62 -11.13
N ALA B 102 24.72 5.73 -11.72
CA ALA B 102 23.31 6.08 -11.78
C ALA B 102 22.87 6.02 -13.24
N ILE B 103 21.88 5.17 -13.53
CA ILE B 103 21.38 4.96 -14.88
C ILE B 103 20.20 5.90 -15.08
N ILE B 104 20.40 6.96 -15.84
CA ILE B 104 19.36 7.94 -16.10
C ILE B 104 18.81 7.72 -17.50
N GLY B 105 17.60 8.24 -17.72
CA GLY B 105 16.89 8.04 -18.98
C GLY B 105 15.89 6.92 -18.88
N SER B 106 15.63 6.24 -20.00
CA SER B 106 14.72 5.10 -20.01
C SER B 106 15.42 3.88 -19.41
N SER B 107 15.30 3.70 -18.10
CA SER B 107 15.96 2.62 -17.39
C SER B 107 15.19 1.30 -17.45
N GLY B 108 14.24 1.16 -18.38
CA GLY B 108 13.49 -0.06 -18.51
C GLY B 108 13.38 -0.47 -19.97
N CYS B 109 13.04 -1.74 -20.16
CA CYS B 109 12.88 -2.32 -21.49
C CYS B 109 11.58 -3.11 -21.55
N GLY B 110 10.50 -2.51 -21.05
CA GLY B 110 9.22 -3.16 -21.02
C GLY B 110 8.81 -3.59 -19.63
N ARG B 111 8.86 -4.90 -19.38
CA ARG B 111 8.48 -5.45 -18.08
C ARG B 111 9.66 -5.63 -17.13
N ALA B 112 10.89 -5.68 -17.64
CA ALA B 112 12.07 -5.87 -16.83
C ALA B 112 13.01 -4.69 -17.01
N SER B 113 13.49 -4.15 -15.90
CA SER B 113 14.42 -3.02 -15.94
C SER B 113 15.80 -3.50 -16.38
N LEU B 114 16.70 -2.52 -16.56
CA LEU B 114 18.07 -2.85 -16.96
C LEU B 114 18.82 -3.61 -15.87
N LEU B 115 18.57 -3.27 -14.60
CA LEU B 115 19.25 -3.95 -13.50
C LEU B 115 18.86 -5.42 -13.44
N ASP B 116 17.60 -5.74 -13.71
CA ASP B 116 17.18 -7.14 -13.75
C ASP B 116 17.84 -7.87 -14.92
N VAL B 117 18.06 -7.18 -16.03
CA VAL B 117 18.74 -7.78 -17.16
C VAL B 117 20.20 -8.06 -16.82
N ILE B 118 20.85 -7.13 -16.11
CA ILE B 118 22.25 -7.33 -15.74
C ILE B 118 22.38 -8.45 -14.72
N THR B 119 21.50 -8.47 -13.72
CA THR B 119 21.56 -9.50 -12.68
C THR B 119 21.06 -10.86 -13.16
N GLY B 120 20.54 -10.96 -14.37
CA GLY B 120 20.07 -12.21 -14.92
C GLY B 120 18.58 -12.46 -14.75
N ARG B 121 17.89 -11.62 -13.99
CA ARG B 121 16.46 -11.79 -13.77
C ARG B 121 15.70 -11.30 -15.01
N GLY B 122 14.38 -11.39 -14.95
CA GLY B 122 13.56 -10.97 -16.08
C GLY B 122 12.59 -12.04 -16.55
N HIS B 123 11.31 -11.68 -16.67
CA HIS B 123 10.28 -12.62 -17.09
C HIS B 123 9.98 -12.53 -18.59
N GLY B 124 10.35 -11.43 -19.22
CA GLY B 124 10.12 -11.28 -20.65
C GLY B 124 11.16 -11.97 -21.50
N GLY B 125 11.30 -11.55 -22.75
CA GLY B 125 12.29 -12.13 -23.63
C GLY B 125 13.70 -11.70 -23.25
N LYS B 126 14.65 -12.61 -23.49
CA LYS B 126 16.03 -12.35 -23.11
C LYS B 126 16.99 -12.72 -24.25
N ILE B 127 16.72 -12.24 -25.47
CA ILE B 127 17.67 -12.45 -26.57
C ILE B 127 19.00 -11.81 -26.19
N LYS B 128 20.03 -12.64 -26.07
CA LYS B 128 21.34 -12.21 -25.61
C LYS B 128 22.36 -12.28 -26.73
N SER B 129 23.17 -11.22 -26.83
CA SER B 129 24.26 -11.20 -27.81
C SER B 129 25.55 -10.60 -27.26
N GLY B 130 25.64 -10.40 -25.95
CA GLY B 130 26.84 -9.81 -25.36
C GLY B 130 27.37 -10.60 -24.18
N GLN B 131 28.22 -9.97 -23.38
CA GLN B 131 28.84 -10.63 -22.22
C GLN B 131 28.66 -9.78 -20.97
N ILE B 132 28.58 -10.45 -19.83
CA ILE B 132 28.46 -9.81 -18.53
C ILE B 132 29.46 -10.50 -17.60
N TRP B 133 30.53 -9.79 -17.24
CA TRP B 133 31.57 -10.33 -16.37
C TRP B 133 31.44 -9.70 -15.00
N ILE B 134 31.17 -10.53 -14.00
CA ILE B 134 31.12 -10.09 -12.61
C ILE B 134 32.36 -10.59 -11.89
N ASN B 135 33.17 -9.67 -11.36
CA ASN B 135 34.41 -9.97 -10.67
C ASN B 135 35.39 -10.73 -11.54
N GLY B 136 35.33 -10.54 -12.85
CA GLY B 136 36.22 -11.21 -13.78
C GLY B 136 35.74 -12.56 -14.26
N GLN B 137 34.54 -12.99 -13.87
CA GLN B 137 33.98 -14.26 -14.28
C GLN B 137 32.65 -14.06 -14.98
N PRO B 138 32.28 -14.93 -15.92
CA PRO B 138 30.99 -14.77 -16.61
C PRO B 138 29.83 -14.87 -15.63
N SER B 139 28.82 -14.04 -15.85
CA SER B 139 27.68 -13.97 -14.95
C SER B 139 26.88 -15.27 -14.99
N SER B 140 26.25 -15.59 -13.87
CA SER B 140 25.45 -16.79 -13.70
C SER B 140 24.55 -16.62 -12.49
N PRO B 141 23.42 -17.33 -12.41
CA PRO B 141 22.55 -17.20 -11.23
C PRO B 141 23.26 -17.51 -9.92
N GLN B 142 24.20 -18.47 -9.92
CA GLN B 142 24.95 -18.77 -8.71
C GLN B 142 25.82 -17.60 -8.30
N LEU B 143 26.58 -17.04 -9.25
CA LEU B 143 27.45 -15.91 -8.94
C LEU B 143 26.66 -14.68 -8.55
N VAL B 144 25.52 -14.45 -9.20
CA VAL B 144 24.68 -13.30 -8.86
C VAL B 144 24.10 -13.47 -7.45
N ARG B 145 23.64 -14.68 -7.12
CA ARG B 145 23.13 -14.93 -5.77
C ARG B 145 24.23 -14.82 -4.72
N LYS B 146 25.48 -15.15 -5.09
CA LYS B 146 26.58 -15.14 -4.14
C LYS B 146 27.15 -13.74 -3.92
N CYS B 147 27.19 -12.88 -4.94
CA CYS B 147 27.87 -11.60 -4.83
C CYS B 147 26.97 -10.39 -4.97
N VAL B 148 25.89 -10.48 -5.74
CA VAL B 148 25.07 -9.32 -6.08
C VAL B 148 23.85 -9.29 -5.16
N ALA B 149 23.59 -8.13 -4.56
CA ALA B 149 22.40 -7.90 -3.76
C ALA B 149 21.49 -6.93 -4.50
N HIS B 150 20.18 -7.14 -4.37
CA HIS B 150 19.18 -6.38 -5.12
C HIS B 150 18.22 -5.70 -4.15
N VAL B 151 17.96 -4.41 -4.40
CA VAL B 151 17.03 -3.62 -3.61
C VAL B 151 15.89 -3.22 -4.54
N ARG B 152 14.75 -3.87 -4.36
CA ARG B 152 13.58 -3.67 -5.20
C ARG B 152 12.92 -2.32 -4.88
N GLN B 153 12.01 -1.91 -5.77
CA GLN B 153 11.34 -0.63 -5.60
C GLN B 153 10.24 -0.71 -4.55
N HIS B 154 9.52 -1.82 -4.48
CA HIS B 154 8.44 -2.02 -3.53
C HIS B 154 8.98 -2.75 -2.31
N ASN B 155 8.69 -2.22 -1.13
CA ASN B 155 9.18 -2.83 0.11
C ASN B 155 8.33 -4.04 0.47
N GLN B 156 8.97 -5.04 1.10
CA GLN B 156 8.31 -6.26 1.57
C GLN B 156 8.84 -6.57 2.97
N LEU B 157 8.14 -6.05 3.99
CA LEU B 157 8.53 -6.23 5.37
C LEU B 157 7.29 -6.54 6.21
N LEU B 158 7.49 -7.36 7.24
CA LEU B 158 6.40 -7.66 8.16
C LEU B 158 6.11 -6.46 9.04
N PRO B 159 4.86 -5.98 9.09
CA PRO B 159 4.59 -4.72 9.79
C PRO B 159 4.60 -4.81 11.31
N ASN B 160 4.41 -6.00 11.88
CA ASN B 160 4.31 -6.15 13.33
C ASN B 160 5.65 -6.47 13.98
N LEU B 161 6.76 -6.20 13.29
CA LEU B 161 8.09 -6.45 13.82
C LEU B 161 8.89 -5.16 13.88
N THR B 162 9.72 -5.04 14.91
CA THR B 162 10.61 -3.90 15.02
C THR B 162 11.78 -4.06 14.05
N VAL B 163 12.59 -3.00 13.94
CA VAL B 163 13.73 -3.02 13.01
C VAL B 163 14.77 -4.02 13.49
N ARG B 164 15.12 -3.97 14.78
CA ARG B 164 16.16 -4.85 15.31
C ARG B 164 15.75 -6.32 15.21
N GLU B 165 14.47 -6.63 15.43
CA GLU B 165 14.02 -8.02 15.39
C GLU B 165 14.17 -8.60 14.00
N THR B 166 13.63 -7.89 12.99
CA THR B 166 13.71 -8.41 11.62
C THR B 166 15.15 -8.40 11.12
N LEU B 167 15.96 -7.43 11.57
CA LEU B 167 17.36 -7.43 11.17
C LEU B 167 18.11 -8.63 11.73
N ALA B 168 17.87 -8.96 13.01
CA ALA B 168 18.48 -10.14 13.60
C ALA B 168 17.99 -11.41 12.93
N PHE B 169 16.70 -11.44 12.55
CA PHE B 169 16.16 -12.60 11.86
C PHE B 169 16.86 -12.81 10.52
N ILE B 170 16.97 -11.75 9.72
CA ILE B 170 17.63 -11.86 8.42
C ILE B 170 19.11 -12.19 8.60
N ALA B 171 19.72 -11.68 9.67
CA ALA B 171 21.13 -11.97 9.91
C ALA B 171 21.35 -13.44 10.25
N GLN B 172 20.53 -13.99 11.14
CA GLN B 172 20.64 -15.39 11.50
C GLN B 172 20.15 -16.33 10.41
N MET B 173 19.37 -15.83 9.45
CA MET B 173 19.00 -16.64 8.29
C MET B 173 19.97 -16.51 7.13
N ARG B 174 20.85 -15.51 7.15
CA ARG B 174 21.81 -15.27 6.08
C ARG B 174 23.23 -15.65 6.46
N LEU B 175 23.68 -15.25 7.64
CA LEU B 175 25.04 -15.54 8.06
C LEU B 175 25.24 -17.03 8.28
N PRO B 176 26.45 -17.54 8.09
CA PRO B 176 26.70 -18.98 8.28
C PRO B 176 26.51 -19.41 9.72
N ARG B 177 26.38 -20.72 9.91
CA ARG B 177 26.16 -21.29 11.23
C ARG B 177 27.38 -21.20 12.14
N THR B 178 28.57 -20.92 11.59
CA THR B 178 29.78 -20.80 12.39
C THR B 178 29.85 -19.48 13.16
N PHE B 179 29.02 -18.51 12.81
CA PHE B 179 29.01 -17.22 13.50
C PHE B 179 28.26 -17.36 14.82
N SER B 180 28.90 -16.95 15.91
CA SER B 180 28.25 -16.98 17.21
C SER B 180 27.16 -15.92 17.29
N GLN B 181 26.36 -16.00 18.35
CA GLN B 181 25.29 -15.01 18.54
C GLN B 181 25.85 -13.61 18.71
N ALA B 182 26.97 -13.47 19.44
CA ALA B 182 27.57 -12.16 19.64
C ALA B 182 28.00 -11.54 18.33
N GLN B 183 28.56 -12.36 17.42
CA GLN B 183 28.95 -11.85 16.11
C GLN B 183 27.73 -11.40 15.31
N ARG B 184 26.62 -12.13 15.42
CA ARG B 184 25.41 -11.73 14.71
C ARG B 184 24.86 -10.42 15.25
N ASP B 185 24.83 -10.26 16.57
CA ASP B 185 24.37 -8.98 17.14
C ASP B 185 25.31 -7.84 16.76
N LYS B 186 26.62 -8.11 16.71
CA LYS B 186 27.57 -7.08 16.31
C LYS B 186 27.35 -6.68 14.85
N ARG B 187 27.08 -7.65 13.98
CA ARG B 187 26.78 -7.33 12.58
C ARG B 187 25.50 -6.51 12.47
N VAL B 188 24.48 -6.88 13.25
CA VAL B 188 23.23 -6.11 13.23
C VAL B 188 23.46 -4.69 13.71
N GLU B 189 24.27 -4.52 14.77
CA GLU B 189 24.56 -3.18 15.27
C GLU B 189 25.37 -2.37 14.26
N ASP B 190 26.31 -2.99 13.57
CA ASP B 190 27.07 -2.28 12.54
C ASP B 190 26.16 -1.84 11.40
N VAL B 191 25.24 -2.71 10.99
CA VAL B 191 24.30 -2.37 9.93
C VAL B 191 23.40 -1.22 10.38
N ILE B 192 22.98 -1.23 11.65
CA ILE B 192 22.12 -0.17 12.17
C ILE B 192 22.87 1.16 12.21
N ALA B 193 24.13 1.14 12.67
CA ALA B 193 24.89 2.37 12.80
C ALA B 193 25.32 2.91 11.44
N GLU B 194 25.49 2.04 10.45
CA GLU B 194 25.95 2.49 9.14
C GLU B 194 24.90 3.34 8.43
N LEU B 195 23.63 2.95 8.54
CA LEU B 195 22.54 3.65 7.86
C LEU B 195 21.81 4.64 8.76
N ARG B 196 22.40 5.01 9.90
CA ARG B 196 21.81 5.98 10.82
C ARG B 196 20.42 5.57 11.27
N LEU B 197 20.25 4.28 11.57
CA LEU B 197 18.98 3.74 12.05
C LEU B 197 19.01 3.44 13.55
N ARG B 198 19.81 4.18 14.31
CA ARG B 198 19.91 3.94 15.75
C ARG B 198 18.77 4.57 16.53
N GLN B 199 18.11 5.59 15.98
CA GLN B 199 16.96 6.21 16.64
C GLN B 199 15.66 5.47 16.35
N CYS B 200 15.69 4.43 15.52
CA CYS B 200 14.51 3.65 15.20
C CYS B 200 14.75 2.16 15.38
N ALA B 201 15.71 1.78 16.23
CA ALA B 201 16.02 0.37 16.46
C ALA B 201 14.92 -0.35 17.22
N ASP B 202 13.97 0.36 17.82
CA ASP B 202 12.87 -0.25 18.55
C ASP B 202 11.51 0.19 18.00
N THR B 203 11.47 0.96 16.92
CA THR B 203 10.22 1.40 16.34
C THR B 203 9.73 0.38 15.32
N ARG B 204 8.42 0.14 15.33
CA ARG B 204 7.82 -0.79 14.38
C ARG B 204 8.08 -0.34 12.95
N VAL B 205 8.31 -1.30 12.06
CA VAL B 205 8.64 -1.01 10.67
C VAL B 205 7.36 -1.08 9.83
N GLY B 206 6.22 -1.03 10.51
CA GLY B 206 4.92 -1.12 9.86
C GLY B 206 4.71 -0.17 8.71
N ASN B 207 4.13 -0.67 7.62
CA ASN B 207 3.83 0.13 6.44
C ASN B 207 2.50 0.86 6.66
N MET B 208 1.95 1.43 5.58
CA MET B 208 0.66 2.10 5.65
C MET B 208 -0.42 1.14 6.17
N TYR B 209 -1.48 1.72 6.73
CA TYR B 209 -2.51 1.13 7.56
C TYR B 209 -2.01 0.87 8.97
N VAL B 210 -0.72 1.06 9.24
CA VAL B 210 -0.15 0.95 10.58
C VAL B 210 0.69 2.20 10.82
N ARG B 211 0.92 2.51 12.09
CA ARG B 211 1.74 3.67 12.45
C ARG B 211 3.16 3.50 11.91
N GLY B 212 3.87 2.49 12.40
CA GLY B 212 5.19 2.17 11.88
C GLY B 212 6.14 3.34 11.93
N LEU B 213 6.99 3.45 10.91
CA LEU B 213 7.95 4.53 10.79
C LEU B 213 7.83 5.21 9.44
N SER B 214 8.78 6.10 9.12
CA SER B 214 8.71 6.91 7.91
C SER B 214 9.01 6.04 6.68
N GLY B 215 9.02 6.68 5.51
CA GLY B 215 9.29 5.99 4.27
C GLY B 215 10.77 5.83 3.98
N GLY B 216 11.53 6.91 4.17
CA GLY B 216 12.97 6.83 4.00
C GLY B 216 13.61 5.88 5.00
N GLU B 217 13.10 5.87 6.23
CA GLU B 217 13.59 4.90 7.21
C GLU B 217 13.24 3.47 6.81
N ARG B 218 12.09 3.26 6.17
CA ARG B 218 11.76 1.94 5.67
C ARG B 218 12.69 1.52 4.54
N ARG B 219 13.04 2.47 3.65
CA ARG B 219 14.01 2.18 2.60
C ARG B 219 15.37 1.84 3.19
N ARG B 220 15.78 2.56 4.24
CA ARG B 220 17.04 2.25 4.91
C ARG B 220 16.99 0.87 5.58
N VAL B 221 15.84 0.51 6.15
CA VAL B 221 15.71 -0.82 6.76
C VAL B 221 15.81 -1.90 5.69
N SER B 222 15.21 -1.67 4.52
CA SER B 222 15.33 -2.64 3.43
C SER B 222 16.77 -2.74 2.94
N ILE B 223 17.46 -1.60 2.84
CA ILE B 223 18.87 -1.61 2.42
C ILE B 223 19.72 -2.37 3.44
N GLY B 224 19.42 -2.20 4.74
CA GLY B 224 20.15 -2.94 5.75
C GLY B 224 19.86 -4.43 5.72
N VAL B 225 18.61 -4.80 5.43
CA VAL B 225 18.27 -6.21 5.27
C VAL B 225 19.03 -6.82 4.11
N GLN B 226 19.13 -6.07 3.00
CA GLN B 226 19.89 -6.54 1.83
C GLN B 226 21.39 -6.35 2.01
N LEU B 227 21.85 -5.73 3.09
CA LEU B 227 23.26 -5.47 3.32
C LEU B 227 23.82 -6.20 4.54
N LEU B 228 23.02 -7.05 5.18
CA LEU B 228 23.47 -7.72 6.40
C LEU B 228 24.61 -8.70 6.13
N TRP B 229 24.51 -9.44 5.03
CA TRP B 229 25.53 -10.44 4.69
C TRP B 229 26.76 -9.83 4.03
N ASN B 230 26.90 -8.51 4.08
CA ASN B 230 28.06 -7.78 3.56
C ASN B 230 28.30 -8.10 2.09
N PRO B 231 27.43 -7.67 1.19
CA PRO B 231 27.65 -7.93 -0.24
C PRO B 231 28.75 -7.04 -0.80
N GLY B 232 29.30 -7.47 -1.94
CA GLY B 232 30.32 -6.70 -2.63
C GLY B 232 29.75 -5.81 -3.70
N ILE B 233 28.59 -6.17 -4.24
CA ILE B 233 27.91 -5.39 -5.26
C ILE B 233 26.47 -5.22 -4.83
N LEU B 234 26.02 -3.96 -4.76
CA LEU B 234 24.64 -3.61 -4.43
C LEU B 234 24.00 -2.96 -5.65
N ILE B 235 22.75 -3.31 -5.91
CA ILE B 235 22.03 -2.82 -7.08
C ILE B 235 20.61 -2.48 -6.64
N LEU B 236 20.26 -1.18 -6.68
CA LEU B 236 18.98 -0.69 -6.21
C LEU B 236 18.22 -0.09 -7.39
N ASP B 237 16.95 -0.45 -7.54
CA ASP B 237 16.11 0.13 -8.59
C ASP B 237 15.09 1.07 -7.96
N GLU B 238 15.12 2.34 -8.38
CA GLU B 238 14.25 3.41 -7.89
C GLU B 238 14.30 3.50 -6.37
N PRO B 239 15.41 3.95 -5.78
CA PRO B 239 15.46 4.06 -4.31
C PRO B 239 14.65 5.23 -3.77
N THR B 240 14.51 6.31 -4.54
CA THR B 240 13.80 7.50 -4.09
C THR B 240 12.38 7.57 -4.63
N SER B 241 11.72 6.42 -4.78
CA SER B 241 10.37 6.36 -5.28
C SER B 241 9.39 6.61 -4.14
N GLY B 242 8.64 7.70 -4.23
CA GLY B 242 7.65 8.01 -3.21
C GLY B 242 8.20 8.63 -1.95
N LEU B 243 9.31 9.37 -2.05
CA LEU B 243 9.94 10.02 -0.91
C LEU B 243 10.03 11.52 -1.15
N ASP B 244 10.04 12.28 -0.05
CA ASP B 244 10.19 13.73 -0.13
C ASP B 244 11.59 14.10 -0.61
N SER B 245 11.78 15.38 -0.94
CA SER B 245 13.04 15.80 -1.56
C SER B 245 14.21 15.70 -0.58
N PHE B 246 14.02 16.15 0.65
CA PHE B 246 15.10 16.09 1.64
C PHE B 246 15.43 14.63 1.97
N THR B 247 14.43 13.79 2.11
CA THR B 247 14.67 12.37 2.37
C THR B 247 15.38 11.71 1.19
N ALA B 248 14.99 12.07 -0.03
CA ALA B 248 15.68 11.52 -1.20
C ALA B 248 17.12 11.97 -1.26
N HIS B 249 17.39 13.23 -0.91
CA HIS B 249 18.78 13.72 -0.88
C HIS B 249 19.59 12.98 0.17
N ASN B 250 19.02 12.78 1.36
CA ASN B 250 19.73 12.04 2.41
C ASN B 250 19.97 10.59 2.01
N LEU B 251 19.00 9.97 1.31
CA LEU B 251 19.19 8.59 0.88
C LEU B 251 20.25 8.50 -0.21
N VAL B 252 20.30 9.47 -1.12
CA VAL B 252 21.35 9.49 -2.12
C VAL B 252 22.71 9.69 -1.48
N LYS B 253 22.80 10.54 -0.46
CA LYS B 253 24.06 10.72 0.25
C LYS B 253 24.48 9.45 0.97
N THR B 254 23.51 8.74 1.57
CA THR B 254 23.82 7.48 2.25
C THR B 254 24.31 6.43 1.26
N LEU B 255 23.67 6.35 0.08
CA LEU B 255 24.10 5.40 -0.93
C LEU B 255 25.48 5.76 -1.47
N SER B 256 25.77 7.06 -1.60
CA SER B 256 27.12 7.48 -2.01
C SER B 256 28.15 7.11 -0.96
N ARG B 257 27.82 7.24 0.32
CA ARG B 257 28.73 6.81 1.38
C ARG B 257 28.95 5.30 1.34
N LEU B 258 27.88 4.55 1.10
CA LEU B 258 28.00 3.09 0.98
C LEU B 258 28.90 2.71 -0.18
N ALA B 259 28.74 3.40 -1.31
CA ALA B 259 29.61 3.13 -2.46
C ALA B 259 31.05 3.51 -2.15
N LYS B 260 31.26 4.60 -1.41
CA LYS B 260 32.61 5.00 -1.01
C LYS B 260 33.21 3.98 -0.05
N GLY B 261 32.39 3.26 0.70
CA GLY B 261 32.88 2.27 1.63
C GLY B 261 33.35 0.98 0.97
N ASN B 262 34.16 1.11 -0.08
CA ASN B 262 34.75 -0.04 -0.79
C ASN B 262 33.67 -0.97 -1.32
N ARG B 263 32.64 -0.40 -1.94
CA ARG B 263 31.54 -1.16 -2.52
C ARG B 263 31.27 -0.68 -3.95
N LEU B 264 30.43 -1.44 -4.65
CA LEU B 264 30.00 -1.09 -6.00
C LEU B 264 28.49 -0.97 -5.99
N VAL B 265 28.00 0.27 -6.03
CA VAL B 265 26.57 0.55 -5.91
C VAL B 265 26.05 1.03 -7.25
N LEU B 266 25.04 0.33 -7.76
CA LEU B 266 24.33 0.73 -8.97
C LEU B 266 22.93 1.21 -8.59
N ILE B 267 22.48 2.28 -9.23
CA ILE B 267 21.21 2.92 -8.91
C ILE B 267 20.43 3.15 -10.19
N SER B 268 19.15 2.77 -10.19
CA SER B 268 18.24 3.06 -11.29
C SER B 268 17.40 4.28 -10.92
N LEU B 269 17.39 5.29 -11.79
CA LEU B 269 16.61 6.49 -11.58
C LEU B 269 16.11 7.00 -12.92
N HIS B 270 14.80 6.92 -13.15
CA HIS B 270 14.24 7.37 -14.42
C HIS B 270 14.31 8.88 -14.54
N GLN B 271 13.74 9.60 -13.58
CA GLN B 271 13.71 11.07 -13.60
C GLN B 271 14.31 11.58 -12.30
N PRO B 272 15.63 11.74 -12.25
CA PRO B 272 16.26 12.28 -11.03
C PRO B 272 16.08 13.78 -10.93
N ARG B 273 16.03 14.27 -9.68
CA ARG B 273 15.85 15.69 -9.43
C ARG B 273 17.14 16.44 -9.73
N SER B 274 17.09 17.77 -9.57
CA SER B 274 18.26 18.59 -9.85
C SER B 274 19.33 18.43 -8.77
N ASP B 275 18.92 18.27 -7.51
CA ASP B 275 19.87 18.09 -6.42
C ASP B 275 20.39 16.66 -6.34
N ILE B 276 19.58 15.68 -6.78
CA ILE B 276 20.04 14.30 -6.79
C ILE B 276 21.11 14.11 -7.86
N PHE B 277 20.94 14.77 -9.01
CA PHE B 277 21.90 14.64 -10.09
C PHE B 277 23.27 15.22 -9.75
N ARG B 278 23.32 16.19 -8.83
CA ARG B 278 24.58 16.81 -8.46
C ARG B 278 25.44 15.90 -7.58
N LEU B 279 24.86 14.88 -6.96
CA LEU B 279 25.60 13.95 -6.12
C LEU B 279 26.04 12.70 -6.86
N PHE B 280 25.77 12.61 -8.15
CA PHE B 280 26.13 11.42 -8.91
C PHE B 280 27.64 11.36 -9.15
N ASP B 281 28.22 10.18 -8.90
CA ASP B 281 29.64 9.97 -9.17
C ASP B 281 29.83 9.65 -10.65
N LEU B 282 29.18 8.58 -11.11
CA LEU B 282 29.18 8.20 -12.52
C LEU B 282 27.74 8.09 -13.01
N VAL B 283 27.50 8.57 -14.22
CA VAL B 283 26.16 8.60 -14.80
C VAL B 283 26.17 7.87 -16.14
N LEU B 284 25.07 7.20 -16.43
CA LEU B 284 24.88 6.46 -17.68
C LEU B 284 23.55 6.89 -18.29
N LEU B 285 23.61 7.68 -19.35
CA LEU B 285 22.42 8.17 -20.03
C LEU B 285 21.98 7.15 -21.07
N MET B 286 20.75 6.64 -20.95
CA MET B 286 20.21 5.68 -21.88
C MET B 286 18.86 6.14 -22.41
N THR B 287 18.72 6.17 -23.73
CA THR B 287 17.47 6.54 -24.39
C THR B 287 17.18 5.53 -25.47
N SER B 288 15.95 5.01 -25.49
CA SER B 288 15.55 3.97 -26.45
C SER B 288 16.48 2.77 -26.39
N GLY B 289 16.94 2.44 -25.19
CA GLY B 289 17.85 1.35 -24.98
C GLY B 289 19.27 1.60 -25.44
N THR B 290 19.56 2.77 -26.00
CA THR B 290 20.91 3.06 -26.49
C THR B 290 21.62 4.02 -25.55
N PRO B 291 22.89 3.75 -25.24
CA PRO B 291 23.66 4.68 -24.39
C PRO B 291 24.11 5.90 -25.19
N ILE B 292 23.89 7.09 -24.63
CA ILE B 292 24.27 8.32 -25.28
C ILE B 292 25.49 8.92 -24.58
N TYR B 293 25.54 8.76 -23.26
CA TYR B 293 26.66 9.30 -22.48
C TYR B 293 26.97 8.33 -21.34
N LEU B 294 28.25 8.26 -20.99
CA LEU B 294 28.70 7.40 -19.90
C LEU B 294 29.98 8.01 -19.31
N GLY B 295 29.88 8.52 -18.09
CA GLY B 295 31.03 9.12 -17.44
C GLY B 295 30.61 9.92 -16.23
N ALA B 296 31.46 10.88 -15.87
CA ALA B 296 31.16 11.74 -14.73
C ALA B 296 29.98 12.65 -15.03
N ALA B 297 29.15 12.90 -14.01
CA ALA B 297 27.98 13.74 -14.20
C ALA B 297 28.38 15.21 -14.32
N GLN B 298 29.32 15.66 -13.48
CA GLN B 298 29.73 17.06 -13.49
C GLN B 298 30.33 17.49 -14.82
N HIS B 299 30.86 16.56 -15.61
CA HIS B 299 31.38 16.88 -16.94
C HIS B 299 30.39 16.56 -18.05
N MET B 300 29.22 16.00 -17.72
CA MET B 300 28.25 15.59 -18.73
C MET B 300 27.93 16.74 -19.69
N VAL B 301 27.50 17.87 -19.15
CA VAL B 301 27.25 19.05 -19.98
C VAL B 301 28.49 19.42 -20.76
N GLN B 302 29.65 19.42 -20.08
CA GLN B 302 30.91 19.74 -20.74
C GLN B 302 31.16 18.82 -21.94
N TYR B 303 30.62 17.60 -21.89
CA TYR B 303 30.72 16.71 -23.05
C TYR B 303 29.83 17.19 -24.18
N PHE B 304 28.56 17.46 -23.89
CA PHE B 304 27.61 17.79 -24.96
C PHE B 304 27.95 19.12 -25.61
N THR B 305 28.40 20.10 -24.83
CA THR B 305 28.85 21.36 -25.40
C THR B 305 30.01 21.15 -26.37
N ALA B 306 30.76 20.07 -26.19
CA ALA B 306 31.86 19.76 -27.08
C ALA B 306 31.39 19.21 -28.44
N ILE B 307 30.14 18.76 -28.54
CA ILE B 307 29.63 18.21 -29.78
C ILE B 307 28.48 19.04 -30.34
N GLY B 308 28.43 20.33 -30.00
CA GLY B 308 27.42 21.21 -30.53
C GLY B 308 26.04 21.01 -29.93
N TYR B 309 25.99 20.80 -28.61
CA TYR B 309 24.73 20.64 -27.91
C TYR B 309 24.82 21.27 -26.52
N PRO B 310 24.87 22.59 -26.42
CA PRO B 310 24.99 23.22 -25.10
C PRO B 310 23.67 23.17 -24.34
N CYS B 311 23.78 23.08 -23.02
CA CYS B 311 22.61 23.06 -22.16
C CYS B 311 22.34 24.47 -21.65
N PRO B 312 21.15 25.03 -21.88
CA PRO B 312 20.88 26.39 -21.43
C PRO B 312 20.83 26.49 -19.91
N ARG B 313 21.15 27.68 -19.41
CA ARG B 313 21.11 27.91 -17.97
C ARG B 313 19.68 27.81 -17.45
N TYR B 314 19.57 27.62 -16.13
CA TYR B 314 18.27 27.48 -15.46
C TYR B 314 17.46 26.32 -16.04
N SER B 315 18.12 25.17 -16.17
CA SER B 315 17.49 23.99 -16.73
C SER B 315 18.21 22.75 -16.23
N ASN B 316 17.45 21.76 -15.75
CA ASN B 316 18.04 20.53 -15.27
C ASN B 316 18.77 19.83 -16.42
N PRO B 317 20.07 19.58 -16.29
CA PRO B 317 20.79 18.89 -17.38
C PRO B 317 20.25 17.52 -17.69
N ALA B 318 19.93 16.71 -16.69
CA ALA B 318 19.38 15.39 -16.94
C ALA B 318 18.06 15.47 -17.71
N ASP B 319 17.15 16.34 -17.26
CA ASP B 319 15.87 16.49 -17.95
C ASP B 319 16.06 17.03 -19.36
N PHE B 320 16.96 18.00 -19.53
CA PHE B 320 17.18 18.60 -20.84
C PHE B 320 17.78 17.59 -21.82
N TYR B 321 18.60 16.66 -21.32
CA TYR B 321 19.23 15.69 -22.19
C TYR B 321 18.40 14.44 -22.40
N VAL B 322 17.44 14.16 -21.52
CA VAL B 322 16.51 13.06 -21.79
C VAL B 322 15.33 13.54 -22.61
N ASP B 323 15.09 14.86 -22.65
CA ASP B 323 14.03 15.40 -23.49
C ASP B 323 14.49 15.64 -24.92
N LEU B 324 15.79 15.90 -25.12
CA LEU B 324 16.29 16.21 -26.46
C LEU B 324 16.44 14.95 -27.30
N THR B 325 16.96 13.86 -26.71
CA THR B 325 17.25 12.64 -27.44
C THR B 325 16.16 11.59 -27.29
N SER B 326 14.97 11.99 -26.85
CA SER B 326 13.85 11.07 -26.72
C SER B 326 13.11 10.93 -28.04
N ILE B 327 12.75 9.70 -28.38
CA ILE B 327 11.96 9.45 -29.59
C ILE B 327 10.52 9.85 -29.33
N ASP B 328 9.92 10.53 -30.31
CA ASP B 328 8.57 11.05 -30.17
C ASP B 328 7.59 10.09 -30.82
N ARG B 329 6.59 9.66 -30.06
CA ARG B 329 5.62 8.69 -30.54
C ARG B 329 4.28 9.31 -30.92
N ARG B 330 4.10 10.62 -30.73
CA ARG B 330 2.85 11.25 -31.14
C ARG B 330 2.72 11.31 -32.66
N SER B 331 3.85 11.37 -33.36
CA SER B 331 3.87 11.47 -34.82
C SER B 331 4.66 10.30 -35.41
N ARG B 332 4.77 10.29 -36.74
CA ARG B 332 5.52 9.24 -37.43
C ARG B 332 6.70 9.86 -38.19
N GLU B 333 6.52 11.09 -38.68
CA GLU B 333 7.62 11.78 -39.35
C GLU B 333 8.65 12.31 -38.36
N GLN B 334 8.28 12.52 -37.10
CA GLN B 334 9.24 12.95 -36.10
C GLN B 334 9.89 11.78 -35.37
N GLU B 335 9.27 10.59 -35.44
CA GLU B 335 9.86 9.41 -34.81
C GLU B 335 11.27 9.16 -35.32
N LEU B 336 11.41 8.94 -36.63
CA LEU B 336 12.74 8.75 -37.20
C LEU B 336 13.55 10.03 -37.18
N ALA B 337 12.89 11.19 -37.19
CA ALA B 337 13.60 12.46 -37.13
C ALA B 337 14.36 12.62 -35.82
N THR B 338 13.85 12.04 -34.73
CA THR B 338 14.59 12.02 -33.47
C THR B 338 15.45 10.78 -33.33
N ARG B 339 15.04 9.66 -33.93
CA ARG B 339 15.85 8.45 -33.90
C ARG B 339 17.19 8.66 -34.60
N GLU B 340 17.22 9.44 -35.68
CA GLU B 340 18.48 9.70 -36.37
C GLU B 340 19.43 10.52 -35.48
N LYS B 341 18.90 11.51 -34.76
CA LYS B 341 19.73 12.27 -33.83
C LYS B 341 20.25 11.38 -32.71
N ALA B 342 19.39 10.52 -32.16
CA ALA B 342 19.82 9.60 -31.12
C ALA B 342 20.91 8.67 -31.63
N GLN B 343 20.76 8.15 -32.85
CA GLN B 343 21.74 7.23 -33.40
C GLN B 343 23.06 7.93 -33.69
N SER B 344 23.01 9.18 -34.19
CA SER B 344 24.24 9.91 -34.43
C SER B 344 24.96 10.21 -33.12
N LEU B 345 24.22 10.58 -32.08
CA LEU B 345 24.85 10.83 -30.78
C LEU B 345 25.45 9.55 -30.22
N ALA B 346 24.75 8.42 -30.37
CA ALA B 346 25.30 7.15 -29.92
C ALA B 346 26.56 6.78 -30.69
N ALA B 347 26.59 7.07 -31.99
CA ALA B 347 27.78 6.80 -32.79
C ALA B 347 28.95 7.67 -32.35
N LEU B 348 28.70 8.96 -32.09
CA LEU B 348 29.78 9.82 -31.62
C LEU B 348 30.26 9.40 -30.24
N PHE B 349 29.37 8.89 -29.39
CA PHE B 349 29.78 8.42 -28.07
C PHE B 349 30.61 7.13 -28.19
N LEU B 350 30.21 6.23 -29.08
CA LEU B 350 30.96 4.98 -29.26
C LEU B 350 32.32 5.23 -29.88
N GLU B 351 32.40 6.19 -30.81
CA GLU B 351 33.67 6.51 -31.45
C GLU B 351 34.57 7.38 -30.57
N LYS B 352 34.02 8.01 -29.53
CA LYS B 352 34.83 8.83 -28.65
C LYS B 352 35.63 7.98 -27.67
N VAL B 353 35.06 6.86 -27.22
CA VAL B 353 35.75 5.98 -26.29
C VAL B 353 36.55 4.92 -27.04
N MET B 392 24.97 -24.10 5.82
CA MET B 392 25.09 -22.72 6.27
C MET B 392 23.86 -21.90 5.88
N PRO B 393 22.96 -21.67 6.85
CA PRO B 393 23.09 -22.17 8.23
C PRO B 393 22.55 -23.59 8.42
N GLY B 394 21.59 -23.98 7.59
CA GLY B 394 21.01 -25.30 7.67
C GLY B 394 19.53 -25.24 7.30
N ALA B 395 18.83 -26.30 7.69
CA ALA B 395 17.39 -26.42 7.45
C ALA B 395 16.55 -26.29 8.70
N VAL B 396 16.94 -26.96 9.80
CA VAL B 396 16.18 -26.85 11.04
C VAL B 396 16.28 -25.45 11.62
N GLN B 397 17.46 -24.83 11.54
CA GLN B 397 17.61 -23.45 12.02
C GLN B 397 16.78 -22.49 11.19
N GLN B 398 16.74 -22.68 9.87
CA GLN B 398 15.91 -21.84 9.02
C GLN B 398 14.43 -22.02 9.34
N PHE B 399 14.00 -23.26 9.57
CA PHE B 399 12.62 -23.52 9.94
C PHE B 399 12.26 -22.85 11.26
N THR B 400 13.16 -22.94 12.25
CA THR B 400 12.92 -22.32 13.54
C THR B 400 12.84 -20.81 13.42
N THR B 401 13.75 -20.21 12.67
CA THR B 401 13.73 -18.76 12.47
C THR B 401 12.45 -18.33 11.77
N LEU B 402 12.03 -19.07 10.74
CA LEU B 402 10.83 -18.70 10.00
C LEU B 402 9.58 -18.81 10.88
N ILE B 403 9.46 -19.90 11.65
CA ILE B 403 8.27 -20.06 12.48
C ILE B 403 8.27 -19.03 13.61
N ARG B 404 9.43 -18.69 14.15
CA ARG B 404 9.48 -17.68 15.20
C ARG B 404 9.11 -16.30 14.65
N ARG B 405 9.62 -15.96 13.46
CA ARG B 405 9.25 -14.70 12.84
C ARG B 405 7.76 -14.64 12.55
N GLN B 406 7.19 -15.73 12.04
CA GLN B 406 5.76 -15.77 11.75
C GLN B 406 4.93 -15.61 13.02
N ILE B 407 5.33 -16.31 14.09
CA ILE B 407 4.60 -16.22 15.35
C ILE B 407 4.69 -14.80 15.90
N SER B 408 5.88 -14.19 15.86
CA SER B 408 6.02 -12.82 16.36
C SER B 408 5.27 -11.82 15.51
N ASN B 409 5.06 -12.13 14.22
CA ASN B 409 4.35 -11.21 13.35
C ASN B 409 2.83 -11.30 13.49
N ASP B 410 2.27 -12.51 13.51
CA ASP B 410 0.81 -12.62 13.55
C ASP B 410 0.24 -12.45 14.95
N PHE B 411 1.00 -12.79 15.99
CA PHE B 411 0.50 -12.64 17.35
C PHE B 411 0.46 -11.18 17.81
N ARG B 412 1.01 -10.25 17.04
CA ARG B 412 0.95 -8.84 17.36
C ARG B 412 -0.04 -8.07 16.51
N ASP B 413 -0.72 -8.75 15.57
CA ASP B 413 -1.71 -8.12 14.71
C ASP B 413 -3.08 -8.30 15.37
N LEU B 414 -3.38 -7.40 16.30
CA LEU B 414 -4.62 -7.44 17.08
C LEU B 414 -5.87 -7.24 16.22
N PRO B 415 -5.89 -6.30 15.27
CA PRO B 415 -7.12 -6.13 14.46
C PRO B 415 -7.55 -7.38 13.71
N THR B 416 -6.62 -8.06 13.03
CA THR B 416 -7.00 -9.24 12.25
C THR B 416 -7.45 -10.38 13.15
N LEU B 417 -6.75 -10.60 14.27
CA LEU B 417 -7.15 -11.64 15.20
C LEU B 417 -8.53 -11.35 15.80
N LEU B 418 -8.79 -10.09 16.14
CA LEU B 418 -10.09 -9.72 16.68
C LEU B 418 -11.19 -9.90 15.63
N ILE B 419 -10.89 -9.58 14.37
CA ILE B 419 -11.88 -9.75 13.31
C ILE B 419 -12.18 -11.23 13.12
N HIS B 420 -11.15 -12.08 13.10
CA HIS B 420 -11.37 -13.51 12.96
C HIS B 420 -12.17 -14.07 14.13
N GLY B 421 -11.84 -13.64 15.35
CA GLY B 421 -12.61 -14.08 16.51
C GLY B 421 -14.05 -13.61 16.45
N ALA B 422 -14.28 -12.40 15.93
CA ALA B 422 -15.64 -11.91 15.77
C ALA B 422 -16.43 -12.75 14.76
N GLU B 423 -15.80 -13.08 13.63
CA GLU B 423 -16.46 -13.96 12.65
C GLU B 423 -16.79 -15.31 13.27
N ALA B 424 -15.83 -15.90 13.98
CA ALA B 424 -16.06 -17.20 14.61
C ALA B 424 -17.21 -17.13 15.62
N CYS B 425 -17.21 -16.09 16.47
CA CYS B 425 -18.24 -15.96 17.48
C CYS B 425 -19.60 -15.73 16.85
N LEU B 426 -19.67 -14.90 15.80
CA LEU B 426 -20.94 -14.66 15.14
C LEU B 426 -21.48 -15.93 14.50
N MET B 427 -20.62 -16.67 13.77
CA MET B 427 -21.05 -17.93 13.18
C MET B 427 -21.56 -18.89 14.24
N SER B 428 -20.79 -19.05 15.32
CA SER B 428 -21.19 -19.99 16.38
C SER B 428 -22.51 -19.57 17.02
N MET B 429 -22.69 -18.26 17.25
CA MET B 429 -23.89 -17.79 17.93
C MET B 429 -25.13 -17.96 17.05
N THR B 430 -25.05 -17.57 15.78
CA THR B 430 -26.19 -17.78 14.89
C THR B 430 -26.51 -19.25 14.71
N ILE B 431 -25.48 -20.10 14.59
CA ILE B 431 -25.73 -21.52 14.40
C ILE B 431 -26.35 -22.14 15.65
N GLY B 432 -25.93 -21.71 16.84
CA GLY B 432 -26.46 -22.27 18.06
C GLY B 432 -27.82 -21.73 18.45
N PHE B 433 -28.12 -20.49 18.07
CA PHE B 433 -29.42 -19.91 18.41
C PHE B 433 -30.49 -20.26 17.38
N LEU B 434 -30.10 -20.47 16.12
CA LEU B 434 -31.07 -20.93 15.13
C LEU B 434 -31.53 -22.35 15.42
N TYR B 435 -30.63 -23.19 15.94
CA TYR B 435 -30.92 -24.58 16.28
C TYR B 435 -30.93 -24.78 17.79
N PHE B 436 -31.47 -23.81 18.53
CA PHE B 436 -31.53 -23.88 19.98
C PHE B 436 -32.33 -25.09 20.44
N GLY B 437 -31.66 -26.04 21.11
CA GLY B 437 -32.31 -27.27 21.53
C GLY B 437 -32.93 -27.19 22.91
N HIS B 438 -32.47 -26.23 23.72
CA HIS B 438 -33.00 -26.05 25.06
C HIS B 438 -34.35 -25.37 24.97
N GLY B 439 -35.41 -26.08 25.32
CA GLY B 439 -36.75 -25.53 25.26
C GLY B 439 -37.79 -26.64 25.36
N SER B 440 -39.04 -26.24 25.15
CA SER B 440 -40.13 -27.20 25.21
C SER B 440 -40.12 -28.15 24.03
N ILE B 441 -39.74 -27.66 22.85
CA ILE B 441 -39.71 -28.45 21.63
C ILE B 441 -38.25 -28.78 21.32
N GLN B 442 -37.90 -30.05 21.35
CA GLN B 442 -36.55 -30.48 21.07
C GLN B 442 -36.29 -30.46 19.56
N LEU B 443 -35.02 -30.63 19.20
CA LEU B 443 -34.63 -30.65 17.79
C LEU B 443 -35.02 -31.98 17.16
N SER B 444 -35.46 -31.91 15.90
CA SER B 444 -35.82 -33.11 15.17
C SER B 444 -34.57 -33.79 14.61
N PHE B 445 -34.77 -34.90 13.90
CA PHE B 445 -33.66 -35.62 13.31
C PHE B 445 -33.15 -34.94 12.06
N MET B 446 -34.06 -34.54 11.16
CA MET B 446 -33.65 -33.77 9.99
C MET B 446 -33.07 -32.42 10.39
N ASP B 447 -33.61 -31.81 11.44
CA ASP B 447 -33.06 -30.55 11.92
C ASP B 447 -31.64 -30.73 12.44
N THR B 448 -31.38 -31.82 13.16
CA THR B 448 -30.04 -32.08 13.65
C THR B 448 -29.08 -32.38 12.50
N ALA B 449 -29.56 -33.11 11.49
CA ALA B 449 -28.73 -33.39 10.32
C ALA B 449 -28.37 -32.09 9.59
N ALA B 450 -29.35 -31.21 9.41
CA ALA B 450 -29.08 -29.92 8.76
C ALA B 450 -28.14 -29.06 9.61
N LEU B 451 -28.29 -29.12 10.93
CA LEU B 451 -27.38 -28.38 11.81
C LEU B 451 -25.96 -28.87 11.67
N LEU B 452 -25.75 -30.19 11.67
CA LEU B 452 -24.41 -30.73 11.49
C LEU B 452 -23.84 -30.39 10.12
N PHE B 453 -24.68 -30.47 9.07
CA PHE B 453 -24.22 -30.15 7.73
C PHE B 453 -23.80 -28.68 7.63
N MET B 454 -24.58 -27.79 8.26
CA MET B 454 -24.23 -26.37 8.24
C MET B 454 -22.97 -26.09 9.04
N ILE B 455 -22.82 -26.73 10.21
CA ILE B 455 -21.61 -26.60 11.00
C ILE B 455 -20.39 -27.03 10.17
N GLY B 456 -20.56 -28.08 9.37
CA GLY B 456 -19.45 -28.55 8.57
C GLY B 456 -19.15 -27.68 7.36
N ALA B 457 -20.19 -27.12 6.74
CA ALA B 457 -20.04 -26.49 5.43
C ALA B 457 -20.21 -24.97 5.46
N LEU B 458 -20.25 -24.34 6.64
CA LEU B 458 -20.31 -22.89 6.70
C LEU B 458 -18.96 -22.23 6.93
N ILE B 459 -17.99 -22.98 7.48
CA ILE B 459 -16.65 -22.46 7.72
C ILE B 459 -15.80 -22.30 6.46
N PRO B 460 -15.92 -23.14 5.41
CA PRO B 460 -14.95 -23.05 4.32
C PRO B 460 -14.91 -21.71 3.62
N PHE B 461 -16.04 -21.00 3.52
CA PHE B 461 -16.04 -19.69 2.88
C PHE B 461 -15.06 -18.75 3.57
N ASN B 462 -15.30 -18.47 4.86
CA ASN B 462 -14.43 -17.55 5.59
C ASN B 462 -13.02 -18.09 5.68
N VAL B 463 -12.86 -19.41 5.85
CA VAL B 463 -11.53 -20.00 5.98
C VAL B 463 -10.71 -19.74 4.72
N ILE B 464 -11.24 -20.14 3.57
CA ILE B 464 -10.54 -19.95 2.29
C ILE B 464 -10.31 -18.47 2.03
N LEU B 465 -11.30 -17.63 2.33
CA LEU B 465 -11.15 -16.20 2.08
C LEU B 465 -9.97 -15.63 2.86
N ASP B 466 -9.93 -15.86 4.18
CA ASP B 466 -8.84 -15.33 4.99
C ASP B 466 -7.51 -15.94 4.61
N VAL B 467 -7.47 -17.24 4.30
CA VAL B 467 -6.21 -17.89 3.98
C VAL B 467 -5.65 -17.35 2.67
N ILE B 468 -6.49 -17.20 1.65
CA ILE B 468 -6.03 -16.69 0.36
C ILE B 468 -5.62 -15.23 0.48
N SER B 469 -6.35 -14.45 1.29
CA SER B 469 -5.98 -13.05 1.51
C SER B 469 -4.61 -12.95 2.17
N LYS B 470 -4.38 -13.77 3.21
CA LYS B 470 -3.09 -13.74 3.89
C LYS B 470 -1.96 -14.25 3.00
N CYS B 471 -2.26 -15.22 2.12
CA CYS B 471 -1.22 -15.74 1.23
C CYS B 471 -0.85 -14.73 0.15
N TYR B 472 -1.84 -14.03 -0.41
CA TYR B 472 -1.56 -13.05 -1.45
C TYR B 472 -1.12 -11.70 -0.88
N SER B 473 -1.24 -11.51 0.43
CA SER B 473 -0.75 -10.29 1.05
C SER B 473 0.76 -10.33 1.31
N GLU B 474 1.40 -11.48 1.16
CA GLU B 474 2.83 -11.63 1.41
C GLU B 474 3.50 -12.48 0.35
N ARG B 475 2.99 -12.43 -0.89
CA ARG B 475 3.55 -13.27 -1.95
C ARG B 475 4.87 -12.71 -2.47
N ALA B 476 4.99 -11.38 -2.56
CA ALA B 476 6.21 -10.78 -3.09
C ALA B 476 7.38 -11.01 -2.15
N MET B 477 7.16 -10.91 -0.84
CA MET B 477 8.23 -11.16 0.12
C MET B 477 8.74 -12.59 0.02
N LEU B 478 7.82 -13.56 -0.04
CA LEU B 478 8.23 -14.95 -0.16
C LEU B 478 8.96 -15.21 -1.47
N TYR B 479 8.45 -14.64 -2.57
CA TYR B 479 9.09 -14.83 -3.87
C TYR B 479 10.51 -14.27 -3.86
N TYR B 480 10.70 -13.07 -3.31
CA TYR B 480 12.02 -12.45 -3.30
C TYR B 480 12.97 -13.17 -2.35
N GLU B 481 12.48 -13.65 -1.21
CA GLU B 481 13.34 -14.38 -0.29
C GLU B 481 13.68 -15.76 -0.81
N LEU B 482 12.84 -16.33 -1.69
CA LEU B 482 13.20 -17.58 -2.35
C LEU B 482 14.16 -17.36 -3.50
N GLU B 483 14.04 -16.23 -4.20
CA GLU B 483 14.95 -15.94 -5.31
C GLU B 483 16.34 -15.59 -4.80
N ASP B 484 16.41 -14.80 -3.72
CA ASP B 484 17.70 -14.43 -3.16
C ASP B 484 18.40 -15.59 -2.46
N GLY B 485 17.65 -16.63 -2.08
CA GLY B 485 18.26 -17.81 -1.49
C GLY B 485 18.27 -17.85 0.01
N LEU B 486 17.28 -17.27 0.69
CA LEU B 486 17.24 -17.32 2.14
C LEU B 486 16.98 -18.73 2.64
N TYR B 487 15.89 -19.34 2.18
CA TYR B 487 15.55 -20.73 2.49
C TYR B 487 15.46 -21.52 1.19
N THR B 488 15.25 -22.83 1.33
CA THR B 488 15.22 -23.75 0.20
C THR B 488 13.82 -24.34 0.03
N THR B 489 12.79 -23.54 0.35
CA THR B 489 11.37 -23.81 0.13
C THR B 489 10.89 -25.07 0.85
N GLY B 490 11.78 -25.71 1.60
CA GLY B 490 11.43 -26.87 2.40
C GLY B 490 10.94 -26.51 3.78
N PRO B 491 11.77 -25.81 4.56
CA PRO B 491 11.35 -25.39 5.90
C PRO B 491 10.19 -24.40 5.90
N TYR B 492 10.02 -23.65 4.81
CA TYR B 492 8.94 -22.65 4.76
C TYR B 492 7.56 -23.29 4.88
N PHE B 493 7.39 -24.48 4.29
CA PHE B 493 6.10 -25.17 4.34
C PHE B 493 5.73 -25.49 5.79
N PHE B 494 6.59 -26.23 6.48
CA PHE B 494 6.31 -26.59 7.87
C PHE B 494 6.22 -25.35 8.76
N ALA B 495 7.02 -24.33 8.46
CA ALA B 495 6.95 -23.08 9.23
C ALA B 495 5.57 -22.45 9.12
N LYS B 496 5.07 -22.30 7.88
CA LYS B 496 3.75 -21.72 7.67
C LYS B 496 2.67 -22.58 8.33
N ILE B 497 2.79 -23.91 8.22
CA ILE B 497 1.78 -24.80 8.79
C ILE B 497 1.71 -24.64 10.30
N LEU B 498 2.86 -24.78 10.98
CA LEU B 498 2.90 -24.66 12.43
C LEU B 498 2.72 -23.22 12.90
N GLY B 499 2.77 -22.24 12.01
CA GLY B 499 2.46 -20.88 12.39
C GLY B 499 0.97 -20.59 12.34
N GLU B 500 0.29 -21.16 11.34
CA GLU B 500 -1.17 -21.01 11.29
C GLU B 500 -1.90 -22.00 12.18
N LEU B 501 -1.21 -23.03 12.67
CA LEU B 501 -1.88 -24.03 13.50
C LEU B 501 -2.47 -23.47 14.79
N PRO B 502 -1.77 -22.66 15.61
CA PRO B 502 -2.37 -22.22 16.88
C PRO B 502 -3.59 -21.34 16.71
N GLU B 503 -3.50 -20.35 15.81
CA GLU B 503 -4.64 -19.48 15.57
C GLU B 503 -5.82 -20.26 14.99
N HIS B 504 -5.54 -21.23 14.12
CA HIS B 504 -6.60 -22.09 13.59
C HIS B 504 -7.25 -22.90 14.69
N CYS B 505 -6.46 -23.42 15.63
CA CYS B 505 -7.02 -24.18 16.75
C CYS B 505 -7.89 -23.29 17.64
N ALA B 506 -7.44 -22.07 17.90
CA ALA B 506 -8.25 -21.15 18.68
C ALA B 506 -9.55 -20.81 17.96
N TYR B 507 -9.48 -20.60 16.64
CA TYR B 507 -10.67 -20.35 15.84
C TYR B 507 -11.64 -21.53 15.93
N ILE B 508 -11.11 -22.74 15.83
CA ILE B 508 -11.96 -23.94 15.89
C ILE B 508 -12.61 -24.06 17.26
N ILE B 509 -11.86 -23.78 18.32
CA ILE B 509 -12.43 -23.77 19.65
C ILE B 509 -13.60 -22.79 19.73
N ILE B 510 -13.34 -21.53 19.36
CA ILE B 510 -14.35 -20.48 19.47
C ILE B 510 -15.57 -20.80 18.60
N TYR B 511 -15.38 -21.48 17.48
CA TYR B 511 -16.49 -21.78 16.58
C TYR B 511 -17.27 -23.02 16.99
N GLY B 512 -16.63 -24.00 17.62
CA GLY B 512 -17.27 -25.28 17.86
C GLY B 512 -17.67 -25.59 19.28
N MET B 513 -16.95 -25.05 20.27
CA MET B 513 -17.29 -25.38 21.65
C MET B 513 -18.59 -24.70 22.09
N PRO B 514 -18.76 -23.36 21.90
CA PRO B 514 -20.04 -22.75 22.25
C PRO B 514 -21.08 -22.91 21.16
N THR B 515 -21.17 -24.11 20.60
CA THR B 515 -22.20 -24.47 19.63
C THR B 515 -22.76 -25.84 20.01
N TYR B 516 -21.93 -26.64 20.67
CA TYR B 516 -22.35 -27.97 21.09
C TYR B 516 -23.29 -27.92 22.28
N TRP B 517 -23.13 -26.92 23.15
CA TRP B 517 -24.00 -26.79 24.31
C TRP B 517 -25.27 -25.99 23.97
N LEU B 518 -25.15 -25.01 23.08
CA LEU B 518 -26.31 -24.22 22.69
C LEU B 518 -27.33 -25.06 21.92
N ALA B 519 -26.85 -25.97 21.07
CA ALA B 519 -27.73 -26.84 20.29
C ALA B 519 -28.25 -28.03 21.08
N ASN B 520 -27.72 -28.28 22.28
CA ASN B 520 -28.13 -29.39 23.13
C ASN B 520 -28.01 -30.73 22.38
N LEU B 521 -26.77 -31.03 21.97
CA LEU B 521 -26.48 -32.27 21.27
C LEU B 521 -26.31 -33.41 22.28
N ARG B 522 -25.79 -34.53 21.80
CA ARG B 522 -25.58 -35.68 22.65
C ARG B 522 -24.64 -35.34 23.80
N PRO B 523 -25.06 -35.50 25.05
CA PRO B 523 -24.21 -35.15 26.19
C PRO B 523 -23.11 -36.17 26.43
N GLY B 524 -22.02 -35.68 27.03
CA GLY B 524 -20.88 -36.53 27.33
C GLY B 524 -19.55 -35.88 26.98
N LEU B 525 -18.46 -36.57 27.30
CA LEU B 525 -17.12 -36.08 27.02
C LEU B 525 -16.50 -36.68 25.76
N GLN B 526 -16.70 -37.98 25.54
CA GLN B 526 -16.13 -38.62 24.35
C GLN B 526 -16.77 -38.12 23.06
N PRO B 527 -18.11 -38.07 22.93
CA PRO B 527 -18.67 -37.57 21.66
C PRO B 527 -18.32 -36.11 21.39
N PHE B 528 -18.29 -35.27 22.42
CA PHE B 528 -17.92 -33.87 22.23
C PHE B 528 -16.48 -33.73 21.76
N LEU B 529 -15.56 -34.48 22.37
CA LEU B 529 -14.16 -34.43 21.96
C LEU B 529 -13.99 -34.96 20.54
N LEU B 530 -14.74 -36.02 20.18
CA LEU B 530 -14.66 -36.55 18.83
C LEU B 530 -15.17 -35.54 17.81
N HIS B 531 -16.29 -34.88 18.13
CA HIS B 531 -16.83 -33.83 17.26
C HIS B 531 -15.81 -32.70 17.09
N PHE B 532 -15.21 -32.27 18.19
CA PHE B 532 -14.22 -31.20 18.12
C PHE B 532 -13.02 -31.60 17.27
N LEU B 533 -12.52 -32.83 17.45
CA LEU B 533 -11.36 -33.28 16.69
C LEU B 533 -11.69 -33.40 15.21
N LEU B 534 -12.88 -33.91 14.88
CA LEU B 534 -13.27 -34.02 13.48
C LEU B 534 -13.41 -32.65 12.83
N VAL B 535 -14.04 -31.70 13.53
CA VAL B 535 -14.17 -30.35 12.99
C VAL B 535 -12.79 -29.72 12.79
N TRP B 536 -11.88 -29.92 13.76
CA TRP B 536 -10.54 -29.37 13.64
C TRP B 536 -9.81 -29.95 12.44
N LEU B 537 -9.89 -31.27 12.25
CA LEU B 537 -9.21 -31.89 11.12
C LEU B 537 -9.80 -31.45 9.79
N VAL B 538 -11.13 -31.30 9.72
CA VAL B 538 -11.76 -30.88 8.48
C VAL B 538 -11.38 -29.45 8.13
N VAL B 539 -11.37 -28.56 9.13
CA VAL B 539 -10.98 -27.18 8.86
C VAL B 539 -9.50 -27.09 8.53
N PHE B 540 -8.67 -27.96 9.12
CA PHE B 540 -7.25 -27.99 8.74
C PHE B 540 -7.08 -28.41 7.28
N CYS B 541 -7.81 -29.45 6.86
CA CYS B 541 -7.77 -29.87 5.46
C CYS B 541 -8.25 -28.76 4.54
N CYS B 542 -9.29 -28.04 4.95
CA CYS B 542 -9.77 -26.93 4.12
C CYS B 542 -8.73 -25.81 4.04
N ARG B 543 -8.05 -25.53 5.15
CA ARG B 543 -6.98 -24.54 5.13
C ARG B 543 -5.85 -24.95 4.21
N ILE B 544 -5.48 -26.24 4.22
CA ILE B 544 -4.42 -26.71 3.34
C ILE B 544 -4.86 -26.61 1.88
N MET B 545 -6.13 -26.93 1.60
CA MET B 545 -6.64 -26.80 0.25
C MET B 545 -6.59 -25.35 -0.22
N ALA B 546 -6.97 -24.42 0.67
CA ALA B 546 -6.91 -23.00 0.32
C ALA B 546 -5.48 -22.55 0.08
N LEU B 547 -4.54 -23.01 0.90
CA LEU B 547 -3.13 -22.68 0.71
C LEU B 547 -2.63 -23.19 -0.64
N ALA B 548 -2.98 -24.43 -0.98
CA ALA B 548 -2.55 -25.00 -2.25
C ALA B 548 -3.15 -24.25 -3.43
N ALA B 549 -4.43 -23.88 -3.33
CA ALA B 549 -5.08 -23.17 -4.42
C ALA B 549 -4.51 -21.76 -4.57
N ALA B 550 -4.11 -21.13 -3.45
CA ALA B 550 -3.52 -19.80 -3.52
C ALA B 550 -2.11 -19.84 -4.09
N ALA B 551 -1.34 -20.88 -3.74
CA ALA B 551 0.02 -20.98 -4.23
C ALA B 551 0.11 -21.53 -5.64
N LEU B 552 -0.95 -22.19 -6.13
CA LEU B 552 -0.94 -22.77 -7.47
C LEU B 552 -1.31 -21.75 -8.54
N LEU B 553 -2.13 -20.76 -8.21
CA LEU B 553 -2.58 -19.80 -9.20
C LEU B 553 -1.92 -18.43 -8.97
N PRO B 554 -1.66 -17.68 -10.04
CA PRO B 554 -0.85 -16.46 -9.87
C PRO B 554 -1.60 -15.29 -9.27
N THR B 555 -2.89 -15.13 -9.57
CA THR B 555 -3.65 -13.98 -9.13
C THR B 555 -4.65 -14.37 -8.05
N PHE B 556 -5.08 -13.36 -7.29
CA PHE B 556 -6.02 -13.58 -6.19
C PHE B 556 -7.40 -13.98 -6.71
N HIS B 557 -7.85 -13.36 -7.80
CA HIS B 557 -9.21 -13.58 -8.27
C HIS B 557 -9.38 -15.00 -8.82
N MET B 558 -8.46 -15.46 -9.67
CA MET B 558 -8.59 -16.81 -10.22
C MET B 558 -8.40 -17.86 -9.14
N ALA B 559 -7.52 -17.61 -8.18
CA ALA B 559 -7.34 -18.53 -7.07
C ALA B 559 -8.62 -18.64 -6.24
N SER B 560 -9.24 -17.50 -5.93
CA SER B 560 -10.49 -17.53 -5.17
C SER B 560 -11.59 -18.22 -5.96
N PHE B 561 -11.65 -17.99 -7.27
CA PHE B 561 -12.66 -18.65 -8.10
C PHE B 561 -12.48 -20.16 -8.11
N PHE B 562 -11.24 -20.63 -8.29
CA PHE B 562 -10.98 -22.06 -8.28
C PHE B 562 -11.28 -22.68 -6.92
N SER B 563 -10.94 -21.96 -5.84
CA SER B 563 -11.22 -22.48 -4.50
C SER B 563 -12.71 -22.55 -4.23
N ASN B 564 -13.47 -21.55 -4.68
CA ASN B 564 -14.92 -21.59 -4.52
C ASN B 564 -15.53 -22.70 -5.36
N ALA B 565 -15.01 -22.93 -6.56
CA ALA B 565 -15.50 -24.04 -7.38
C ALA B 565 -15.24 -25.38 -6.71
N LEU B 566 -14.05 -25.56 -6.15
CA LEU B 566 -13.74 -26.80 -5.44
C LEU B 566 -14.65 -26.97 -4.21
N TYR B 567 -14.83 -25.89 -3.45
CA TYR B 567 -15.69 -25.96 -2.27
C TYR B 567 -17.13 -26.29 -2.65
N ASN B 568 -17.63 -25.75 -3.76
CA ASN B 568 -19.00 -26.04 -4.16
C ASN B 568 -19.14 -27.45 -4.72
N SER B 569 -18.13 -27.94 -5.42
CA SER B 569 -18.17 -29.33 -5.88
C SER B 569 -18.11 -30.30 -4.71
N PHE B 570 -17.43 -29.93 -3.63
CA PHE B 570 -17.43 -30.77 -2.43
C PHE B 570 -18.71 -30.60 -1.62
N TYR B 571 -19.35 -29.43 -1.71
CA TYR B 571 -20.60 -29.18 -0.99
C TYR B 571 -21.76 -29.91 -1.62
N LEU B 572 -21.90 -29.83 -2.94
CA LEU B 572 -22.97 -30.55 -3.63
C LEU B 572 -22.78 -32.06 -3.53
N ALA B 573 -21.53 -32.51 -3.38
CA ALA B 573 -21.25 -33.93 -3.21
C ALA B 573 -21.49 -34.42 -1.79
N GLY B 574 -21.94 -33.53 -0.88
CA GLY B 574 -22.21 -33.95 0.47
C GLY B 574 -23.38 -34.91 0.58
N GLY B 575 -23.41 -35.61 1.71
CA GLY B 575 -24.45 -36.59 1.97
C GLY B 575 -25.78 -36.04 2.44
N PHE B 576 -26.01 -34.74 2.27
CA PHE B 576 -27.25 -34.09 2.71
C PHE B 576 -28.01 -33.41 1.59
N MET B 577 -27.33 -33.04 0.50
CA MET B 577 -27.98 -32.30 -0.57
C MET B 577 -28.53 -33.20 -1.67
N ILE B 578 -27.71 -34.10 -2.22
CA ILE B 578 -28.13 -34.93 -3.35
C ILE B 578 -28.17 -36.39 -2.92
N ASN B 579 -28.43 -36.62 -1.63
CA ASN B 579 -28.75 -37.93 -1.07
C ASN B 579 -27.54 -38.86 -1.06
N LEU B 580 -26.42 -38.43 -1.64
CA LEU B 580 -25.17 -39.19 -1.67
C LEU B 580 -25.34 -40.50 -2.42
N SER B 581 -26.47 -40.68 -3.11
CA SER B 581 -26.74 -41.92 -3.83
C SER B 581 -27.15 -41.70 -5.28
N SER B 582 -27.65 -40.53 -5.66
CA SER B 582 -28.04 -40.25 -7.04
C SER B 582 -26.87 -39.64 -7.82
N LEU B 583 -25.73 -40.31 -7.77
CA LEU B 583 -24.52 -39.88 -8.46
C LEU B 583 -24.00 -41.05 -9.28
N TRP B 584 -23.75 -40.82 -10.57
CA TRP B 584 -23.48 -41.94 -11.46
C TRP B 584 -22.04 -42.43 -11.37
N THR B 585 -21.07 -41.64 -11.83
CA THR B 585 -19.67 -42.03 -11.65
C THR B 585 -18.81 -40.90 -11.08
N VAL B 586 -19.01 -39.69 -11.59
CA VAL B 586 -18.12 -38.57 -11.25
C VAL B 586 -18.49 -37.94 -9.91
N PRO B 587 -19.75 -37.59 -9.65
CA PRO B 587 -20.06 -36.99 -8.35
C PRO B 587 -19.83 -37.93 -7.18
N ALA B 588 -20.01 -39.24 -7.39
CA ALA B 588 -19.69 -40.19 -6.33
C ALA B 588 -18.20 -40.16 -5.99
N TRP B 589 -17.35 -40.14 -7.02
CA TRP B 589 -15.91 -40.07 -6.78
C TRP B 589 -15.51 -38.73 -6.16
N ILE B 590 -16.22 -37.65 -6.50
CA ILE B 590 -15.96 -36.36 -5.86
C ILE B 590 -16.35 -36.42 -4.38
N SER B 591 -17.48 -37.08 -4.07
CA SER B 591 -17.89 -37.24 -2.68
C SER B 591 -16.92 -38.12 -1.90
N LYS B 592 -16.28 -39.09 -2.57
CA LYS B 592 -15.30 -39.93 -1.90
C LYS B 592 -14.09 -39.12 -1.44
N VAL B 593 -13.78 -38.03 -2.12
CA VAL B 593 -12.66 -37.17 -1.76
C VAL B 593 -13.16 -35.82 -1.22
N SER B 594 -14.44 -35.72 -0.86
CA SER B 594 -15.01 -34.49 -0.33
C SER B 594 -14.97 -34.52 1.19
N PHE B 595 -14.18 -33.62 1.79
CA PHE B 595 -14.06 -33.59 3.24
C PHE B 595 -15.37 -33.19 3.92
N LEU B 596 -16.24 -32.44 3.24
CA LEU B 596 -17.51 -32.06 3.84
C LEU B 596 -18.42 -33.26 4.04
N ARG B 597 -18.49 -34.14 3.03
CA ARG B 597 -19.29 -35.35 3.16
C ARG B 597 -18.78 -36.24 4.28
N TRP B 598 -17.46 -36.40 4.38
CA TRP B 598 -16.89 -37.21 5.45
C TRP B 598 -17.13 -36.58 6.81
N CYS B 599 -17.07 -35.25 6.90
CA CYS B 599 -17.38 -34.57 8.16
C CYS B 599 -18.83 -34.80 8.56
N PHE B 600 -19.76 -34.67 7.61
CA PHE B 600 -21.17 -34.89 7.91
C PHE B 600 -21.42 -36.32 8.35
N GLU B 601 -20.80 -37.29 7.66
CA GLU B 601 -20.97 -38.69 8.02
C GLU B 601 -20.39 -38.98 9.39
N GLY B 602 -19.23 -38.40 9.71
CA GLY B 602 -18.65 -38.61 11.03
C GLY B 602 -19.50 -38.00 12.14
N LEU B 603 -20.03 -36.80 11.91
CA LEU B 603 -20.90 -36.19 12.91
C LEU B 603 -22.18 -37.00 13.10
N MET B 604 -22.72 -37.54 12.01
CA MET B 604 -23.91 -38.38 12.11
C MET B 604 -23.62 -39.65 12.90
N LYS B 605 -22.49 -40.29 12.60
CA LYS B 605 -22.12 -41.52 13.31
C LYS B 605 -21.76 -41.24 14.76
N ILE B 606 -21.37 -40.01 15.09
CA ILE B 606 -21.10 -39.67 16.48
C ILE B 606 -22.40 -39.40 17.24
N GLN B 607 -23.34 -38.71 16.59
CA GLN B 607 -24.54 -38.28 17.29
C GLN B 607 -25.59 -39.39 17.37
N PHE B 608 -25.93 -40.00 16.24
CA PHE B 608 -27.09 -40.87 16.14
C PHE B 608 -26.78 -42.35 16.27
N SER B 609 -25.55 -42.72 16.67
CA SER B 609 -25.21 -44.12 16.83
C SER B 609 -25.54 -44.57 18.25
N ARG B 610 -26.48 -45.52 18.37
CA ARG B 610 -26.87 -46.10 19.66
C ARG B 610 -27.31 -45.02 20.64
N ARG B 611 -28.22 -44.16 20.19
CA ARG B 611 -28.74 -43.09 21.04
C ARG B 611 -30.21 -43.32 21.37
N THR B 612 -31.03 -43.52 20.34
CA THR B 612 -32.46 -43.75 20.55
C THR B 612 -33.06 -44.56 19.39
N GLY B 626 -30.24 -44.40 17.37
CA GLY B 626 -30.19 -45.74 16.80
C GLY B 626 -29.55 -45.78 15.43
N ASP B 627 -28.98 -46.94 15.09
CA ASP B 627 -28.31 -47.09 13.80
C ASP B 627 -29.30 -47.30 12.65
N LYS B 628 -30.59 -47.40 12.92
CA LYS B 628 -31.56 -47.57 11.85
C LYS B 628 -31.73 -46.28 11.05
N ILE B 629 -31.62 -45.12 11.71
CA ILE B 629 -31.64 -43.86 10.98
C ILE B 629 -30.39 -43.74 10.11
N LEU B 630 -29.27 -44.35 10.52
CA LEU B 630 -28.11 -44.41 9.66
C LEU B 630 -28.29 -45.43 8.54
N SER B 631 -29.10 -46.46 8.78
CA SER B 631 -29.33 -47.50 7.78
C SER B 631 -30.26 -47.03 6.67
N VAL B 632 -31.28 -46.24 6.99
CA VAL B 632 -32.14 -45.68 5.95
C VAL B 632 -31.33 -44.76 5.04
N MET B 633 -30.30 -44.12 5.59
CA MET B 633 -29.36 -43.34 4.79
C MET B 633 -28.17 -44.22 4.40
N GLU B 634 -27.14 -43.60 3.85
CA GLU B 634 -25.93 -44.30 3.41
C GLU B 634 -24.70 -43.83 4.18
N LEU B 635 -24.83 -43.67 5.49
CA LEU B 635 -23.75 -43.19 6.35
C LEU B 635 -23.34 -44.26 7.36
N ASP B 636 -23.29 -45.52 6.92
CA ASP B 636 -22.89 -46.61 7.80
C ASP B 636 -21.95 -47.59 7.13
N SER B 637 -21.27 -47.19 6.05
CA SER B 637 -20.35 -48.06 5.32
C SER B 637 -18.89 -47.78 5.66
N TYR B 638 -18.62 -46.86 6.57
CA TYR B 638 -17.27 -46.52 6.96
C TYR B 638 -17.25 -46.23 8.46
N PRO B 639 -16.39 -46.91 9.23
CA PRO B 639 -16.31 -46.62 10.67
C PRO B 639 -15.76 -45.23 10.92
N LEU B 640 -15.85 -44.81 12.19
CA LEU B 640 -15.43 -43.48 12.58
C LEU B 640 -13.92 -43.29 12.38
N TYR B 641 -13.13 -44.26 12.85
CA TYR B 641 -11.68 -44.17 12.67
C TYR B 641 -11.30 -44.20 11.20
N ALA B 642 -12.06 -44.92 10.38
CA ALA B 642 -11.82 -44.90 8.94
C ALA B 642 -12.09 -43.52 8.35
N ILE B 643 -13.14 -42.84 8.81
CA ILE B 643 -13.41 -41.49 8.33
C ILE B 643 -12.30 -40.54 8.77
N TYR B 644 -11.83 -40.68 10.01
CA TYR B 644 -10.72 -39.85 10.47
C TYR B 644 -9.47 -40.09 9.64
N LEU B 645 -9.16 -41.35 9.33
CA LEU B 645 -7.99 -41.65 8.52
C LEU B 645 -8.15 -41.13 7.09
N ILE B 646 -9.36 -41.17 6.54
CA ILE B 646 -9.60 -40.64 5.20
C ILE B 646 -9.42 -39.13 5.19
N VAL B 647 -9.89 -38.45 6.23
CA VAL B 647 -9.69 -37.00 6.33
C VAL B 647 -8.21 -36.67 6.45
N ILE B 648 -7.48 -37.46 7.24
CA ILE B 648 -6.04 -37.23 7.41
C ILE B 648 -5.31 -37.47 6.09
N GLY B 649 -5.72 -38.49 5.34
CA GLY B 649 -5.12 -38.74 4.04
C GLY B 649 -5.41 -37.66 3.03
N LEU B 650 -6.63 -37.12 3.03
CA LEU B 650 -6.93 -35.99 2.15
C LEU B 650 -6.12 -34.77 2.53
N SER B 651 -5.95 -34.51 3.84
CA SER B 651 -5.11 -33.41 4.28
C SER B 651 -3.67 -33.61 3.84
N GLY B 652 -3.18 -34.84 3.92
CA GLY B 652 -1.81 -35.11 3.47
C GLY B 652 -1.64 -34.94 1.98
N GLY B 653 -2.63 -35.38 1.20
CA GLY B 653 -2.58 -35.16 -0.24
C GLY B 653 -2.60 -33.69 -0.60
N PHE B 654 -3.44 -32.91 0.08
CA PHE B 654 -3.44 -31.47 -0.16
C PHE B 654 -2.12 -30.82 0.25
N MET B 655 -1.51 -31.32 1.33
CA MET B 655 -0.20 -30.81 1.74
C MET B 655 0.86 -31.13 0.69
N VAL B 656 0.82 -32.34 0.12
CA VAL B 656 1.77 -32.70 -0.92
C VAL B 656 1.56 -31.82 -2.16
N LEU B 657 0.30 -31.57 -2.52
CA LEU B 657 0.02 -30.69 -3.65
C LEU B 657 0.53 -29.28 -3.40
N TYR B 658 0.32 -28.76 -2.18
CA TYR B 658 0.80 -27.42 -1.85
C TYR B 658 2.33 -27.36 -1.88
N TYR B 659 2.99 -28.41 -1.40
CA TYR B 659 4.46 -28.43 -1.42
C TYR B 659 4.97 -28.48 -2.86
N VAL B 660 4.33 -29.29 -3.71
CA VAL B 660 4.74 -29.36 -5.12
C VAL B 660 4.53 -28.01 -5.80
N SER B 661 3.42 -27.34 -5.49
CA SER B 661 3.16 -26.03 -6.07
C SER B 661 4.17 -24.99 -5.59
N LEU B 662 4.56 -25.04 -4.32
CA LEU B 662 5.55 -24.09 -3.81
C LEU B 662 6.93 -24.37 -4.39
N ARG B 663 7.23 -25.64 -4.67
CA ARG B 663 8.56 -26.00 -5.17
C ARG B 663 8.72 -25.74 -6.67
N PHE B 664 7.68 -26.03 -7.47
CA PHE B 664 7.81 -25.96 -8.91
C PHE B 664 7.21 -24.71 -9.54
N ILE B 665 6.18 -24.12 -8.95
CA ILE B 665 5.52 -22.95 -9.52
C ILE B 665 6.10 -21.70 -8.90
N LYS B 666 6.45 -20.73 -9.75
CA LYS B 666 6.99 -19.47 -9.28
C LYS B 666 5.88 -18.59 -8.73
N GLN B 667 6.10 -18.02 -7.55
CA GLN B 667 5.11 -17.18 -6.88
C GLN B 667 5.27 -15.72 -7.31
N LYS B 668 5.10 -15.49 -8.61
CA LYS B 668 5.22 -14.15 -9.16
C LYS B 668 4.08 -13.27 -8.65
N PRO B 669 4.36 -12.10 -8.07
CA PRO B 669 3.35 -11.18 -7.55
C PRO B 669 2.40 -10.68 -8.64
N VAL C 21 44.52 -2.44 26.51
CA VAL C 21 43.95 -1.18 26.06
C VAL C 21 44.28 -0.07 27.05
N LYS C 22 45.46 0.53 26.88
CA LYS C 22 45.92 1.59 27.76
C LYS C 22 46.13 2.86 26.94
N LEU C 23 45.60 3.97 27.45
CA LEU C 23 45.71 5.28 26.83
C LEU C 23 46.36 6.24 27.84
N VAL C 24 47.41 6.94 27.41
CA VAL C 24 48.06 7.92 28.27
C VAL C 24 48.21 9.23 27.51
N GLU C 25 47.87 10.35 28.16
CA GLU C 25 47.92 11.66 27.53
C GLU C 25 49.09 12.47 28.07
N SER C 26 49.64 13.32 27.21
CA SER C 26 50.72 14.22 27.59
C SER C 26 50.65 15.47 26.73
N GLY C 27 51.34 16.51 27.18
CA GLY C 27 51.42 17.75 26.44
C GLY C 27 50.67 18.93 27.03
N GLY C 28 50.28 18.88 28.29
CA GLY C 28 49.55 19.96 28.93
C GLY C 28 50.50 20.89 29.68
N GLY C 29 50.17 22.18 29.66
CA GLY C 29 50.99 23.16 30.34
C GLY C 29 50.38 24.54 30.24
N LEU C 30 51.12 25.52 30.74
CA LEU C 30 50.68 26.90 30.71
C LEU C 30 51.02 27.52 29.36
N VAL C 31 50.01 28.07 28.69
CA VAL C 31 50.16 28.65 27.36
C VAL C 31 49.42 29.99 27.34
N GLN C 32 50.04 31.01 26.76
CA GLN C 32 49.39 32.31 26.65
C GLN C 32 48.30 32.25 25.59
N PRO C 33 47.24 33.05 25.74
CA PRO C 33 46.17 33.06 24.74
C PRO C 33 46.68 33.49 23.37
N GLY C 34 46.24 32.78 22.33
CA GLY C 34 46.63 33.07 20.97
C GLY C 34 47.80 32.27 20.46
N GLY C 35 48.38 31.38 21.27
CA GLY C 35 49.53 30.60 20.86
C GLY C 35 49.18 29.32 20.15
N SER C 36 49.89 28.24 20.51
CA SER C 36 49.68 26.95 19.87
C SER C 36 50.19 25.86 20.80
N LEU C 37 49.60 24.68 20.70
CA LEU C 37 49.99 23.56 21.55
C LEU C 37 49.71 22.26 20.80
N ARG C 38 50.28 21.17 21.30
CA ARG C 38 50.08 19.86 20.68
C ARG C 38 50.04 18.81 21.78
N LEU C 39 48.91 18.13 21.93
CA LEU C 39 48.77 17.03 22.87
C LEU C 39 49.03 15.70 22.16
N SER C 40 49.59 14.76 22.91
CA SER C 40 49.94 13.44 22.40
C SER C 40 49.29 12.37 23.26
N CYS C 41 48.55 11.47 22.61
CA CYS C 41 47.88 10.35 23.27
C CYS C 41 48.54 9.07 22.79
N ALA C 42 49.29 8.42 23.69
CA ALA C 42 49.93 7.15 23.39
C ALA C 42 48.98 6.02 23.69
N THR C 43 48.92 5.06 22.77
CA THR C 43 47.96 3.97 22.77
C THR C 43 48.68 2.63 22.83
N SER C 44 48.09 1.68 23.55
CA SER C 44 48.64 0.33 23.59
C SER C 44 47.51 -0.67 23.82
N GLY C 45 47.77 -1.92 23.43
CA GLY C 45 46.87 -3.01 23.75
C GLY C 45 45.99 -3.51 22.63
N PHE C 46 45.94 -2.81 21.49
CA PHE C 46 45.07 -3.22 20.40
C PHE C 46 45.56 -2.58 19.10
N THR C 47 44.87 -2.93 18.01
CA THR C 47 45.21 -2.42 16.68
C THR C 47 44.82 -0.95 16.59
N PHE C 48 45.82 -0.07 16.56
CA PHE C 48 45.55 1.37 16.54
C PHE C 48 44.96 1.81 15.20
N SER C 49 45.23 1.07 14.13
CA SER C 49 44.79 1.43 12.79
C SER C 49 43.43 0.84 12.43
N GLU C 50 42.71 0.28 13.41
CA GLU C 50 41.42 -0.34 13.15
C GLU C 50 40.26 0.33 13.89
N PHE C 51 40.54 1.08 14.95
CA PHE C 51 39.51 1.70 15.76
C PHE C 51 39.63 3.22 15.69
N PHE C 52 38.53 3.89 16.05
CA PHE C 52 38.51 5.35 16.07
C PHE C 52 39.38 5.89 17.20
N MET C 53 39.56 7.21 17.22
CA MET C 53 40.32 7.88 18.27
C MET C 53 39.71 9.25 18.49
N GLU C 54 39.17 9.51 19.68
CA GLU C 54 38.46 10.75 19.95
C GLU C 54 39.16 11.57 21.03
N TRP C 55 39.11 12.88 20.88
CA TRP C 55 39.47 13.83 21.92
C TRP C 55 38.18 14.44 22.47
N VAL C 56 37.96 14.27 23.77
CA VAL C 56 36.75 14.77 24.44
C VAL C 56 37.20 15.51 25.70
N ARG C 57 36.96 16.81 25.73
CA ARG C 57 37.39 17.67 26.83
C ARG C 57 36.26 17.85 27.85
N GLN C 58 36.63 18.44 28.98
CA GLN C 58 35.66 18.77 30.04
C GLN C 58 36.06 20.11 30.66
N PRO C 59 35.19 21.10 30.63
CA PRO C 59 35.49 22.39 31.28
C PRO C 59 35.71 22.20 32.77
N PRO C 60 36.37 23.16 33.43
CA PRO C 60 36.65 23.00 34.87
C PRO C 60 35.40 22.88 35.73
N GLY C 61 34.25 23.38 35.27
CA GLY C 61 33.04 23.32 36.06
C GLY C 61 31.80 22.96 35.28
N LYS C 62 31.97 22.28 34.14
CA LYS C 62 30.82 21.88 33.34
C LYS C 62 30.90 20.39 32.97
N ARG C 63 29.98 19.95 32.12
CA ARG C 63 29.89 18.54 31.75
C ARG C 63 30.91 18.21 30.66
N LEU C 64 31.00 16.91 30.35
CA LEU C 64 31.89 16.45 29.30
C LEU C 64 31.44 16.97 27.95
N GLU C 65 32.41 17.38 27.12
CA GLU C 65 32.14 17.92 25.79
C GLU C 65 33.04 17.24 24.77
N TRP C 66 32.44 16.59 23.78
CA TRP C 66 33.19 15.97 22.71
C TRP C 66 33.80 17.03 21.81
N VAL C 67 35.09 16.86 21.48
CA VAL C 67 35.85 17.85 20.71
C VAL C 67 36.09 17.38 19.28
N ALA C 68 36.80 16.26 19.11
CA ALA C 68 37.22 15.84 17.78
C ALA C 68 37.27 14.33 17.70
N VAL C 69 37.26 13.83 16.46
CA VAL C 69 37.33 12.41 16.18
C VAL C 69 38.22 12.19 14.96
N SER C 70 39.01 11.12 14.99
CA SER C 70 39.81 10.66 13.86
C SER C 70 39.48 9.20 13.63
N ARG C 71 39.02 8.89 12.41
CA ARG C 71 38.55 7.55 12.10
C ARG C 71 39.73 6.64 11.73
N ASN C 72 39.42 5.39 11.44
CA ASN C 72 40.44 4.38 11.19
C ASN C 72 40.88 4.41 9.73
N GLU C 73 41.66 3.41 9.32
CA GLU C 73 42.15 3.36 7.94
C GLU C 73 41.05 3.06 6.94
N ALA C 74 39.98 2.41 7.38
CA ALA C 74 38.86 2.12 6.48
C ALA C 74 38.19 3.39 5.98
N ASN C 75 38.34 4.50 6.70
CA ASN C 75 37.86 5.80 6.26
C ASN C 75 38.98 6.69 5.72
N ASP C 76 40.15 6.10 5.44
CA ASP C 76 41.32 6.83 4.93
C ASP C 76 41.76 7.93 5.89
N TYR C 77 41.59 7.69 7.20
CA TYR C 77 42.09 8.58 8.25
C TYR C 77 41.51 9.99 8.12
N THR C 78 40.23 10.08 7.74
CA THR C 78 39.57 11.37 7.74
C THR C 78 39.26 11.80 9.18
N THR C 79 39.21 13.12 9.38
CA THR C 79 39.02 13.70 10.70
C THR C 79 37.74 14.53 10.73
N ASP C 80 37.27 14.80 11.93
CA ASP C 80 36.08 15.63 12.12
C ASP C 80 36.20 16.34 13.47
N TYR C 81 35.61 17.53 13.54
CA TYR C 81 35.70 18.35 14.74
C TYR C 81 34.33 18.94 15.06
N SER C 82 34.18 19.40 16.30
CA SER C 82 32.94 20.01 16.74
C SER C 82 32.80 21.41 16.18
N ALA C 83 31.57 21.93 16.19
CA ALA C 83 31.30 23.25 15.65
C ALA C 83 31.97 24.37 16.44
N SER C 84 32.40 24.11 17.68
CA SER C 84 33.04 25.13 18.48
C SER C 84 34.53 25.28 18.17
N VAL C 85 35.18 24.22 17.68
CA VAL C 85 36.60 24.24 17.40
C VAL C 85 36.91 23.89 15.95
N LYS C 86 35.88 23.85 15.10
CA LYS C 86 36.09 23.51 13.69
C LYS C 86 36.89 24.61 12.99
N GLY C 87 38.11 24.28 12.58
CA GLY C 87 39.01 25.19 11.89
C GLY C 87 40.26 25.52 12.67
N ARG C 88 40.21 25.42 14.00
CA ARG C 88 41.36 25.71 14.85
C ARG C 88 42.06 24.47 15.37
N PHE C 89 41.36 23.35 15.50
CA PHE C 89 41.92 22.11 16.02
C PHE C 89 42.18 21.15 14.87
N ILE C 90 43.33 20.46 14.92
CA ILE C 90 43.72 19.50 13.89
C ILE C 90 44.17 18.22 14.58
N VAL C 91 43.44 17.13 14.36
CA VAL C 91 43.79 15.83 14.92
C VAL C 91 44.42 14.97 13.83
N SER C 92 45.42 14.17 14.21
CA SER C 92 46.12 13.29 13.29
C SER C 92 46.61 12.07 14.08
N ARG C 93 47.17 11.11 13.36
CA ARG C 93 47.63 9.88 14.01
C ARG C 93 48.87 9.35 13.31
N ASP C 94 49.83 8.91 14.11
CA ASP C 94 51.04 8.24 13.62
C ASP C 94 50.88 6.75 13.88
N THR C 95 50.77 5.97 12.81
CA THR C 95 50.55 4.53 12.90
C THR C 95 51.83 3.75 13.17
N SER C 96 53.00 4.36 12.96
CA SER C 96 54.25 3.66 13.23
C SER C 96 54.43 3.41 14.73
N GLN C 97 54.17 4.43 15.54
CA GLN C 97 54.26 4.32 16.99
C GLN C 97 52.89 4.32 17.66
N ASN C 98 51.81 4.40 16.87
CA ASN C 98 50.44 4.40 17.39
C ASN C 98 50.23 5.53 18.39
N ILE C 99 50.40 6.76 17.91
CA ILE C 99 50.31 7.95 18.76
C ILE C 99 49.36 8.94 18.09
N LEU C 100 48.29 9.31 18.80
CA LEU C 100 47.40 10.35 18.31
C LEU C 100 47.93 11.72 18.70
N TYR C 101 47.76 12.68 17.80
CA TYR C 101 48.24 14.04 18.00
C TYR C 101 47.10 15.01 17.80
N LEU C 102 47.04 16.04 18.65
CA LEU C 102 46.02 17.08 18.56
C LEU C 102 46.70 18.44 18.65
N GLN C 103 46.72 19.16 17.53
CA GLN C 103 47.29 20.50 17.45
C GLN C 103 46.18 21.52 17.67
N MET C 104 46.36 22.39 18.67
CA MET C 104 45.41 23.42 19.01
C MET C 104 46.03 24.78 18.73
N ASN C 105 45.24 25.67 18.14
CA ASN C 105 45.67 27.04 17.85
C ASN C 105 44.62 28.02 18.37
N ALA C 106 45.08 29.19 18.82
CA ALA C 106 44.22 30.23 19.38
C ALA C 106 43.38 29.68 20.53
N LEU C 107 44.07 29.28 21.59
CA LEU C 107 43.50 28.64 22.76
C LEU C 107 43.58 29.58 23.96
N ARG C 108 43.19 29.05 25.13
CA ARG C 108 43.27 29.71 26.42
C ARG C 108 42.28 30.87 26.56
N ALA C 109 41.50 31.14 25.52
CA ALA C 109 40.38 32.06 25.66
C ALA C 109 39.22 31.38 26.39
N GLU C 110 38.79 30.23 25.88
CA GLU C 110 37.83 29.38 26.59
C GLU C 110 38.19 27.90 26.50
N ASP C 111 39.26 27.55 25.78
CA ASP C 111 39.61 26.16 25.49
C ASP C 111 40.34 25.48 26.64
N THR C 112 40.33 26.07 27.84
CA THR C 112 40.96 25.44 28.99
C THR C 112 40.11 24.28 29.48
N ALA C 113 40.70 23.08 29.52
CA ALA C 113 39.95 21.89 29.87
C ALA C 113 40.93 20.81 30.33
N ILE C 114 40.42 19.59 30.47
CA ILE C 114 41.16 18.45 31.04
C ILE C 114 41.18 17.34 29.98
N TYR C 115 41.33 17.74 28.71
CA TYR C 115 41.10 16.91 27.53
C TYR C 115 41.45 15.43 27.71
N TYR C 116 40.50 14.56 27.37
CA TYR C 116 40.63 13.13 27.51
C TYR C 116 40.71 12.46 26.14
N CYS C 117 41.34 11.29 26.10
CA CYS C 117 41.57 10.53 24.88
C CYS C 117 40.78 9.23 24.95
N ALA C 118 39.71 9.13 24.18
CA ALA C 118 38.83 7.98 24.18
C ALA C 118 38.99 7.17 22.90
N ARG C 119 38.49 5.93 22.95
CA ARG C 119 38.68 4.99 21.85
C ARG C 119 37.52 5.02 20.85
N ASP C 120 36.30 4.73 21.31
CA ASP C 120 35.15 4.58 20.43
C ASP C 120 34.06 5.55 20.87
N ALA C 121 33.56 6.35 19.92
CA ALA C 121 32.44 7.24 20.19
C ALA C 121 31.11 6.60 19.78
N TRP C 122 31.10 5.97 18.61
CA TRP C 122 29.86 5.36 18.10
C TRP C 122 29.47 4.09 18.85
N MET C 123 30.43 3.36 19.41
CA MET C 123 30.15 2.13 20.14
C MET C 123 30.25 2.33 21.65
N GLY C 124 29.94 3.52 22.14
CA GLY C 124 30.06 3.81 23.55
C GLY C 124 31.46 4.21 23.95
N PHE C 125 31.60 5.27 24.72
CA PHE C 125 32.91 5.76 25.13
C PHE C 125 33.55 4.82 26.15
N ASP C 126 34.35 3.87 25.66
CA ASP C 126 35.01 2.89 26.51
C ASP C 126 36.53 3.10 26.48
N TYR C 127 37.19 2.64 27.54
CA TYR C 127 38.64 2.70 27.67
C TYR C 127 39.14 4.14 27.54
N TRP C 128 38.70 4.97 28.49
CA TRP C 128 39.10 6.36 28.53
C TRP C 128 40.57 6.48 28.91
N GLY C 129 41.09 7.70 28.88
CA GLY C 129 42.46 7.99 29.23
C GLY C 129 42.60 8.49 30.65
N GLN C 130 43.65 9.30 30.87
CA GLN C 130 43.90 9.88 32.18
C GLN C 130 43.68 11.39 32.24
N GLY C 131 43.68 12.06 31.10
CA GLY C 131 43.42 13.49 31.06
C GLY C 131 44.62 14.34 31.41
N THR C 132 44.76 15.48 30.71
CA THR C 132 45.84 16.42 30.96
C THR C 132 45.27 17.83 31.00
N THR C 133 45.72 18.62 31.97
CA THR C 133 45.24 19.98 32.15
C THR C 133 45.96 20.93 31.19
N VAL C 134 45.17 21.79 30.54
CA VAL C 134 45.72 22.75 29.59
C VAL C 134 45.39 24.17 30.04
N ILE D 22 20.32 16.33 20.95
CA ILE D 22 19.68 15.60 22.03
C ILE D 22 20.29 15.99 23.36
N GLN D 23 19.48 16.54 24.25
CA GLN D 23 19.93 16.96 25.58
C GLN D 23 19.69 15.86 26.59
N MET D 24 20.69 15.60 27.43
CA MET D 24 20.63 14.56 28.45
C MET D 24 20.57 15.23 29.81
N THR D 25 19.42 15.10 30.48
CA THR D 25 19.20 15.66 31.81
C THR D 25 19.39 14.56 32.85
N GLN D 26 20.41 14.70 33.68
CA GLN D 26 20.74 13.71 34.71
C GLN D 26 20.24 14.20 36.06
N SER D 27 19.74 13.27 36.87
CA SER D 27 19.18 13.59 38.17
C SER D 27 19.61 12.54 39.20
N PRO D 28 19.94 12.98 40.43
CA PRO D 28 20.03 14.41 40.76
C PRO D 28 21.42 14.96 40.48
N SER D 29 21.58 16.29 40.51
CA SER D 29 22.89 16.87 40.32
C SER D 29 23.83 16.56 41.48
N SER D 30 23.27 16.32 42.67
CA SER D 30 24.07 15.97 43.84
C SER D 30 23.29 14.95 44.66
N LEU D 31 24.04 14.07 45.33
CA LEU D 31 23.42 12.98 46.07
C LEU D 31 24.37 12.54 47.18
N SER D 32 23.83 12.29 48.36
CA SER D 32 24.59 11.85 49.51
C SER D 32 24.01 10.55 50.03
N ALA D 33 24.79 9.47 49.95
CA ALA D 33 24.37 8.17 50.44
C ALA D 33 25.57 7.45 51.03
N SER D 34 25.37 6.81 52.18
CA SER D 34 26.43 6.15 52.91
C SER D 34 26.49 4.67 52.54
N LEU D 35 27.34 3.93 53.27
CA LEU D 35 27.52 2.52 53.01
C LEU D 35 26.23 1.76 53.24
N GLY D 36 25.97 0.77 52.37
CA GLY D 36 24.84 -0.13 52.50
C GLY D 36 23.62 0.28 51.69
N GLU D 37 23.48 1.55 51.37
CA GLU D 37 22.28 2.01 50.69
C GLU D 37 22.29 1.61 49.21
N ARG D 38 21.13 1.76 48.58
CA ARG D 38 20.94 1.45 47.16
C ARG D 38 20.67 2.75 46.42
N VAL D 39 21.65 3.20 45.65
CA VAL D 39 21.57 4.49 44.97
C VAL D 39 20.94 4.28 43.59
N SER D 40 20.25 5.31 43.10
CA SER D 40 19.62 5.26 41.80
C SER D 40 19.79 6.60 41.11
N LEU D 41 20.51 6.60 39.99
CA LEU D 41 20.75 7.81 39.21
C LEU D 41 19.98 7.74 37.91
N THR D 42 19.19 8.77 37.63
CA THR D 42 18.29 8.77 36.48
C THR D 42 18.85 9.71 35.39
N CYS D 43 18.49 9.41 34.15
CA CYS D 43 18.91 10.20 33.00
C CYS D 43 17.80 10.18 31.97
N ARG D 44 17.36 11.37 31.54
CA ARG D 44 16.30 11.51 30.56
C ARG D 44 16.86 12.14 29.29
N ALA D 45 16.51 11.55 28.14
CA ALA D 45 16.94 12.05 26.85
C ALA D 45 15.85 12.92 26.23
N SER D 46 16.27 13.95 25.49
CA SER D 46 15.31 14.82 24.82
C SER D 46 14.58 14.10 23.70
N GLN D 47 15.23 13.12 23.07
CA GLN D 47 14.62 12.36 21.98
C GLN D 47 14.72 10.86 22.25
N GLU D 48 14.32 10.06 21.27
CA GLU D 48 14.38 8.60 21.41
C GLU D 48 15.75 8.10 20.95
N ILE D 49 16.46 7.42 21.86
CA ILE D 49 17.77 6.86 21.55
C ILE D 49 17.74 5.35 21.43
N SER D 50 16.58 4.71 21.64
CA SER D 50 16.40 3.27 21.48
C SER D 50 17.35 2.47 22.37
N GLY D 51 17.61 2.96 23.58
CA GLY D 51 18.44 2.24 24.51
C GLY D 51 19.92 2.36 24.29
N TYR D 52 20.37 3.27 23.42
CA TYR D 52 21.79 3.48 23.15
C TYR D 52 22.31 4.54 24.12
N LEU D 53 22.41 4.12 25.39
CA LEU D 53 22.89 4.99 26.45
C LEU D 53 24.05 4.32 27.18
N SER D 54 24.96 5.13 27.68
CA SER D 54 26.15 4.63 28.37
C SER D 54 26.35 5.40 29.67
N TRP D 55 26.79 4.68 30.70
CA TRP D 55 27.07 5.23 32.01
C TRP D 55 28.56 5.10 32.30
N LEU D 56 29.21 6.24 32.54
CA LEU D 56 30.63 6.30 32.87
C LEU D 56 30.80 6.79 34.30
N GLN D 57 31.90 6.36 34.93
CA GLN D 57 32.25 6.75 36.30
C GLN D 57 33.64 7.37 36.28
N GLN D 58 33.71 8.66 36.59
CA GLN D 58 34.98 9.38 36.71
C GLN D 58 35.38 9.43 38.18
N LYS D 59 36.50 8.80 38.51
CA LYS D 59 37.01 8.79 39.86
C LYS D 59 37.52 10.18 40.23
N PRO D 60 37.62 10.48 41.53
CA PRO D 60 38.17 11.79 41.94
C PRO D 60 39.59 12.02 41.45
N ASP D 61 40.36 10.94 41.22
CA ASP D 61 41.71 11.11 40.70
C ASP D 61 41.69 11.57 39.24
N GLY D 62 40.80 11.01 38.43
CA GLY D 62 40.66 11.44 37.05
C GLY D 62 40.56 10.32 36.04
N THR D 63 40.83 9.09 36.45
CA THR D 63 40.76 7.93 35.56
C THR D 63 39.31 7.59 35.28
N ILE D 64 38.82 8.00 34.11
CA ILE D 64 37.45 7.69 33.71
C ILE D 64 37.41 6.28 33.10
N GLN D 65 36.28 5.60 33.30
CA GLN D 65 36.11 4.26 32.76
C GLN D 65 34.62 4.01 32.53
N ARG D 66 34.29 3.36 31.43
CA ARG D 66 32.89 3.05 31.13
C ARG D 66 32.38 1.96 32.05
N LEU D 67 31.30 2.24 32.77
CA LEU D 67 30.69 1.28 33.66
C LEU D 67 29.61 0.44 32.99
N ILE D 68 28.74 1.06 32.19
CA ILE D 68 27.63 0.35 31.56
C ILE D 68 27.50 0.82 30.12
N TYR D 69 27.36 -0.12 29.20
CA TYR D 69 27.10 0.19 27.80
C TYR D 69 25.75 -0.41 27.39
N ALA D 70 25.15 0.21 26.36
CA ALA D 70 23.85 -0.18 25.84
C ALA D 70 22.73 -0.04 26.86
N ALA D 71 23.02 0.60 28.00
CA ALA D 71 22.12 0.94 29.09
C ALA D 71 21.68 -0.28 29.90
N PHE D 72 22.03 -1.48 29.49
CA PHE D 72 21.67 -2.69 30.23
C PHE D 72 22.84 -3.61 30.51
N SER D 73 23.78 -3.71 29.57
CA SER D 73 24.91 -4.62 29.75
C SER D 73 26.00 -3.96 30.60
N LEU D 74 26.95 -4.79 31.04
CA LEU D 74 28.06 -4.35 31.87
C LEU D 74 29.38 -4.66 31.18
N ASP D 75 30.39 -3.84 31.47
CA ASP D 75 31.72 -4.07 30.94
C ASP D 75 32.41 -5.21 31.70
N SER D 76 33.52 -5.67 31.14
CA SER D 76 34.30 -6.73 31.76
C SER D 76 35.24 -6.15 32.80
N GLY D 77 35.16 -6.67 34.03
CA GLY D 77 36.00 -6.22 35.11
C GLY D 77 35.33 -5.31 36.13
N VAL D 78 34.10 -4.88 35.87
CA VAL D 78 33.38 -4.01 36.80
C VAL D 78 32.54 -4.89 37.72
N PRO D 79 32.25 -4.44 38.94
CA PRO D 79 31.41 -5.24 39.83
C PRO D 79 29.99 -5.39 39.30
N LYS D 80 29.35 -6.51 39.65
CA LYS D 80 27.99 -6.78 39.23
C LYS D 80 26.94 -6.01 40.03
N ARG D 81 27.36 -5.23 41.02
CA ARG D 81 26.41 -4.46 41.81
C ARG D 81 25.71 -3.41 40.95
N PHE D 82 26.43 -2.80 40.01
CA PHE D 82 25.85 -1.80 39.14
C PHE D 82 24.91 -2.46 38.13
N SER D 83 23.73 -1.87 37.96
CA SER D 83 22.73 -2.41 37.05
C SER D 83 22.11 -1.27 36.25
N GLY D 84 21.61 -1.61 35.07
CA GLY D 84 20.94 -0.65 34.21
C GLY D 84 19.50 -1.04 33.96
N SER D 85 18.63 -0.03 33.89
CA SER D 85 17.22 -0.27 33.65
C SER D 85 16.64 0.91 32.89
N ARG D 86 15.43 0.73 32.38
CA ARG D 86 14.74 1.76 31.61
C ARG D 86 13.26 1.77 31.98
N SER D 87 12.73 2.96 32.26
CA SER D 87 11.31 3.15 32.55
C SER D 87 10.82 4.26 31.63
N GLY D 88 9.98 3.90 30.67
CA GLY D 88 9.49 4.86 29.70
C GLY D 88 10.60 5.46 28.87
N SER D 89 10.92 6.73 29.13
CA SER D 89 12.02 7.42 28.45
C SER D 89 13.12 7.83 29.43
N ASP D 90 13.18 7.20 30.60
CA ASP D 90 14.15 7.54 31.63
C ASP D 90 14.98 6.31 31.94
N TYR D 91 16.29 6.40 31.73
CA TYR D 91 17.21 5.33 32.04
C TYR D 91 17.73 5.49 33.47
N SER D 92 18.06 4.37 34.10
CA SER D 92 18.40 4.36 35.51
C SER D 92 19.60 3.46 35.76
N LEU D 93 20.58 3.99 36.48
CA LEU D 93 21.72 3.23 36.97
C LEU D 93 21.52 2.99 38.47
N THR D 94 21.43 1.71 38.85
CA THR D 94 21.18 1.33 40.23
C THR D 94 22.42 0.68 40.82
N ILE D 95 22.86 1.20 41.96
CA ILE D 95 24.04 0.70 42.66
C ILE D 95 23.56 0.11 43.98
N SER D 96 23.57 -1.22 44.08
CA SER D 96 23.17 -1.91 45.30
C SER D 96 24.40 -2.24 46.13
N SER D 97 24.29 -2.07 47.44
CA SER D 97 25.40 -2.32 48.38
C SER D 97 26.61 -1.48 48.02
N LEU D 98 26.42 -0.17 48.13
CA LEU D 98 27.47 0.81 47.82
C LEU D 98 28.71 0.57 48.68
N GLU D 99 29.88 0.73 48.06
CA GLU D 99 31.16 0.66 48.75
C GLU D 99 31.78 2.06 48.84
N SER D 100 32.95 2.14 49.46
CA SER D 100 33.67 3.40 49.56
C SER D 100 34.27 3.83 48.24
N GLU D 101 34.33 2.93 47.25
CA GLU D 101 34.87 3.24 45.94
C GLU D 101 33.85 3.86 45.00
N ASP D 102 32.68 4.25 45.52
CA ASP D 102 31.62 4.82 44.70
C ASP D 102 31.54 6.34 44.81
N LEU D 103 32.32 6.96 45.70
CA LEU D 103 32.39 8.41 45.79
C LEU D 103 33.13 8.93 44.55
N ALA D 104 32.38 9.43 43.57
CA ALA D 104 32.94 9.81 42.28
C ALA D 104 31.83 10.46 41.46
N HIS D 105 32.19 10.91 40.26
CA HIS D 105 31.22 11.50 39.36
C HIS D 105 30.67 10.44 38.42
N TYR D 106 29.39 10.57 38.08
CA TYR D 106 28.72 9.64 37.17
C TYR D 106 28.10 10.44 36.04
N TYR D 107 28.30 9.96 34.81
CA TYR D 107 27.85 10.66 33.61
C TYR D 107 27.06 9.70 32.71
N CYS D 108 25.94 10.17 32.19
CA CYS D 108 25.19 9.43 31.18
C CYS D 108 25.35 10.10 29.83
N LEU D 109 25.47 9.28 28.79
CA LEU D 109 25.70 9.79 27.44
C LEU D 109 24.88 8.98 26.45
N GLN D 110 24.56 9.60 25.31
CA GLN D 110 23.88 8.93 24.22
C GLN D 110 24.78 8.90 22.99
N TYR D 111 24.72 7.79 22.26
CA TYR D 111 25.50 7.61 21.04
C TYR D 111 24.63 7.06 19.92
N ALA D 112 23.34 7.41 19.94
CA ALA D 112 22.41 6.99 18.90
C ALA D 112 22.25 8.02 17.79
N SER D 113 22.63 9.27 18.04
CA SER D 113 22.52 10.32 17.04
C SER D 113 23.71 11.26 17.16
N TYR D 114 24.20 11.73 16.02
CA TYR D 114 25.34 12.64 15.94
C TYR D 114 24.89 14.08 16.15
N PRO D 115 25.61 14.88 16.95
CA PRO D 115 26.82 14.47 17.68
C PRO D 115 26.51 13.79 19.01
N CYS D 116 27.51 13.12 19.59
CA CYS D 116 27.35 12.44 20.86
C CYS D 116 27.36 13.45 21.99
N THR D 117 26.27 13.52 22.75
CA THR D 117 26.14 14.44 23.87
C THR D 117 26.23 13.67 25.19
N PHE D 118 26.66 14.37 26.23
CA PHE D 118 26.82 13.81 27.56
C PHE D 118 25.74 14.37 28.49
N GLY D 119 25.79 13.93 29.74
CA GLY D 119 24.85 14.36 30.75
C GLY D 119 25.48 15.34 31.74
N GLY D 120 24.63 15.91 32.58
CA GLY D 120 25.10 16.88 33.56
C GLY D 120 26.06 16.29 34.57
N GLY D 121 25.84 15.05 34.96
CA GLY D 121 26.72 14.40 35.92
C GLY D 121 26.18 14.48 37.34
N THR D 122 26.52 13.47 38.14
CA THR D 122 26.09 13.40 39.54
C THR D 122 27.29 13.06 40.39
N LYS D 123 27.52 13.85 41.43
CA LYS D 123 28.64 13.63 42.35
C LYS D 123 28.15 12.74 43.50
N LEU D 124 28.37 11.44 43.36
CA LEU D 124 28.01 10.49 44.40
C LEU D 124 29.02 10.59 45.54
N GLU D 125 28.53 11.03 46.71
CA GLU D 125 29.37 11.28 47.87
C GLU D 125 28.90 10.42 49.02
N ILE D 126 29.84 9.80 49.72
CA ILE D 126 29.53 8.91 50.84
C ILE D 126 29.42 9.71 52.14
C1 CLR E . -22.03 -18.29 -3.27
C2 CLR E . -22.51 -18.17 -1.85
C3 CLR E . -23.97 -18.57 -1.80
C4 CLR E . -24.05 -20.05 -2.13
C5 CLR E . -23.52 -20.27 -3.50
C6 CLR E . -24.21 -21.03 -4.32
C7 CLR E . -23.94 -21.11 -5.77
C8 CLR E . -22.45 -20.96 -6.03
C9 CLR E . -21.86 -19.72 -5.33
C10 CLR E . -22.14 -19.73 -3.80
C11 CLR E . -20.35 -19.61 -5.62
C12 CLR E . -20.07 -19.53 -7.12
C13 CLR E . -20.72 -20.72 -7.85
C14 CLR E . -22.23 -20.75 -7.51
C15 CLR E . -22.76 -21.83 -8.46
C16 CLR E . -21.99 -21.53 -9.76
C17 CLR E . -20.78 -20.63 -9.38
C18 CLR E . -20.07 -22.04 -7.44
C19 CLR E . -21.12 -20.61 -3.06
C20 CLR E . -19.46 -21.06 -10.04
C21 CLR E . -18.79 -19.85 -10.70
C22 CLR E . -19.69 -22.15 -11.09
C23 CLR E . -18.34 -22.60 -11.63
C24 CLR E . -18.52 -23.86 -12.47
C25 CLR E . -17.26 -24.13 -13.29
C26 CLR E . -17.04 -22.98 -14.26
C27 CLR E . -16.06 -24.27 -12.36
O1 CLR E . -24.44 -18.33 -0.51
C1 CLR F . -16.00 -8.92 4.87
C2 CLR F . -16.94 -8.88 6.06
C3 CLR F . -16.68 -10.10 6.94
C4 CLR F . -15.25 -10.00 7.47
C5 CLR F . -14.29 -9.94 6.33
C6 CLR F . -13.20 -10.68 6.39
C7 CLR F . -12.17 -10.69 5.32
C8 CLR F . -12.19 -9.36 4.57
C9 CLR F . -13.62 -9.04 4.10
C10 CLR F . -14.53 -8.85 5.32
C11 CLR F . -13.66 -7.79 3.21
C12 CLR F . -12.65 -7.83 2.07
C13 CLR F . -11.25 -8.07 2.64
C14 CLR F . -11.27 -9.43 3.37
C15 CLR F . -9.80 -9.70 3.62
C16 CLR F . -9.12 -9.21 2.32
C17 CLR F . -10.13 -8.29 1.61
C18 CLR F . -10.84 -6.95 3.64
C19 CLR F . -14.26 -7.50 5.99
C20 CLR F . -9.50 -6.95 1.14
C21 CLR F . -10.15 -6.49 -0.15
C22 CLR F . -7.99 -7.09 0.95
C23 CLR F . -7.41 -5.70 0.75
C24 CLR F . -6.23 -5.76 -0.22
C25 CLR F . -5.78 -4.34 -0.57
C26 CLR F . -4.64 -4.42 -1.58
C27 CLR F . -6.95 -3.55 -1.16
O1 CLR F . -17.59 -10.07 7.99
#